data_6L6P
#
_entry.id   6L6P
#
_cell.length_a   109.863
_cell.length_b   155.664
_cell.length_c   156.644
_cell.angle_alpha   90.000
_cell.angle_beta   90.000
_cell.angle_gamma   90.000
#
_symmetry.space_group_name_H-M   'P 21 21 21'
#
loop_
_entity.id
_entity.type
_entity.pdbx_description
1 polymer 'Acid-sensing ion channel 2'
2 water water
#
_entity_poly.entity_id   1
_entity_poly.type   'polypeptide(L)'
_entity_poly.pdbx_seq_one_letter_code
;GSGGSGLEVLFQGPQPSSIQIFANTSTLHGIRHIFVYGPLTIRRVLWAVAFVGSLGLLLVESSERVSYYFSYQHVTKVDE
VVAQSLVFPAVTLCNLNGFRFSRLTTNDLYHAGELLALLDVNLQIPDPHLADPSVLEALRQKANFKHYKPKQFSMLEFLH
RVGHDLKDMMLYCKFKGQECGHQDFTTVFTKYGKCYMFNSGEDGKPLLTTVKGGTGNGLEIMLDIQQDEYLPIWGETEET
TFEAGVKVQIHSQSEPPFIQELGFGVAPGFQTFVATQEQRLTYLPPPWGECRSSEMGLDFFPVYSITACRIDCETRYIVE
NCNCRMVHMPGDAPFCTPEQHKECAEPALGLLAEKDSNYCLCRTPCNLTRYNKELSMVKIPSKTSAKYLEKKFNKSEKYI
SENILVLDIFFEALNYETIEQKKAYEVAALLGDIGGQMGLFIGASILTILELFDYIYELIKEK
;
_entity_poly.pdbx_strand_id   A,B,C
#
# COMPACT_ATOMS: atom_id res chain seq x y z
N PHE A 22 27.43 -46.80 -49.20
CA PHE A 22 27.74 -47.67 -48.04
C PHE A 22 28.22 -46.81 -46.86
N ALA A 23 29.07 -45.79 -47.03
CA ALA A 23 29.74 -45.05 -45.93
C ALA A 23 28.70 -44.65 -44.88
N ASN A 24 27.56 -44.14 -45.35
CA ASN A 24 26.41 -43.75 -44.49
C ASN A 24 26.03 -44.97 -43.63
N THR A 25 25.81 -46.12 -44.26
CA THR A 25 25.53 -47.40 -43.57
C THR A 25 26.60 -47.55 -42.46
N SER A 26 27.85 -47.24 -42.78
CA SER A 26 29.03 -47.44 -41.90
C SER A 26 29.04 -46.43 -40.74
N THR A 27 28.57 -45.20 -40.94
CA THR A 27 28.63 -44.15 -39.90
C THR A 27 27.66 -44.50 -38.78
N LEU A 28 26.91 -45.62 -38.90
CA LEU A 28 25.97 -46.10 -37.85
C LEU A 28 26.65 -47.08 -36.89
N HIS A 29 27.71 -46.53 -36.30
CA HIS A 29 28.23 -46.66 -34.92
C HIS A 29 28.01 -45.30 -34.21
N GLY A 30 27.48 -44.30 -34.94
CA GLY A 30 27.19 -42.92 -34.53
C GLY A 30 26.29 -42.89 -33.31
N ILE A 31 26.25 -41.76 -32.61
CA ILE A 31 25.49 -41.62 -31.32
C ILE A 31 24.05 -41.14 -31.62
N ARG A 32 23.78 -40.36 -32.68
CA ARG A 32 22.39 -40.00 -33.04
C ARG A 32 21.69 -41.32 -33.40
N HIS A 33 20.36 -41.40 -33.38
CA HIS A 33 19.62 -42.71 -33.33
C HIS A 33 19.02 -43.10 -34.72
N ILE A 34 19.73 -43.91 -35.55
CA ILE A 34 19.39 -44.23 -36.99
C ILE A 34 19.45 -45.74 -37.37
N PHE A 35 18.27 -46.31 -37.61
CA PHE A 35 18.03 -47.60 -38.32
C PHE A 35 17.63 -47.34 -39.77
N VAL A 36 18.18 -46.32 -40.41
CA VAL A 36 17.67 -45.83 -41.74
C VAL A 36 18.64 -46.31 -42.82
N TYR A 37 19.67 -47.10 -42.45
CA TYR A 37 20.75 -47.52 -43.37
C TYR A 37 21.08 -49.01 -43.23
N GLY A 38 20.43 -49.86 -44.02
CA GLY A 38 20.87 -51.24 -44.27
C GLY A 38 21.26 -51.38 -45.74
N PRO A 39 21.53 -52.59 -46.25
CA PRO A 39 21.58 -52.82 -47.71
C PRO A 39 20.25 -52.69 -48.49
N LEU A 40 19.12 -53.25 -48.01
CA LEU A 40 17.84 -53.28 -48.77
C LEU A 40 16.88 -52.21 -48.23
N THR A 41 16.16 -51.51 -49.12
CA THR A 41 15.02 -50.59 -48.80
C THR A 41 13.84 -51.36 -48.18
N ILE A 42 13.05 -50.74 -47.29
CA ILE A 42 12.20 -51.48 -46.32
C ILE A 42 10.92 -50.73 -45.90
N ARG A 43 9.95 -51.58 -45.47
CA ARG A 43 8.86 -51.39 -44.44
C ARG A 43 9.14 -50.19 -43.50
N ARG A 44 10.28 -50.22 -42.80
CA ARG A 44 10.75 -49.22 -41.80
C ARG A 44 11.44 -48.03 -42.49
N VAL A 45 10.64 -47.25 -43.20
CA VAL A 45 10.95 -45.87 -43.66
C VAL A 45 10.31 -44.91 -42.64
N LEU A 46 9.48 -45.45 -41.75
CA LEU A 46 8.80 -44.65 -40.69
C LEU A 46 9.88 -43.95 -39.85
N TRP A 47 10.95 -44.69 -39.55
CA TRP A 47 12.12 -44.13 -38.84
C TRP A 47 12.60 -42.84 -39.52
N ALA A 48 12.68 -42.78 -40.85
CA ALA A 48 12.94 -41.51 -41.59
C ALA A 48 12.00 -40.41 -41.05
N VAL A 49 10.70 -40.69 -40.98
CA VAL A 49 9.72 -39.70 -40.45
C VAL A 49 9.95 -39.53 -38.93
N ALA A 50 9.88 -40.61 -38.14
CA ALA A 50 10.10 -40.62 -36.68
C ALA A 50 11.35 -39.78 -36.30
N PHE A 51 12.44 -39.89 -37.08
CA PHE A 51 13.69 -39.13 -36.81
C PHE A 51 13.52 -37.67 -37.23
N VAL A 52 13.14 -37.43 -38.48
CA VAL A 52 12.86 -36.07 -39.02
C VAL A 52 11.84 -35.39 -38.08
N GLY A 53 10.79 -36.10 -37.70
CA GLY A 53 9.82 -35.71 -36.65
C GLY A 53 10.51 -35.28 -35.37
N SER A 54 11.18 -36.20 -34.68
CA SER A 54 11.97 -35.91 -33.45
C SER A 54 12.87 -34.68 -33.68
N LEU A 55 13.67 -34.69 -34.76
CA LEU A 55 14.58 -33.57 -35.08
C LEU A 55 13.79 -32.25 -35.12
N GLY A 56 12.62 -32.25 -35.79
CA GLY A 56 11.76 -31.06 -35.92
C GLY A 56 11.48 -30.44 -34.57
N LEU A 57 10.80 -31.18 -33.69
CA LEU A 57 10.47 -30.77 -32.30
C LEU A 57 11.73 -30.25 -31.60
N LEU A 58 12.82 -31.01 -31.63
CA LEU A 58 14.06 -30.58 -30.95
C LEU A 58 14.39 -29.15 -31.35
N LEU A 59 14.27 -28.84 -32.63
CA LEU A 59 14.64 -27.51 -33.18
C LEU A 59 13.58 -26.49 -32.74
N VAL A 60 12.30 -26.80 -32.90
CA VAL A 60 11.18 -25.98 -32.36
C VAL A 60 11.43 -25.63 -30.89
N GLU A 61 11.51 -26.66 -30.03
CA GLU A 61 11.54 -26.50 -28.57
C GLU A 61 12.88 -25.89 -28.12
N SER A 62 14.01 -26.27 -28.71
CA SER A 62 15.33 -25.70 -28.33
C SER A 62 15.39 -24.21 -28.66
N SER A 63 14.75 -23.78 -29.75
CA SER A 63 14.66 -22.35 -30.13
C SER A 63 13.96 -21.59 -29.00
N GLU A 64 12.71 -21.99 -28.71
CA GLU A 64 11.89 -21.44 -27.61
C GLU A 64 12.81 -21.16 -26.42
N ARG A 65 13.52 -22.18 -25.93
CA ARG A 65 14.36 -22.10 -24.71
C ARG A 65 15.46 -21.04 -24.88
N VAL A 66 16.09 -20.97 -26.04
CA VAL A 66 17.16 -19.97 -26.31
C VAL A 66 16.54 -18.59 -26.46
N SER A 67 15.54 -18.47 -27.33
CA SER A 67 14.66 -17.28 -27.47
C SER A 67 14.35 -16.72 -26.07
N TYR A 68 13.82 -17.55 -25.16
CA TYR A 68 13.44 -17.18 -23.78
C TYR A 68 14.67 -16.74 -22.99
N TYR A 69 15.78 -17.47 -23.13
CA TYR A 69 17.02 -17.18 -22.37
C TYR A 69 17.44 -15.74 -22.64
N PHE A 70 17.36 -15.36 -23.92
CA PHE A 70 17.82 -14.06 -24.47
C PHE A 70 16.76 -12.99 -24.25
N SER A 71 15.53 -13.39 -23.91
CA SER A 71 14.47 -12.48 -23.41
C SER A 71 14.88 -11.92 -22.04
N TYR A 72 15.91 -12.50 -21.40
CA TYR A 72 16.56 -12.01 -20.15
C TYR A 72 15.49 -11.52 -19.16
N GLN A 73 14.51 -12.38 -18.91
CA GLN A 73 13.45 -12.17 -17.89
C GLN A 73 14.03 -12.17 -16.49
N HIS A 74 13.21 -11.73 -15.54
CA HIS A 74 13.40 -11.92 -14.09
C HIS A 74 12.06 -12.29 -13.47
N VAL A 75 12.11 -12.59 -12.17
CA VAL A 75 10.95 -12.86 -11.31
C VAL A 75 11.25 -12.21 -9.97
N THR A 76 10.29 -12.18 -9.05
CA THR A 76 10.41 -11.37 -7.84
C THR A 76 10.36 -12.28 -6.61
N LYS A 77 11.27 -12.01 -5.67
CA LYS A 77 11.41 -12.68 -4.35
C LYS A 77 11.08 -11.66 -3.26
N VAL A 78 9.93 -11.82 -2.62
CA VAL A 78 9.43 -10.95 -1.52
C VAL A 78 9.51 -11.73 -0.21
N ASP A 79 10.42 -11.32 0.67
CA ASP A 79 10.47 -11.81 2.06
C ASP A 79 10.10 -10.64 2.97
N GLU A 80 9.89 -10.94 4.25
CA GLU A 80 9.78 -9.99 5.37
C GLU A 80 10.63 -10.56 6.50
N VAL A 81 11.52 -9.77 7.09
CA VAL A 81 12.58 -10.24 8.02
C VAL A 81 12.42 -9.56 9.37
N VAL A 82 12.20 -10.33 10.44
CA VAL A 82 12.28 -9.83 11.84
C VAL A 82 13.71 -9.30 12.07
N ALA A 83 13.84 -8.23 12.85
CA ALA A 83 15.09 -7.48 13.07
C ALA A 83 15.22 -7.13 14.55
N GLN A 84 16.46 -7.05 15.03
CA GLN A 84 16.82 -6.75 16.44
C GLN A 84 16.71 -5.23 16.63
N SER A 85 16.95 -4.50 15.53
CA SER A 85 16.88 -3.03 15.45
C SER A 85 16.74 -2.62 13.97
N LEU A 86 16.06 -1.51 13.70
CA LEU A 86 16.10 -0.83 12.39
C LEU A 86 16.87 0.49 12.57
N VAL A 87 17.57 0.95 11.53
CA VAL A 87 18.11 2.34 11.48
C VAL A 87 16.93 3.27 11.21
N PHE A 88 16.75 4.27 12.05
CA PHE A 88 15.69 5.30 11.91
C PHE A 88 16.02 6.19 10.71
N PRO A 89 15.01 6.52 9.89
CA PRO A 89 15.27 7.28 8.66
C PRO A 89 15.58 8.75 8.97
N ALA A 90 15.85 9.52 7.92
CA ALA A 90 15.87 10.99 7.94
C ALA A 90 14.43 11.50 7.81
N VAL A 91 14.06 12.46 8.65
CA VAL A 91 12.77 13.22 8.54
C VAL A 91 13.12 14.67 8.22
N THR A 92 12.82 15.11 7.02
CA THR A 92 12.86 16.54 6.64
C THR A 92 11.47 17.13 6.86
N LEU A 93 11.38 18.29 7.49
CA LEU A 93 10.08 18.99 7.64
C LEU A 93 10.24 20.48 7.39
N CYS A 94 9.20 21.04 6.75
CA CYS A 94 9.10 22.42 6.22
C CYS A 94 7.79 23.05 6.66
N ASN A 95 7.80 24.27 7.17
CA ASN A 95 6.54 25.05 7.29
C ASN A 95 6.11 25.36 5.86
N LEU A 96 4.81 25.34 5.58
CA LEU A 96 4.24 25.75 4.27
C LEU A 96 4.57 27.21 3.97
N ASN A 97 4.82 28.02 5.02
CA ASN A 97 5.23 29.43 4.92
C ASN A 97 6.76 29.52 4.94
N GLY A 98 7.33 30.23 3.96
CA GLY A 98 8.80 30.30 3.74
C GLY A 98 9.41 31.51 4.38
N PHE A 99 8.61 32.55 4.63
CA PHE A 99 9.04 33.88 5.10
C PHE A 99 8.07 34.45 6.14
N ARG A 100 8.57 34.71 7.35
CA ARG A 100 7.80 35.37 8.43
C ARG A 100 7.64 36.86 8.09
N PHE A 101 6.41 37.37 8.14
CA PHE A 101 6.03 38.76 7.80
C PHE A 101 6.77 39.74 8.71
N SER A 102 6.60 39.57 10.03
CA SER A 102 7.22 40.43 11.06
C SER A 102 8.67 40.75 10.69
N ARG A 103 9.37 39.75 10.15
CA ARG A 103 10.85 39.74 10.00
C ARG A 103 11.30 40.27 8.63
N LEU A 104 10.36 40.54 7.73
CA LEU A 104 10.68 41.19 6.42
C LEU A 104 11.20 42.58 6.74
N THR A 105 12.37 42.93 6.20
CA THR A 105 13.00 44.27 6.34
C THR A 105 12.68 45.11 5.10
N THR A 106 12.99 46.40 5.16
CA THR A 106 12.75 47.38 4.08
C THR A 106 13.60 46.94 2.88
N ASN A 107 14.88 46.66 3.12
CA ASN A 107 15.83 46.17 2.09
C ASN A 107 15.25 44.91 1.42
N ASP A 108 14.77 43.96 2.23
CA ASP A 108 14.15 42.70 1.76
C ASP A 108 12.95 43.03 0.85
N LEU A 109 12.01 43.81 1.36
CA LEU A 109 10.79 44.19 0.60
C LEU A 109 11.22 44.85 -0.70
N TYR A 110 12.40 45.52 -0.75
CA TYR A 110 12.91 46.14 -2.00
C TYR A 110 13.10 45.06 -3.07
N HIS A 111 14.03 44.12 -2.86
CA HIS A 111 14.45 43.09 -3.84
C HIS A 111 13.40 41.97 -3.94
N ALA A 112 12.98 41.41 -2.81
CA ALA A 112 12.10 40.23 -2.72
C ALA A 112 10.62 40.62 -2.81
N GLY A 113 10.29 41.89 -2.64
CA GLY A 113 8.90 42.38 -2.52
C GLY A 113 7.96 41.76 -3.53
N GLU A 114 8.30 41.87 -4.83
CA GLU A 114 7.46 41.34 -5.94
C GLU A 114 7.40 39.82 -5.83
N LEU A 115 8.52 39.19 -5.46
CA LEU A 115 8.64 37.71 -5.32
C LEU A 115 7.63 37.19 -4.29
N LEU A 116 7.56 37.82 -3.12
CA LEU A 116 6.68 37.39 -1.98
C LEU A 116 5.23 37.81 -2.27
N ALA A 117 4.97 38.47 -3.40
CA ALA A 117 3.63 38.90 -3.87
C ALA A 117 3.05 39.94 -2.91
N LEU A 118 3.91 40.71 -2.26
CA LEU A 118 3.51 41.82 -1.34
C LEU A 118 3.48 43.13 -2.11
N LEU A 119 4.09 43.18 -3.32
CA LEU A 119 4.27 44.44 -4.09
C LEU A 119 4.12 44.17 -5.59
N ASP A 120 3.49 45.09 -6.31
CA ASP A 120 3.37 45.08 -7.79
C ASP A 120 4.72 45.47 -8.39
N VAL A 121 4.82 45.48 -9.72
CA VAL A 121 6.11 45.69 -10.46
C VAL A 121 6.74 47.05 -10.07
N ASN A 122 5.91 48.05 -9.74
CA ASN A 122 6.37 49.42 -9.34
C ASN A 122 6.62 49.50 -7.83
N LEU A 123 6.99 48.39 -7.18
CA LEU A 123 7.49 48.33 -5.78
C LEU A 123 6.49 48.91 -4.78
N GLN A 124 5.20 48.93 -5.10
CA GLN A 124 4.13 49.61 -4.32
C GLN A 124 3.02 48.61 -3.96
N ILE A 125 2.41 48.82 -2.80
CA ILE A 125 1.37 47.91 -2.22
C ILE A 125 0.20 47.84 -3.19
N PRO A 126 -0.13 46.65 -3.74
CA PRO A 126 -1.08 46.53 -4.86
C PRO A 126 -2.46 47.17 -4.66
N ASP A 127 -3.31 46.63 -3.79
CA ASP A 127 -4.74 47.06 -3.64
C ASP A 127 -4.96 47.52 -2.22
N PRO A 128 -4.43 48.71 -1.82
CA PRO A 128 -4.26 49.05 -0.41
C PRO A 128 -5.56 49.04 0.39
N HIS A 129 -6.70 49.32 -0.27
CA HIS A 129 -8.04 49.49 0.36
C HIS A 129 -8.59 48.15 0.85
N LEU A 130 -8.13 47.02 0.29
CA LEU A 130 -8.62 45.66 0.64
C LEU A 130 -7.69 44.97 1.65
N ALA A 131 -6.45 45.44 1.78
CA ALA A 131 -5.43 44.89 2.72
C ALA A 131 -6.00 44.86 4.14
N ASP A 132 -5.52 43.95 4.97
CA ASP A 132 -5.73 44.04 6.44
C ASP A 132 -5.23 45.43 6.83
N PRO A 133 -5.98 46.18 7.68
CA PRO A 133 -5.46 47.39 8.29
C PRO A 133 -4.03 47.22 8.84
N SER A 134 -3.83 46.25 9.73
CA SER A 134 -2.56 45.96 10.46
C SER A 134 -1.42 45.66 9.47
N VAL A 135 -1.70 44.94 8.39
CA VAL A 135 -0.72 44.56 7.32
C VAL A 135 -0.26 45.84 6.61
N LEU A 136 -1.22 46.62 6.11
CA LEU A 136 -0.98 47.88 5.37
C LEU A 136 -0.14 48.83 6.22
N GLU A 137 -0.44 48.96 7.51
CA GLU A 137 0.32 49.79 8.48
C GLU A 137 1.81 49.45 8.35
N ALA A 138 2.13 48.15 8.46
CA ALA A 138 3.51 47.62 8.54
C ALA A 138 4.22 47.72 7.19
N LEU A 139 3.49 47.58 6.07
CA LEU A 139 4.05 47.67 4.68
C LEU A 139 4.33 49.14 4.34
N ARG A 140 3.45 50.05 4.76
CA ARG A 140 3.63 51.52 4.56
C ARG A 140 4.88 51.96 5.32
N GLN A 141 5.05 51.51 6.56
CA GLN A 141 6.26 51.78 7.39
C GLN A 141 7.55 51.42 6.61
N LYS A 142 7.54 50.32 5.86
CA LYS A 142 8.79 49.63 5.44
C LYS A 142 9.01 49.73 3.93
N ALA A 143 7.98 50.02 3.14
CA ALA A 143 8.06 50.01 1.65
C ALA A 143 7.84 51.40 1.06
N ASN A 144 8.78 52.33 1.26
CA ASN A 144 8.76 53.67 0.60
C ASN A 144 10.00 53.78 -0.27
N PHE A 145 9.91 53.38 -1.54
CA PHE A 145 11.09 53.05 -2.39
C PHE A 145 11.39 54.16 -3.38
N LYS A 146 10.56 55.21 -3.42
CA LYS A 146 10.72 56.37 -4.33
C LYS A 146 12.08 57.02 -4.11
N HIS A 147 12.62 56.99 -2.89
CA HIS A 147 13.83 57.74 -2.47
C HIS A 147 14.88 56.80 -1.87
N TYR A 148 14.61 55.49 -1.84
CA TYR A 148 15.42 54.49 -1.08
C TYR A 148 16.73 54.24 -1.81
N LYS A 149 17.85 54.29 -1.08
CA LYS A 149 19.17 53.82 -1.58
C LYS A 149 19.32 52.36 -1.17
N PRO A 150 19.30 51.40 -2.13
CA PRO A 150 19.30 49.97 -1.80
C PRO A 150 20.59 49.56 -1.11
N LYS A 151 20.58 48.38 -0.47
CA LYS A 151 21.79 47.76 0.14
C LYS A 151 22.02 46.36 -0.45
N GLN A 152 23.19 45.78 -0.26
CA GLN A 152 23.49 44.42 -0.77
C GLN A 152 22.48 43.44 -0.15
N PHE A 153 22.06 42.43 -0.92
CA PHE A 153 21.01 41.43 -0.57
C PHE A 153 21.42 40.04 -1.06
N SER A 154 21.23 39.00 -0.24
CA SER A 154 21.59 37.58 -0.53
C SER A 154 20.43 36.66 -0.17
N MET A 155 19.80 36.05 -1.20
CA MET A 155 18.59 35.18 -1.03
C MET A 155 18.82 34.16 0.09
N LEU A 156 20.03 33.63 0.24
CA LEU A 156 20.37 32.63 1.30
C LEU A 156 20.36 33.32 2.67
N GLU A 157 21.04 34.45 2.79
CA GLU A 157 21.10 35.24 4.05
C GLU A 157 19.67 35.66 4.43
N PHE A 158 18.89 36.12 3.45
CA PHE A 158 17.45 36.47 3.57
C PHE A 158 16.68 35.31 4.19
N LEU A 159 16.74 34.15 3.54
CA LEU A 159 15.97 32.93 3.88
C LEU A 159 16.37 32.43 5.26
N HIS A 160 17.67 32.40 5.53
CA HIS A 160 18.23 31.97 6.84
C HIS A 160 17.59 32.84 7.95
N ARG A 161 17.39 34.13 7.70
CA ARG A 161 16.93 35.13 8.71
C ARG A 161 15.39 35.15 8.82
N VAL A 162 14.64 35.15 7.72
CA VAL A 162 13.17 35.40 7.74
C VAL A 162 12.40 34.07 7.86
N GLY A 163 12.91 33.00 7.26
CA GLY A 163 12.31 31.66 7.35
C GLY A 163 12.02 31.29 8.79
N HIS A 164 10.93 30.56 9.03
CA HIS A 164 10.50 30.11 10.38
C HIS A 164 11.69 29.47 11.08
N ASP A 165 11.80 29.68 12.39
CA ASP A 165 12.92 29.16 13.22
C ASP A 165 12.42 27.92 13.97
N LEU A 166 13.17 26.82 13.93
CA LEU A 166 12.76 25.57 14.61
C LEU A 166 12.73 25.81 16.13
N LYS A 167 13.67 26.61 16.64
CA LYS A 167 13.74 27.02 18.08
C LYS A 167 12.35 27.48 18.52
N ASP A 168 11.77 28.39 17.73
CA ASP A 168 10.40 28.95 17.94
C ASP A 168 9.36 27.83 17.71
N MET A 169 9.43 27.16 16.56
CA MET A 169 8.38 26.24 16.03
C MET A 169 8.21 25.00 16.91
N MET A 170 9.31 24.50 17.50
CA MET A 170 9.38 23.17 18.17
C MET A 170 9.13 23.34 19.67
N LEU A 171 7.96 22.90 20.14
CA LEU A 171 7.53 23.04 21.56
C LEU A 171 8.07 21.87 22.39
N TYR A 172 8.09 20.66 21.85
CA TYR A 172 8.88 19.53 22.42
C TYR A 172 9.21 18.50 21.35
N CYS A 173 10.24 17.71 21.67
CA CYS A 173 10.77 16.63 20.82
C CYS A 173 11.14 15.44 21.70
N LYS A 174 10.53 14.28 21.49
CA LYS A 174 10.93 13.00 22.12
C LYS A 174 11.43 12.07 21.02
N PHE A 175 12.45 11.28 21.29
CA PHE A 175 12.90 10.14 20.45
C PHE A 175 13.18 8.94 21.36
N LYS A 176 12.48 7.83 21.13
CA LYS A 176 12.50 6.62 21.99
C LYS A 176 12.15 7.01 23.43
N GLY A 177 11.31 8.02 23.65
CA GLY A 177 10.91 8.47 25.00
C GLY A 177 11.89 9.44 25.64
N GLN A 178 13.18 9.42 25.29
CA GLN A 178 14.21 10.41 25.74
C GLN A 178 13.96 11.77 25.09
N GLU A 179 14.36 12.86 25.75
CA GLU A 179 14.19 14.26 25.28
C GLU A 179 15.06 14.49 24.03
N CYS A 180 14.70 15.47 23.21
CA CYS A 180 15.43 15.93 22.00
C CYS A 180 15.38 17.45 21.93
N GLY A 181 15.98 18.05 20.90
CA GLY A 181 15.92 19.51 20.67
C GLY A 181 16.35 19.88 19.27
N HIS A 182 16.28 21.16 18.93
CA HIS A 182 16.69 21.71 17.61
C HIS A 182 18.17 21.43 17.34
N GLN A 183 18.90 20.93 18.33
CA GLN A 183 20.33 20.54 18.22
C GLN A 183 20.47 19.12 17.63
N ASP A 184 19.35 18.41 17.41
CA ASP A 184 19.32 17.07 16.78
C ASP A 184 18.86 17.20 15.31
N PHE A 185 18.54 18.42 14.88
CA PHE A 185 18.08 18.76 13.50
C PHE A 185 19.17 19.57 12.78
N THR A 186 19.04 19.68 11.46
CA THR A 186 20.03 20.28 10.54
C THR A 186 19.33 21.15 9.51
N THR A 187 19.71 22.42 9.40
CA THR A 187 19.17 23.34 8.37
C THR A 187 19.43 22.72 7.00
N VAL A 188 18.42 22.72 6.14
CA VAL A 188 18.46 22.13 4.77
C VAL A 188 17.53 22.95 3.89
N PHE A 189 18.08 23.66 2.92
CA PHE A 189 17.30 24.53 2.00
C PHE A 189 16.69 23.65 0.92
N THR A 190 15.46 24.00 0.54
CA THR A 190 14.58 23.20 -0.35
C THR A 190 13.60 24.15 -1.00
N LYS A 191 12.91 23.74 -2.07
CA LYS A 191 12.01 24.66 -2.83
C LYS A 191 10.99 25.30 -1.87
N TYR A 192 10.90 24.83 -0.62
CA TYR A 192 9.95 25.37 0.39
C TYR A 192 10.62 26.43 1.27
N GLY A 193 11.94 26.59 1.19
CA GLY A 193 12.71 27.56 2.00
C GLY A 193 13.61 26.87 3.03
N LYS A 194 13.76 27.47 4.21
CA LYS A 194 14.67 27.00 5.27
C LYS A 194 14.00 25.85 6.03
N CYS A 195 14.38 24.60 5.76
CA CYS A 195 13.73 23.40 6.37
C CYS A 195 14.69 22.70 7.32
N TYR A 196 14.20 21.70 8.04
CA TYR A 196 14.94 21.01 9.13
C TYR A 196 14.85 19.50 8.93
N MET A 197 15.99 18.83 9.06
CA MET A 197 16.14 17.37 8.84
C MET A 197 16.66 16.71 10.12
N PHE A 198 15.86 15.82 10.67
CA PHE A 198 16.17 14.98 11.84
C PHE A 198 16.99 13.78 11.39
N ASN A 199 17.91 13.31 12.25
CA ASN A 199 18.73 12.08 12.03
C ASN A 199 19.36 12.12 10.63
N SER A 200 19.88 13.28 10.22
CA SER A 200 20.49 13.52 8.88
C SER A 200 21.78 12.70 8.74
N GLY A 201 22.52 12.55 9.85
CA GLY A 201 23.78 11.80 9.92
C GLY A 201 24.99 12.66 9.58
N GLU A 202 24.79 13.93 9.21
CA GLU A 202 25.87 14.90 8.89
C GLU A 202 26.92 14.88 10.00
N ASP A 203 28.18 15.14 9.66
CA ASP A 203 29.32 15.09 10.60
C ASP A 203 29.44 13.69 11.20
N GLY A 204 29.05 12.68 10.41
CA GLY A 204 29.30 11.25 10.66
C GLY A 204 28.95 10.82 12.06
N LYS A 205 28.01 11.54 12.70
CA LYS A 205 27.40 11.15 14.00
C LYS A 205 26.64 9.84 13.78
N PRO A 206 26.71 8.86 14.71
CA PRO A 206 26.19 7.52 14.44
C PRO A 206 24.65 7.50 14.46
N LEU A 207 24.02 6.97 13.41
CA LEU A 207 22.59 7.24 13.11
C LEU A 207 21.74 6.66 14.24
N LEU A 208 20.67 7.37 14.63
CA LEU A 208 19.69 6.90 15.63
C LEU A 208 19.05 5.63 15.11
N THR A 209 18.69 4.71 16.00
CA THR A 209 18.00 3.44 15.68
C THR A 209 16.79 3.27 16.60
N THR A 210 15.73 2.63 16.09
CA THR A 210 14.53 2.23 16.88
C THR A 210 14.73 0.77 17.31
N VAL A 211 14.21 0.45 18.49
CA VAL A 211 14.39 -0.86 19.18
C VAL A 211 13.04 -1.38 19.69
N LYS A 212 11.95 -0.66 19.45
CA LYS A 212 10.57 -1.11 19.79
C LYS A 212 9.60 -0.46 18.82
N GLY A 213 8.56 -1.20 18.44
CA GLY A 213 7.49 -0.68 17.57
C GLY A 213 6.69 0.41 18.26
N GLY A 214 5.60 0.84 17.64
CA GLY A 214 4.54 1.64 18.29
C GLY A 214 4.88 3.13 18.32
N THR A 215 3.81 3.93 18.47
CA THR A 215 3.83 5.41 18.50
C THR A 215 4.83 5.92 19.55
N GLY A 216 4.97 5.21 20.67
CA GLY A 216 5.72 5.65 21.86
C GLY A 216 7.19 5.86 21.58
N ASN A 217 7.81 5.00 20.77
CA ASN A 217 9.27 4.82 20.71
C ASN A 217 9.81 5.24 19.35
N GLY A 218 9.16 6.20 18.71
CA GLY A 218 9.64 6.85 17.49
C GLY A 218 10.06 8.28 17.76
N LEU A 219 10.20 9.09 16.71
CA LEU A 219 10.19 10.56 16.76
C LEU A 219 8.77 11.04 17.12
N GLU A 220 8.66 11.97 18.06
CA GLU A 220 7.40 12.68 18.42
C GLU A 220 7.76 14.15 18.61
N ILE A 221 7.18 15.04 17.82
CA ILE A 221 7.42 16.50 17.95
C ILE A 221 6.07 17.23 17.99
N MET A 222 5.97 18.25 18.85
CA MET A 222 4.85 19.22 18.88
C MET A 222 5.33 20.53 18.23
N LEU A 223 4.58 21.02 17.25
CA LEU A 223 4.96 22.25 16.51
C LEU A 223 3.87 23.31 16.66
N ASP A 224 4.31 24.56 16.82
CA ASP A 224 3.53 25.80 16.62
C ASP A 224 3.95 26.29 15.23
N ILE A 225 3.03 26.30 14.26
CA ILE A 225 3.37 26.66 12.85
C ILE A 225 3.40 28.18 12.69
N GLN A 226 3.07 28.96 13.73
CA GLN A 226 3.13 30.44 13.75
C GLN A 226 2.32 31.01 12.58
N GLN A 227 1.01 30.69 12.54
CA GLN A 227 0.12 30.94 11.36
C GLN A 227 -0.06 32.45 11.13
N ASP A 228 0.30 33.27 12.12
CA ASP A 228 0.11 34.75 12.07
C ASP A 228 1.43 35.42 11.68
N GLU A 229 2.41 34.64 11.21
CA GLU A 229 3.60 35.18 10.51
C GLU A 229 3.50 34.87 9.02
N TYR A 230 2.50 34.07 8.62
CA TYR A 230 2.28 33.69 7.20
C TYR A 230 2.16 35.00 6.41
N LEU A 231 2.77 35.06 5.22
CA LEU A 231 2.55 36.16 4.25
C LEU A 231 1.05 36.37 4.13
N PRO A 232 0.57 37.63 4.19
CA PRO A 232 -0.84 37.94 4.00
C PRO A 232 -1.21 37.82 2.53
N ILE A 233 -2.49 37.57 2.25
CA ILE A 233 -3.04 37.51 0.88
C ILE A 233 -4.31 38.35 0.89
N TRP A 234 -4.45 39.27 -0.06
CA TRP A 234 -5.57 40.24 -0.09
C TRP A 234 -5.84 40.71 -1.52
N GLY A 235 -7.04 41.20 -1.76
CA GLY A 235 -7.45 41.88 -3.00
C GLY A 235 -7.47 40.93 -4.18
N GLU A 236 -7.28 41.46 -5.38
CA GLU A 236 -7.35 40.69 -6.65
C GLU A 236 -5.96 40.09 -6.93
N THR A 237 -5.54 39.11 -6.11
CA THR A 237 -4.24 38.38 -6.25
C THR A 237 -4.46 37.14 -7.12
N GLU A 238 -3.42 36.72 -7.84
CA GLU A 238 -3.40 35.50 -8.69
C GLU A 238 -2.91 34.31 -7.83
N GLU A 239 -2.81 34.52 -6.52
CA GLU A 239 -2.30 33.56 -5.51
C GLU A 239 -3.40 32.58 -5.10
N THR A 240 -3.01 31.37 -4.68
CA THR A 240 -3.94 30.33 -4.14
C THR A 240 -3.31 29.67 -2.90
N THR A 241 -2.43 30.36 -2.20
CA THR A 241 -1.68 29.84 -1.02
C THR A 241 -2.55 29.98 0.24
N PHE A 242 -3.69 29.30 0.27
CA PHE A 242 -4.71 29.44 1.32
C PHE A 242 -4.49 28.47 2.48
N GLU A 243 -3.44 27.65 2.41
CA GLU A 243 -3.31 26.43 3.24
C GLU A 243 -2.29 26.68 4.35
N ALA A 244 -2.46 26.00 5.49
CA ALA A 244 -1.56 26.08 6.66
C ALA A 244 -1.27 24.69 7.22
N GLY A 245 -0.01 24.47 7.62
CA GLY A 245 0.51 23.20 8.14
C GLY A 245 1.97 23.05 7.77
N VAL A 246 2.48 21.80 7.80
CA VAL A 246 3.86 21.46 7.38
C VAL A 246 3.79 20.40 6.27
N LYS A 247 4.80 20.36 5.41
CA LYS A 247 5.14 19.18 4.57
C LYS A 247 6.30 18.45 5.25
N VAL A 248 6.38 17.14 5.04
CA VAL A 248 7.30 16.18 5.69
C VAL A 248 7.65 15.09 4.66
N GLN A 249 8.93 14.82 4.47
CA GLN A 249 9.43 13.62 3.73
C GLN A 249 10.14 12.72 4.73
N ILE A 250 9.74 11.46 4.84
CA ILE A 250 10.56 10.41 5.48
C ILE A 250 11.38 9.78 4.35
N HIS A 251 12.70 9.70 4.53
CA HIS A 251 13.68 9.41 3.45
C HIS A 251 15.02 8.91 4.01
N SER A 252 15.71 8.04 3.28
CA SER A 252 16.96 7.42 3.79
C SER A 252 18.06 8.48 3.72
N GLN A 253 19.01 8.40 4.64
CA GLN A 253 20.10 9.40 4.85
C GLN A 253 20.98 9.50 3.59
N SER A 254 20.92 8.51 2.68
CA SER A 254 21.73 8.45 1.43
C SER A 254 21.13 9.36 0.35
N GLU A 255 19.85 9.72 0.51
CA GLU A 255 19.11 10.49 -0.53
C GLU A 255 18.78 11.87 0.03
N PRO A 256 18.88 12.92 -0.80
CA PRO A 256 18.40 14.25 -0.40
C PRO A 256 16.88 14.32 -0.44
N PRO A 257 16.29 15.24 0.35
CA PRO A 257 14.85 15.43 0.35
C PRO A 257 14.46 16.07 -1.00
N PHE A 258 13.31 15.66 -1.52
CA PHE A 258 12.62 16.27 -2.69
C PHE A 258 11.18 16.56 -2.28
N ILE A 259 11.04 17.25 -1.14
CA ILE A 259 9.76 17.53 -0.40
C ILE A 259 8.76 18.27 -1.31
N GLN A 260 9.27 19.08 -2.25
CA GLN A 260 8.54 19.60 -3.45
C GLN A 260 7.48 18.60 -3.92
N GLU A 261 7.85 17.32 -4.05
CA GLU A 261 7.10 16.27 -4.78
C GLU A 261 6.72 15.12 -3.84
N LEU A 262 7.65 14.68 -2.99
CA LEU A 262 7.53 13.42 -2.20
C LEU A 262 7.04 13.70 -0.78
N GLY A 263 6.85 14.96 -0.40
CA GLY A 263 6.32 15.34 0.92
C GLY A 263 4.88 14.87 1.10
N PHE A 264 4.50 14.59 2.35
CA PHE A 264 3.08 14.48 2.79
C PHE A 264 2.77 15.65 3.72
N GLY A 265 1.54 16.14 3.66
CA GLY A 265 1.00 17.17 4.56
C GLY A 265 0.73 16.64 5.97
N VAL A 266 1.04 17.47 6.96
CA VAL A 266 0.48 17.36 8.34
C VAL A 266 -0.30 18.63 8.62
N ALA A 267 -1.50 18.47 9.20
CA ALA A 267 -2.42 19.58 9.53
C ALA A 267 -2.32 19.94 11.01
N PRO A 268 -2.54 21.22 11.37
CA PRO A 268 -2.64 21.63 12.75
C PRO A 268 -3.96 21.13 13.38
N GLY A 269 -3.94 20.93 14.69
CA GLY A 269 -5.12 20.52 15.48
C GLY A 269 -5.29 19.02 15.47
N PHE A 270 -4.27 18.27 15.06
CA PHE A 270 -4.18 16.79 15.15
C PHE A 270 -2.77 16.32 15.49
N GLN A 271 -2.71 15.31 16.36
CA GLN A 271 -1.59 14.33 16.43
C GLN A 271 -1.74 13.39 15.24
N THR A 272 -0.82 13.51 14.28
CA THR A 272 -0.72 12.66 13.06
C THR A 272 0.27 11.53 13.36
N PHE A 273 -0.16 10.27 13.20
CA PHE A 273 0.69 9.06 13.36
C PHE A 273 1.13 8.56 11.99
N VAL A 274 2.44 8.49 11.78
CA VAL A 274 3.06 7.96 10.54
C VAL A 274 3.70 6.61 10.85
N ALA A 275 2.93 5.53 10.70
CA ALA A 275 3.42 4.14 10.89
C ALA A 275 4.19 3.72 9.63
N THR A 276 5.48 3.37 9.78
CA THR A 276 6.41 3.16 8.64
C THR A 276 6.95 1.73 8.65
N GLN A 277 7.31 1.22 7.48
CA GLN A 277 8.09 -0.03 7.33
C GLN A 277 9.30 0.23 6.41
N GLU A 278 10.47 -0.29 6.80
CA GLU A 278 11.69 -0.31 5.95
C GLU A 278 11.44 -1.27 4.78
N GLN A 279 11.60 -0.80 3.53
CA GLN A 279 11.56 -1.63 2.29
C GLN A 279 12.97 -1.68 1.72
N ARG A 280 13.47 -2.86 1.36
CA ARG A 280 14.85 -3.02 0.84
C ARG A 280 14.76 -3.58 -0.57
N LEU A 281 14.70 -2.69 -1.55
CA LEU A 281 14.62 -3.05 -2.98
C LEU A 281 16.02 -3.40 -3.49
N THR A 282 16.10 -4.46 -4.29
CA THR A 282 17.27 -4.88 -5.10
C THR A 282 16.80 -5.06 -6.55
N TYR A 283 17.35 -4.29 -7.49
CA TYR A 283 17.00 -4.37 -8.94
C TYR A 283 18.18 -4.98 -9.68
N LEU A 284 17.92 -5.45 -10.90
CA LEU A 284 18.95 -6.06 -11.77
C LEU A 284 19.36 -5.04 -12.81
N PRO A 285 20.63 -5.10 -13.29
CA PRO A 285 21.10 -4.25 -14.38
C PRO A 285 20.52 -4.70 -15.71
N PRO A 286 20.67 -3.94 -16.81
CA PRO A 286 20.47 -4.50 -18.15
C PRO A 286 21.42 -5.69 -18.33
N PRO A 287 21.02 -6.69 -19.13
CA PRO A 287 19.81 -6.61 -19.96
C PRO A 287 18.49 -7.04 -19.30
N TRP A 288 18.50 -7.43 -18.02
CA TRP A 288 17.29 -7.92 -17.30
C TRP A 288 16.39 -6.75 -16.91
N GLY A 289 16.97 -5.77 -16.21
CA GLY A 289 16.28 -4.57 -15.70
C GLY A 289 17.03 -3.30 -16.09
N GLU A 290 16.71 -2.19 -15.41
CA GLU A 290 17.18 -0.81 -15.71
C GLU A 290 17.93 -0.26 -14.48
N CYS A 291 18.59 -1.11 -13.70
CA CYS A 291 19.42 -0.71 -12.55
C CYS A 291 20.58 0.20 -13.01
N ARG A 292 21.40 0.70 -12.08
CA ARG A 292 22.46 1.71 -12.35
C ARG A 292 21.80 3.08 -12.50
N LEU A 298 27.58 11.27 -10.79
CA LEU A 298 26.75 12.48 -10.54
C LEU A 298 27.63 13.67 -10.12
N ASP A 299 27.62 14.73 -10.93
CA ASP A 299 28.57 15.88 -10.83
C ASP A 299 28.60 16.38 -9.37
N PHE A 300 27.44 16.47 -8.71
CA PHE A 300 27.24 17.32 -7.51
C PHE A 300 27.01 16.48 -6.25
N PHE A 301 26.76 15.18 -6.38
CA PHE A 301 26.47 14.26 -5.24
C PHE A 301 27.35 13.02 -5.33
N PRO A 302 28.02 12.62 -4.23
CA PRO A 302 28.91 11.46 -4.26
C PRO A 302 28.11 10.17 -4.48
N VAL A 303 27.02 10.01 -3.73
CA VAL A 303 26.15 8.80 -3.74
C VAL A 303 24.93 9.08 -4.64
N TYR A 304 24.57 8.11 -5.47
CA TYR A 304 23.51 8.27 -6.51
C TYR A 304 22.15 7.94 -5.90
N SER A 305 21.14 8.71 -6.30
CA SER A 305 19.71 8.64 -5.90
C SER A 305 18.91 9.06 -7.12
N ILE A 306 17.64 8.66 -7.24
CA ILE A 306 16.77 9.31 -8.27
C ILE A 306 16.64 10.78 -7.88
N THR A 307 16.26 11.10 -6.63
CA THR A 307 16.13 12.51 -6.18
C THR A 307 17.47 13.21 -6.48
N ALA A 308 18.60 12.64 -6.07
CA ALA A 308 19.97 13.20 -6.23
C ALA A 308 20.20 13.64 -7.67
N CYS A 309 20.01 12.74 -8.64
CA CYS A 309 20.23 13.03 -10.08
C CYS A 309 19.28 14.15 -10.51
N ARG A 310 18.02 14.07 -10.09
CA ARG A 310 16.99 14.99 -10.60
C ARG A 310 17.28 16.41 -10.08
N ILE A 311 17.90 16.56 -8.90
CA ILE A 311 18.43 17.87 -8.43
C ILE A 311 19.64 18.25 -9.29
N ASP A 312 20.68 17.41 -9.33
CA ASP A 312 21.91 17.62 -10.14
C ASP A 312 21.51 18.08 -11.55
N CYS A 313 20.50 17.45 -12.14
CA CYS A 313 19.95 17.76 -13.48
C CYS A 313 19.37 19.18 -13.53
N GLU A 314 18.41 19.50 -12.64
CA GLU A 314 17.82 20.85 -12.42
C GLU A 314 18.95 21.89 -12.38
N THR A 315 19.90 21.69 -11.45
CA THR A 315 21.06 22.59 -11.18
C THR A 315 21.81 22.88 -12.48
N ARG A 316 22.21 21.83 -13.20
CA ARG A 316 23.04 21.93 -14.43
C ARG A 316 22.29 22.76 -15.47
N TYR A 317 21.00 22.50 -15.67
CA TYR A 317 20.17 23.20 -16.70
C TYR A 317 19.96 24.69 -16.34
N ILE A 318 19.88 25.03 -15.05
CA ILE A 318 19.67 26.46 -14.62
C ILE A 318 21.02 27.19 -14.67
N VAL A 319 22.10 26.59 -14.16
CA VAL A 319 23.46 27.23 -14.18
C VAL A 319 23.85 27.47 -15.66
N GLU A 320 23.46 26.58 -16.58
CA GLU A 320 23.60 26.79 -18.04
C GLU A 320 22.74 27.99 -18.44
N ASN A 321 21.43 27.79 -18.57
CA ASN A 321 20.49 28.75 -19.20
C ASN A 321 20.26 30.02 -18.34
N CYS A 322 20.79 30.12 -17.11
CA CYS A 322 20.52 31.27 -16.19
C CYS A 322 21.76 31.74 -15.41
N ASN A 323 22.91 31.05 -15.47
CA ASN A 323 24.23 31.51 -14.94
C ASN A 323 24.21 31.77 -13.43
N CYS A 324 23.06 31.55 -12.78
CA CYS A 324 22.91 31.49 -11.31
C CYS A 324 22.45 30.08 -10.92
N ARG A 325 22.39 29.80 -9.62
CA ARG A 325 21.71 28.61 -9.04
C ARG A 325 20.70 29.12 -8.00
N MET A 326 19.65 28.35 -7.74
CA MET A 326 18.69 28.65 -6.64
C MET A 326 19.29 28.19 -5.32
N VAL A 327 18.56 28.37 -4.23
CA VAL A 327 19.14 28.25 -2.85
C VAL A 327 19.32 26.77 -2.51
N HIS A 328 18.38 25.93 -2.93
CA HIS A 328 18.30 24.48 -2.58
C HIS A 328 19.29 23.66 -3.41
N MET A 329 19.71 24.19 -4.56
CA MET A 329 20.67 23.54 -5.48
C MET A 329 22.07 23.56 -4.87
N PRO A 330 22.94 22.57 -5.20
CA PRO A 330 24.35 22.63 -4.84
C PRO A 330 25.16 23.22 -6.00
N GLY A 331 26.49 23.17 -5.91
CA GLY A 331 27.44 23.84 -6.80
C GLY A 331 28.26 24.87 -6.02
N ASP A 332 29.10 25.66 -6.68
CA ASP A 332 29.71 26.90 -6.09
C ASP A 332 29.20 28.08 -6.91
N ALA A 333 28.20 27.86 -7.77
CA ALA A 333 27.58 28.86 -8.68
C ALA A 333 27.08 30.06 -7.88
N PRO A 334 26.67 31.17 -8.52
CA PRO A 334 26.17 32.34 -7.80
C PRO A 334 24.65 32.22 -7.58
N PHE A 335 24.16 32.64 -6.41
CA PHE A 335 22.74 32.50 -6.02
C PHE A 335 21.86 33.39 -6.90
N CYS A 336 20.76 32.83 -7.41
CA CYS A 336 19.78 33.50 -8.32
C CYS A 336 19.07 34.62 -7.56
N THR A 337 19.28 35.87 -8.00
CA THR A 337 18.64 37.10 -7.46
C THR A 337 17.19 37.12 -7.90
N PRO A 338 16.29 37.80 -7.13
CA PRO A 338 14.86 37.80 -7.43
C PRO A 338 14.57 38.34 -8.85
N GLU A 339 15.37 39.29 -9.32
CA GLU A 339 15.43 39.71 -10.75
C GLU A 339 15.48 38.44 -11.60
N GLN A 340 16.50 37.61 -11.37
CA GLN A 340 16.81 36.39 -12.16
C GLN A 340 15.69 35.36 -11.96
N HIS A 341 15.44 34.97 -10.70
CA HIS A 341 14.36 34.03 -10.26
C HIS A 341 13.08 34.25 -11.07
N LYS A 342 12.58 35.48 -11.14
CA LYS A 342 11.32 35.86 -11.84
C LYS A 342 11.47 35.61 -13.34
N GLU A 343 12.38 36.35 -13.97
CA GLU A 343 12.41 36.56 -15.45
C GLU A 343 13.25 35.49 -16.15
N CYS A 344 14.00 34.66 -15.41
CA CYS A 344 14.93 33.63 -15.96
C CYS A 344 14.54 32.21 -15.47
N ALA A 345 14.83 31.90 -14.20
CA ALA A 345 14.92 30.52 -13.69
C ALA A 345 13.54 29.88 -13.52
N GLU A 346 12.52 30.64 -13.15
CA GLU A 346 11.14 30.10 -12.92
C GLU A 346 10.55 29.62 -14.24
N PRO A 347 10.53 30.44 -15.32
CA PRO A 347 10.05 29.99 -16.63
C PRO A 347 10.98 28.92 -17.24
N ALA A 348 12.27 28.91 -16.87
CA ALA A 348 13.28 27.91 -17.28
C ALA A 348 12.85 26.51 -16.85
N LEU A 349 12.37 26.36 -15.60
CA LEU A 349 11.77 25.10 -15.07
C LEU A 349 10.41 24.86 -15.75
N GLY A 350 9.61 25.93 -15.94
CA GLY A 350 8.36 25.89 -16.72
C GLY A 350 8.57 25.28 -18.09
N LEU A 351 9.74 25.57 -18.69
CA LEU A 351 10.17 25.07 -20.03
C LEU A 351 10.77 23.66 -19.89
N LEU A 352 11.48 23.36 -18.80
CA LEU A 352 12.24 22.08 -18.63
C LEU A 352 11.27 20.91 -18.67
N ALA A 353 10.24 20.94 -17.83
CA ALA A 353 9.25 19.84 -17.69
C ALA A 353 8.45 19.70 -18.99
N GLU A 354 7.54 20.66 -19.27
CA GLU A 354 6.41 20.53 -20.23
C GLU A 354 6.92 20.49 -21.68
N LYS A 355 7.92 21.33 -22.05
CA LYS A 355 8.39 21.53 -23.46
C LYS A 355 9.57 20.62 -23.83
N ASP A 356 10.59 20.51 -22.97
CA ASP A 356 11.93 19.91 -23.28
C ASP A 356 12.07 18.54 -22.61
N SER A 357 12.12 17.45 -23.39
CA SER A 357 12.40 16.08 -22.89
C SER A 357 13.58 16.16 -21.91
N ASN A 358 13.67 15.21 -20.99
CA ASN A 358 14.65 15.26 -19.87
C ASN A 358 16.06 15.56 -20.44
N TYR A 359 16.68 16.62 -19.92
CA TYR A 359 18.12 16.99 -20.07
C TYR A 359 18.94 15.82 -19.48
N CYS A 360 18.43 15.26 -18.38
CA CYS A 360 18.79 13.93 -17.80
C CYS A 360 17.51 13.21 -17.33
N LEU A 361 17.21 12.08 -17.95
CA LEU A 361 16.30 11.01 -17.46
C LEU A 361 17.09 10.16 -16.45
N CYS A 362 16.52 9.85 -15.29
CA CYS A 362 17.29 9.30 -14.15
C CYS A 362 16.70 7.93 -13.74
N ARG A 363 17.52 6.89 -13.94
CA ARG A 363 17.18 5.44 -13.75
C ARG A 363 17.33 5.08 -12.27
N THR A 364 16.86 3.89 -11.86
CA THR A 364 16.83 3.44 -10.44
C THR A 364 18.21 2.98 -9.99
N PRO A 365 18.63 3.28 -8.75
CA PRO A 365 19.78 2.59 -8.16
C PRO A 365 19.49 1.09 -7.99
N CYS A 366 20.54 0.28 -7.77
CA CYS A 366 20.49 -1.22 -7.68
C CYS A 366 19.97 -1.62 -6.30
N ASN A 367 20.79 -1.41 -5.27
CA ASN A 367 20.35 -1.44 -3.84
C ASN A 367 19.66 -0.09 -3.57
N LEU A 368 18.59 -0.08 -2.76
CA LEU A 368 18.01 1.16 -2.19
C LEU A 368 17.01 0.80 -1.10
N THR A 369 16.67 1.77 -0.25
CA THR A 369 15.74 1.62 0.91
C THR A 369 14.59 2.62 0.75
N ARG A 370 13.34 2.15 0.75
CA ARG A 370 12.11 3.00 0.76
C ARG A 370 11.47 2.91 2.15
N TYR A 371 10.55 3.83 2.44
CA TYR A 371 9.81 3.86 3.73
C TYR A 371 8.33 3.98 3.41
N ASN A 372 7.52 2.98 3.76
CA ASN A 372 6.06 2.97 3.49
C ASN A 372 5.31 3.50 4.71
N LYS A 373 4.47 4.51 4.50
CA LYS A 373 3.76 5.28 5.55
C LYS A 373 2.26 4.93 5.50
N GLU A 374 1.69 4.59 6.66
CA GLU A 374 0.23 4.66 6.95
C GLU A 374 -0.01 5.87 7.88
N LEU A 375 -0.97 6.75 7.53
CA LEU A 375 -1.31 7.95 8.35
C LEU A 375 -2.66 7.76 9.04
N SER A 376 -2.69 7.99 10.35
CA SER A 376 -3.92 8.09 11.18
C SER A 376 -3.81 9.34 12.06
N MET A 377 -4.90 9.77 12.67
CA MET A 377 -4.96 11.05 13.41
C MET A 377 -5.90 10.96 14.61
N VAL A 378 -5.60 11.74 15.65
CA VAL A 378 -6.50 12.02 16.80
C VAL A 378 -6.44 13.52 17.07
N LYS A 379 -7.42 14.06 17.82
CA LYS A 379 -7.59 15.52 17.99
C LYS A 379 -6.62 16.00 19.06
N ILE A 380 -6.08 17.20 18.83
CA ILE A 380 -5.35 17.99 19.84
C ILE A 380 -5.84 19.44 19.75
N PRO A 381 -6.13 20.10 20.89
CA PRO A 381 -5.98 19.47 22.21
C PRO A 381 -7.30 18.88 22.72
N SER A 382 -7.23 17.95 23.68
CA SER A 382 -8.38 17.46 24.48
C SER A 382 -8.87 18.62 25.34
N LYS A 383 -10.08 18.53 25.90
CA LYS A 383 -10.63 19.60 26.78
C LYS A 383 -9.68 19.73 27.98
N THR A 384 -9.34 18.62 28.61
CA THR A 384 -8.65 18.58 29.93
C THR A 384 -7.17 18.96 29.82
N SER A 385 -6.66 19.19 28.60
CA SER A 385 -5.28 19.67 28.35
C SER A 385 -5.27 21.07 27.72
N ALA A 386 -6.39 21.48 27.11
CA ALA A 386 -6.52 22.75 26.36
C ALA A 386 -6.02 23.90 27.24
N LYS A 387 -6.50 23.95 28.48
CA LYS A 387 -6.22 25.02 29.46
C LYS A 387 -4.73 25.01 29.75
N TYR A 388 -4.21 23.86 30.18
CA TYR A 388 -2.76 23.65 30.46
C TYR A 388 -1.91 24.27 29.33
N LEU A 389 -2.22 23.92 28.08
CA LEU A 389 -1.42 24.34 26.91
C LEU A 389 -1.52 25.87 26.75
N GLU A 390 -2.72 26.44 26.88
CA GLU A 390 -2.95 27.90 26.76
C GLU A 390 -2.02 28.61 27.75
N LYS A 391 -2.02 28.15 29.01
CA LYS A 391 -1.15 28.66 30.10
C LYS A 391 0.31 28.48 29.71
N LYS A 392 0.78 27.24 29.63
CA LYS A 392 2.23 26.91 29.45
C LYS A 392 2.83 27.80 28.36
N PHE A 393 2.11 28.02 27.26
CA PHE A 393 2.65 28.66 26.03
C PHE A 393 2.20 30.11 25.89
N ASN A 394 1.39 30.63 26.84
CA ASN A 394 0.87 32.02 26.78
C ASN A 394 0.24 32.20 25.39
N LYS A 395 -0.82 31.45 25.09
CA LYS A 395 -1.56 31.53 23.79
C LYS A 395 -3.06 31.35 24.01
N SER A 396 -3.88 31.92 23.12
CA SER A 396 -5.37 31.87 23.21
C SER A 396 -5.84 30.45 22.90
N GLU A 397 -7.03 30.08 23.37
CA GLU A 397 -7.71 28.80 23.03
C GLU A 397 -7.68 28.65 21.50
N LYS A 398 -8.01 29.73 20.77
CA LYS A 398 -8.08 29.74 19.29
C LYS A 398 -6.71 29.37 18.72
N TYR A 399 -5.66 30.15 19.06
CA TYR A 399 -4.28 30.02 18.55
C TYR A 399 -3.83 28.55 18.60
N ILE A 400 -3.85 27.99 19.81
CA ILE A 400 -3.50 26.57 20.08
C ILE A 400 -4.19 25.69 19.04
N SER A 401 -5.50 25.88 18.87
CA SER A 401 -6.37 24.97 18.06
C SER A 401 -6.15 25.19 16.55
N GLU A 402 -5.49 26.27 16.12
CA GLU A 402 -5.24 26.58 14.68
C GLU A 402 -3.74 26.63 14.37
N ASN A 403 -2.87 26.26 15.32
CA ASN A 403 -1.39 26.45 15.18
C ASN A 403 -0.59 25.23 15.66
N ILE A 404 -1.09 24.49 16.65
CA ILE A 404 -0.37 23.36 17.29
C ILE A 404 -0.72 22.06 16.56
N LEU A 405 0.28 21.23 16.33
CA LEU A 405 0.13 19.81 15.90
C LEU A 405 1.15 18.96 16.64
N VAL A 406 0.89 17.67 16.77
CA VAL A 406 1.89 16.65 17.19
C VAL A 406 2.11 15.66 16.03
N LEU A 407 3.36 15.26 15.80
CA LEU A 407 3.78 14.38 14.67
C LEU A 407 4.57 13.19 15.21
N ASP A 408 4.06 11.96 15.05
CA ASP A 408 4.78 10.71 15.40
C ASP A 408 5.17 9.96 14.13
N ILE A 409 6.47 9.91 13.85
CA ILE A 409 7.08 8.94 12.90
C ILE A 409 7.63 7.80 13.73
N PHE A 410 7.42 6.58 13.30
CA PHE A 410 7.80 5.35 14.06
C PHE A 410 7.56 4.13 13.19
N PHE A 411 8.27 3.05 13.50
CA PHE A 411 8.13 1.73 12.82
C PHE A 411 7.00 0.94 13.48
N GLU A 412 6.10 0.34 12.70
CA GLU A 412 4.92 -0.42 13.21
C GLU A 412 5.42 -1.62 14.03
N ALA A 413 6.45 -2.31 13.54
CA ALA A 413 7.15 -3.38 14.29
C ALA A 413 8.56 -3.54 13.74
N LEU A 414 9.42 -4.23 14.48
CA LEU A 414 10.85 -4.42 14.11
C LEU A 414 10.92 -5.47 13.01
N ASN A 415 10.85 -5.01 11.76
CA ASN A 415 11.11 -5.84 10.56
C ASN A 415 11.25 -4.93 9.35
N TYR A 416 12.02 -5.39 8.36
CA TYR A 416 12.07 -4.79 7.00
C TYR A 416 11.45 -5.80 6.03
N GLU A 417 10.87 -5.28 4.95
CA GLU A 417 10.43 -6.05 3.77
C GLU A 417 11.58 -6.01 2.77
N THR A 418 11.95 -7.15 2.19
CA THR A 418 12.89 -7.24 1.05
C THR A 418 12.06 -7.52 -0.21
N ILE A 419 12.27 -6.72 -1.24
CA ILE A 419 11.83 -7.02 -2.64
C ILE A 419 13.09 -7.11 -3.50
N GLU A 420 13.43 -8.32 -3.97
CA GLU A 420 14.55 -8.54 -4.93
C GLU A 420 14.00 -8.96 -6.29
N GLN A 421 14.57 -8.41 -7.36
CA GLN A 421 14.51 -8.95 -8.74
C GLN A 421 15.59 -10.04 -8.86
N LYS A 422 15.16 -11.26 -9.17
CA LYS A 422 16.01 -12.47 -9.34
C LYS A 422 16.01 -12.83 -10.83
N LYS A 423 17.19 -13.10 -11.39
CA LYS A 423 17.35 -13.56 -12.80
C LYS A 423 16.48 -14.81 -12.98
N ALA A 424 15.76 -14.89 -14.10
CA ALA A 424 14.71 -15.91 -14.33
C ALA A 424 15.33 -17.22 -14.82
N TYR A 425 16.35 -17.14 -15.68
CA TYR A 425 16.88 -18.26 -16.49
C TYR A 425 18.35 -17.99 -16.77
N GLU A 426 19.25 -18.58 -15.99
CA GLU A 426 20.72 -18.40 -16.18
C GLU A 426 21.24 -19.50 -17.09
N VAL A 427 22.47 -19.36 -17.57
CA VAL A 427 23.01 -20.14 -18.73
C VAL A 427 23.05 -21.64 -18.39
N ALA A 428 23.45 -21.98 -17.17
CA ALA A 428 23.56 -23.39 -16.70
C ALA A 428 22.20 -24.10 -16.88
N ALA A 429 21.10 -23.41 -16.62
CA ALA A 429 19.74 -23.97 -16.70
C ALA A 429 19.32 -24.10 -18.17
N LEU A 430 19.76 -23.18 -19.03
CA LEU A 430 19.51 -23.24 -20.50
C LEU A 430 20.12 -24.53 -21.04
N LEU A 431 21.36 -24.83 -20.64
CA LEU A 431 22.12 -26.02 -21.10
C LEU A 431 21.36 -27.28 -20.67
N GLY A 432 21.10 -27.42 -19.38
CA GLY A 432 20.28 -28.53 -18.85
C GLY A 432 18.97 -28.74 -19.59
N ASP A 433 18.43 -27.70 -20.25
CA ASP A 433 17.09 -27.79 -20.90
C ASP A 433 17.33 -28.20 -22.36
N ILE A 434 18.20 -27.49 -23.08
CA ILE A 434 18.59 -27.89 -24.46
C ILE A 434 19.24 -29.29 -24.40
N GLY A 435 19.98 -29.57 -23.34
CA GLY A 435 20.66 -30.86 -23.13
C GLY A 435 19.65 -31.98 -23.07
N GLY A 436 18.64 -31.84 -22.21
CA GLY A 436 17.59 -32.85 -22.00
C GLY A 436 16.69 -32.97 -23.22
N GLN A 437 16.48 -31.86 -23.93
CA GLN A 437 15.64 -31.85 -25.14
C GLN A 437 16.34 -32.70 -26.21
N MET A 438 17.65 -32.51 -26.40
CA MET A 438 18.51 -33.29 -27.33
C MET A 438 18.44 -34.77 -26.94
N GLY A 439 18.76 -35.08 -25.68
CA GLY A 439 18.61 -36.44 -25.12
C GLY A 439 17.29 -37.08 -25.51
N LEU A 440 16.19 -36.32 -25.45
CA LEU A 440 14.81 -36.86 -25.59
C LEU A 440 14.55 -37.26 -27.03
N PHE A 441 14.92 -36.43 -28.01
CA PHE A 441 14.45 -36.51 -29.41
C PHE A 441 15.48 -37.23 -30.31
N ILE A 442 16.75 -37.15 -29.98
CA ILE A 442 17.87 -37.60 -30.87
C ILE A 442 18.85 -38.49 -30.09
N GLY A 443 19.02 -38.24 -28.78
CA GLY A 443 20.08 -38.85 -27.96
C GLY A 443 21.43 -38.16 -28.16
N ALA A 444 21.44 -37.00 -28.82
CA ALA A 444 22.64 -36.25 -29.21
C ALA A 444 23.30 -35.60 -28.00
N SER A 445 24.62 -35.49 -28.07
CA SER A 445 25.48 -34.59 -27.27
C SER A 445 26.07 -33.53 -28.20
N ILE A 446 26.85 -32.60 -27.63
CA ILE A 446 27.79 -31.72 -28.40
C ILE A 446 28.67 -32.65 -29.25
N LEU A 447 29.27 -33.64 -28.60
CA LEU A 447 30.25 -34.58 -29.23
C LEU A 447 29.58 -35.33 -30.38
N THR A 448 28.37 -35.86 -30.17
CA THR A 448 27.52 -36.47 -31.23
C THR A 448 27.51 -35.59 -32.49
N ILE A 449 27.33 -34.28 -32.34
CA ILE A 449 27.28 -33.35 -33.50
C ILE A 449 28.68 -33.22 -34.09
N LEU A 450 29.69 -32.94 -33.25
CA LEU A 450 31.11 -32.93 -33.65
C LEU A 450 31.41 -34.20 -34.47
N GLU A 451 31.06 -35.37 -33.93
CA GLU A 451 31.22 -36.72 -34.55
C GLU A 451 30.70 -36.71 -35.99
N LEU A 452 29.50 -36.17 -36.19
CA LEU A 452 28.84 -36.01 -37.51
C LEU A 452 29.61 -35.00 -38.38
N PHE A 453 30.09 -33.89 -37.83
CA PHE A 453 30.80 -32.83 -38.63
C PHE A 453 32.15 -33.39 -39.08
N ASP A 454 32.89 -34.02 -38.17
CA ASP A 454 34.10 -34.81 -38.49
C ASP A 454 33.83 -35.69 -39.72
N TYR A 455 32.72 -36.43 -39.73
CA TYR A 455 32.37 -37.43 -40.78
C TYR A 455 32.03 -36.76 -42.12
N ILE A 456 31.57 -35.50 -42.12
CA ILE A 456 31.18 -34.75 -43.33
C ILE A 456 32.42 -34.04 -43.91
N TYR A 457 33.27 -33.52 -43.03
CA TYR A 457 34.61 -32.94 -43.35
C TYR A 457 35.50 -34.02 -43.96
N GLU A 458 35.32 -35.28 -43.55
CA GLU A 458 36.06 -36.45 -44.10
C GLU A 458 35.53 -36.77 -45.50
N LEU A 459 34.24 -36.59 -45.75
CA LEU A 459 33.67 -36.75 -47.12
C LEU A 459 34.08 -35.56 -48.01
N ILE A 460 34.89 -34.63 -47.50
CA ILE A 460 35.51 -33.52 -48.30
C ILE A 460 36.89 -33.21 -47.72
N ILE B 21 12.88 -62.55 -35.63
CA ILE B 21 14.20 -63.24 -35.84
C ILE B 21 15.33 -62.33 -35.32
N PHE B 22 15.28 -61.94 -34.03
CA PHE B 22 16.29 -61.13 -33.30
C PHE B 22 16.36 -61.70 -31.88
N ALA B 23 17.52 -61.70 -31.21
CA ALA B 23 17.69 -62.39 -29.91
C ALA B 23 17.76 -61.37 -28.77
N ASN B 24 17.13 -61.69 -27.63
CA ASN B 24 17.15 -60.83 -26.41
C ASN B 24 18.61 -60.53 -26.05
N THR B 25 19.35 -61.61 -25.87
CA THR B 25 20.81 -61.61 -25.61
C THR B 25 21.45 -60.67 -26.66
N SER B 26 21.02 -60.79 -27.92
CA SER B 26 21.61 -60.15 -29.11
C SER B 26 21.22 -58.69 -29.21
N THR B 27 20.21 -58.18 -28.49
CA THR B 27 19.90 -56.72 -28.55
C THR B 27 20.91 -55.94 -27.68
N LEU B 28 22.17 -55.92 -28.13
CA LEU B 28 23.28 -55.06 -27.63
C LEU B 28 23.31 -53.78 -28.45
N HIS B 29 22.47 -53.72 -29.49
CA HIS B 29 22.25 -52.53 -30.34
C HIS B 29 21.35 -51.56 -29.55
N GLY B 30 20.60 -52.09 -28.55
CA GLY B 30 19.57 -51.35 -27.76
C GLY B 30 20.16 -50.13 -27.09
N ILE B 31 19.40 -49.04 -26.90
CA ILE B 31 19.99 -47.73 -26.48
C ILE B 31 19.92 -47.57 -24.96
N ARG B 32 18.90 -48.11 -24.28
CA ARG B 32 18.87 -48.09 -22.79
C ARG B 32 20.10 -48.91 -22.34
N HIS B 33 20.57 -48.80 -21.10
CA HIS B 33 21.97 -49.17 -20.72
C HIS B 33 22.06 -50.55 -20.01
N ILE B 34 22.30 -51.66 -20.77
CA ILE B 34 22.08 -53.10 -20.36
C ILE B 34 23.29 -54.05 -20.60
N PHE B 35 23.93 -54.39 -19.47
CA PHE B 35 24.89 -55.50 -19.28
C PHE B 35 24.18 -56.75 -18.76
N VAL B 36 22.89 -56.93 -18.99
CA VAL B 36 22.03 -57.85 -18.17
C VAL B 36 21.87 -59.19 -18.92
N TYR B 37 22.31 -59.27 -20.18
CA TYR B 37 22.09 -60.47 -21.04
C TYR B 37 23.39 -61.04 -21.63
N GLY B 38 24.00 -61.98 -20.89
CA GLY B 38 24.99 -62.93 -21.42
C GLY B 38 24.34 -64.30 -21.59
N PRO B 39 25.03 -65.31 -22.17
CA PRO B 39 24.50 -66.69 -22.15
C PRO B 39 24.41 -67.41 -20.78
N LEU B 40 25.40 -67.30 -19.89
CA LEU B 40 25.39 -67.91 -18.52
C LEU B 40 25.01 -66.85 -17.47
N THR B 41 24.34 -67.25 -16.36
CA THR B 41 24.01 -66.38 -15.19
C THR B 41 25.28 -65.99 -14.42
N ILE B 42 25.30 -64.81 -13.79
CA ILE B 42 26.55 -64.15 -13.27
C ILE B 42 26.27 -63.42 -11.96
N ARG B 43 27.32 -63.29 -11.16
CA ARG B 43 27.40 -62.45 -9.93
C ARG B 43 26.92 -61.02 -10.22
N ARG B 44 27.15 -60.49 -11.43
CA ARG B 44 26.64 -59.15 -11.89
C ARG B 44 25.21 -59.28 -12.44
N VAL B 45 24.29 -59.56 -11.53
CA VAL B 45 22.82 -59.36 -11.69
C VAL B 45 22.46 -58.00 -11.08
N LEU B 46 23.44 -57.37 -10.43
CA LEU B 46 23.31 -56.03 -9.79
C LEU B 46 22.76 -55.03 -10.81
N TRP B 47 23.30 -55.07 -12.03
CA TRP B 47 22.83 -54.29 -13.19
C TRP B 47 21.30 -54.37 -13.29
N ALA B 48 20.73 -55.57 -13.23
CA ALA B 48 19.26 -55.77 -13.20
C ALA B 48 18.64 -54.91 -12.08
N VAL B 49 19.22 -54.91 -10.87
CA VAL B 49 18.71 -54.05 -9.75
C VAL B 49 19.01 -52.59 -10.09
N ALA B 50 20.28 -52.24 -10.31
CA ALA B 50 20.75 -50.87 -10.67
C ALA B 50 19.86 -50.28 -11.78
N PHE B 51 19.45 -51.07 -12.77
CA PHE B 51 18.58 -50.60 -13.89
C PHE B 51 17.15 -50.44 -13.41
N VAL B 52 16.56 -51.49 -12.83
CA VAL B 52 15.19 -51.46 -12.25
C VAL B 52 15.13 -50.30 -11.22
N GLY B 53 16.15 -50.19 -10.36
CA GLY B 53 16.38 -49.03 -9.48
C GLY B 53 16.31 -47.70 -10.22
N SER B 54 17.25 -47.43 -11.13
CA SER B 54 17.27 -46.24 -12.01
C SER B 54 15.87 -46.03 -12.63
N LEU B 55 15.30 -47.05 -13.25
CA LEU B 55 13.96 -46.96 -13.90
C LEU B 55 12.93 -46.47 -12.86
N GLY B 56 12.96 -47.02 -11.65
CA GLY B 56 12.06 -46.61 -10.54
C GLY B 56 12.05 -45.11 -10.34
N LEU B 57 13.20 -44.54 -9.96
CA LEU B 57 13.43 -43.08 -9.78
C LEU B 57 12.93 -42.31 -11.01
N LEU B 58 13.33 -42.72 -12.22
CA LEU B 58 12.91 -42.02 -13.45
C LEU B 58 11.40 -41.85 -13.42
N LEU B 59 10.67 -42.90 -13.04
CA LEU B 59 9.19 -42.91 -13.06
C LEU B 59 8.69 -42.03 -11.92
N VAL B 60 9.20 -42.20 -10.71
CA VAL B 60 8.93 -41.28 -9.55
C VAL B 60 9.09 -39.82 -10.00
N GLU B 61 10.30 -39.44 -10.41
CA GLU B 61 10.68 -38.03 -10.66
C GLU B 61 10.00 -37.50 -11.92
N SER B 62 9.86 -38.27 -12.99
CA SER B 62 9.20 -37.80 -14.23
C SER B 62 7.70 -37.54 -13.96
N SER B 63 7.08 -38.32 -13.09
CA SER B 63 5.66 -38.13 -12.67
C SER B 63 5.54 -36.75 -12.03
N GLU B 64 6.29 -36.54 -10.95
CA GLU B 64 6.37 -35.25 -10.22
C GLU B 64 6.34 -34.11 -11.26
N ARG B 65 7.27 -34.12 -12.21
CA ARG B 65 7.43 -33.04 -13.22
C ARG B 65 6.15 -32.88 -14.05
N VAL B 66 5.52 -33.98 -14.45
CA VAL B 66 4.28 -33.93 -15.28
C VAL B 66 3.11 -33.48 -14.38
N SER B 67 2.94 -34.16 -13.25
CA SER B 67 2.03 -33.75 -12.15
C SER B 67 2.10 -32.22 -12.00
N TYR B 68 3.30 -31.68 -11.78
CA TYR B 68 3.57 -30.23 -11.56
C TYR B 68 3.16 -29.44 -12.80
N TYR B 69 3.51 -29.94 -13.98
CA TYR B 69 3.25 -29.21 -15.25
C TYR B 69 1.75 -28.94 -15.34
N PHE B 70 0.96 -29.94 -15.00
CA PHE B 70 -0.51 -29.97 -15.12
C PHE B 70 -1.14 -29.25 -13.92
N SER B 71 -0.38 -29.03 -12.85
CA SER B 71 -0.74 -28.13 -11.72
C SER B 71 -0.81 -26.67 -12.23
N TYR B 72 -0.32 -26.40 -13.46
CA TYR B 72 -0.44 -25.11 -14.19
C TYR B 72 -0.23 -23.93 -13.25
N GLN B 73 0.87 -23.95 -12.49
CA GLN B 73 1.32 -22.85 -11.61
C GLN B 73 1.70 -21.62 -12.42
N HIS B 74 1.83 -20.50 -11.70
CA HIS B 74 2.49 -19.26 -12.15
C HIS B 74 3.34 -18.71 -11.02
N VAL B 75 4.08 -17.65 -11.32
CA VAL B 75 4.89 -16.84 -10.36
C VAL B 75 4.76 -15.39 -10.81
N THR B 76 5.30 -14.46 -10.03
CA THR B 76 5.00 -13.03 -10.21
C THR B 76 6.28 -12.27 -10.54
N LYS B 77 6.16 -11.37 -11.53
CA LYS B 77 7.24 -10.48 -12.03
C LYS B 77 6.83 -9.04 -11.76
N VAL B 78 7.48 -8.44 -10.77
CA VAL B 78 7.25 -7.03 -10.31
C VAL B 78 8.44 -6.18 -10.75
N ASP B 79 8.20 -5.29 -11.70
CA ASP B 79 9.14 -4.22 -12.08
C ASP B 79 8.52 -2.89 -11.66
N GLU B 80 9.32 -1.83 -11.71
CA GLU B 80 8.91 -0.41 -11.57
C GLU B 80 9.69 0.37 -12.64
N VAL B 81 9.00 1.17 -13.46
CA VAL B 81 9.53 1.72 -14.73
C VAL B 81 9.45 3.24 -14.69
N VAL B 82 10.58 3.94 -14.82
CA VAL B 82 10.61 5.43 -15.04
C VAL B 82 9.88 5.71 -16.36
N ALA B 83 9.13 6.82 -16.43
CA ALA B 83 8.38 7.24 -17.64
C ALA B 83 8.54 8.74 -17.83
N GLN B 84 8.55 9.21 -19.08
CA GLN B 84 8.73 10.64 -19.42
C GLN B 84 7.36 11.30 -19.34
N SER B 85 6.27 10.52 -19.43
CA SER B 85 4.89 10.96 -19.12
C SER B 85 4.04 9.77 -18.67
N LEU B 86 3.13 10.02 -17.72
CA LEU B 86 2.03 9.10 -17.36
C LEU B 86 0.73 9.71 -17.88
N VAL B 87 -0.23 8.86 -18.29
CA VAL B 87 -1.62 9.31 -18.57
C VAL B 87 -2.31 9.53 -17.22
N PHE B 88 -2.87 10.73 -17.04
CA PHE B 88 -3.65 11.09 -15.84
C PHE B 88 -4.96 10.31 -15.83
N PRO B 89 -5.36 9.78 -14.64
CA PRO B 89 -6.55 8.95 -14.56
C PRO B 89 -7.83 9.77 -14.71
N ALA B 90 -8.97 9.08 -14.67
CA ALA B 90 -10.31 9.69 -14.52
C ALA B 90 -10.55 9.94 -13.03
N VAL B 91 -11.05 11.13 -12.70
CA VAL B 91 -11.51 11.48 -11.33
C VAL B 91 -13.01 11.73 -11.40
N THR B 92 -13.80 10.85 -10.82
CA THR B 92 -15.25 11.07 -10.59
C THR B 92 -15.40 11.65 -9.19
N LEU B 93 -16.19 12.71 -9.04
CA LEU B 93 -16.49 13.26 -7.70
C LEU B 93 -17.96 13.64 -7.58
N CYS B 94 -18.49 13.39 -6.38
CA CYS B 94 -19.93 13.43 -5.99
C CYS B 94 -20.05 14.21 -4.69
N ASN B 95 -20.98 15.17 -4.62
CA ASN B 95 -21.37 15.70 -3.29
C ASN B 95 -22.09 14.57 -2.56
N LEU B 96 -21.90 14.45 -1.25
CA LEU B 96 -22.65 13.50 -0.39
C LEU B 96 -24.16 13.79 -0.45
N ASN B 97 -24.53 15.03 -0.76
CA ASN B 97 -25.94 15.45 -0.95
C ASN B 97 -26.31 15.34 -2.43
N GLY B 98 -27.43 14.68 -2.73
CA GLY B 98 -27.86 14.37 -4.11
C GLY B 98 -28.84 15.40 -4.67
N PHE B 99 -29.52 16.13 -3.78
CA PHE B 99 -30.63 17.06 -4.10
C PHE B 99 -30.55 18.33 -3.26
N ARG B 100 -30.41 19.47 -3.93
CA ARG B 100 -30.43 20.81 -3.28
C ARG B 100 -31.86 21.14 -2.85
N PHE B 101 -32.06 21.52 -1.58
CA PHE B 101 -33.40 21.83 -1.02
C PHE B 101 -34.03 23.00 -1.76
N SER B 102 -33.33 24.14 -1.83
CA SER B 102 -33.80 25.38 -2.53
C SER B 102 -34.51 25.01 -3.84
N ARG B 103 -33.98 24.04 -4.56
CA ARG B 103 -34.34 23.76 -5.98
C ARG B 103 -35.44 22.69 -6.08
N LEU B 104 -35.84 22.07 -4.97
CA LEU B 104 -37.03 21.19 -4.93
C LEU B 104 -38.25 22.01 -5.32
N THR B 105 -39.00 21.56 -6.33
CA THR B 105 -40.26 22.21 -6.80
C THR B 105 -41.45 21.50 -6.17
N THR B 106 -42.63 22.08 -6.36
CA THR B 106 -43.92 21.57 -5.83
C THR B 106 -44.18 20.21 -6.51
N ASN B 107 -44.05 20.15 -7.84
CA ASN B 107 -44.19 18.91 -8.65
C ASN B 107 -43.26 17.84 -8.08
N ASP B 108 -41.99 18.20 -7.85
CA ASP B 108 -40.95 17.29 -7.31
C ASP B 108 -41.41 16.76 -5.95
N LEU B 109 -41.73 17.66 -5.02
CA LEU B 109 -42.15 17.26 -3.66
C LEU B 109 -43.37 16.34 -3.76
N TYR B 110 -44.19 16.47 -4.81
CA TYR B 110 -45.36 15.59 -5.03
C TYR B 110 -44.88 14.14 -5.16
N HIS B 111 -44.15 13.82 -6.24
CA HIS B 111 -43.74 12.45 -6.64
C HIS B 111 -42.57 11.95 -5.76
N ALA B 112 -41.52 12.77 -5.62
CA ALA B 112 -40.25 12.41 -4.96
C ALA B 112 -40.34 12.62 -3.45
N GLY B 113 -41.34 13.39 -2.98
CA GLY B 113 -41.50 13.77 -1.57
C GLY B 113 -41.18 12.65 -0.61
N GLU B 114 -41.87 11.51 -0.73
CA GLU B 114 -41.71 10.35 0.19
C GLU B 114 -40.29 9.81 0.04
N LEU B 115 -39.78 9.77 -1.19
CA LEU B 115 -38.44 9.23 -1.54
C LEU B 115 -37.36 10.01 -0.77
N LEU B 116 -37.42 11.35 -0.80
CA LEU B 116 -36.39 12.24 -0.18
C LEU B 116 -36.58 12.26 1.34
N ALA B 117 -37.59 11.56 1.86
CA ALA B 117 -37.90 11.46 3.31
C ALA B 117 -38.30 12.84 3.85
N LEU B 118 -38.88 13.69 3.00
CA LEU B 118 -39.41 15.03 3.37
C LEU B 118 -40.89 14.92 3.71
N LEU B 119 -41.55 13.81 3.34
CA LEU B 119 -43.02 13.64 3.47
C LEU B 119 -43.34 12.19 3.84
N ASP B 120 -44.30 12.01 4.77
CA ASP B 120 -44.88 10.69 5.15
C ASP B 120 -45.77 10.21 4.00
N VAL B 121 -46.30 8.99 4.13
CA VAL B 121 -47.05 8.28 3.05
C VAL B 121 -48.26 9.13 2.60
N ASN B 122 -48.86 9.93 3.50
CA ASN B 122 -50.05 10.78 3.20
C ASN B 122 -49.63 12.15 2.66
N LEU B 123 -48.46 12.30 2.05
CA LEU B 123 -48.01 13.53 1.32
C LEU B 123 -48.03 14.77 2.23
N GLN B 124 -47.82 14.59 3.54
CA GLN B 124 -47.76 15.69 4.54
C GLN B 124 -46.43 15.65 5.31
N ILE B 125 -45.97 16.81 5.78
CA ILE B 125 -44.71 16.96 6.57
C ILE B 125 -44.82 16.11 7.82
N PRO B 126 -43.92 15.11 8.02
CA PRO B 126 -44.07 14.08 9.05
C PRO B 126 -44.32 14.58 10.49
N ASP B 127 -43.33 15.19 11.13
CA ASP B 127 -43.44 15.63 12.55
C ASP B 127 -43.21 17.14 12.61
N PRO B 128 -44.16 17.97 12.15
CA PRO B 128 -43.92 19.40 11.95
C PRO B 128 -43.46 20.14 13.21
N HIS B 129 -43.82 19.65 14.40
CA HIS B 129 -43.53 20.27 15.73
C HIS B 129 -42.04 20.19 16.07
N LEU B 130 -41.29 19.25 15.50
CA LEU B 130 -39.82 19.07 15.76
C LEU B 130 -38.96 19.72 14.67
N ALA B 131 -39.53 19.94 13.47
CA ALA B 131 -38.85 20.55 12.29
C ALA B 131 -38.18 21.87 12.69
N ASP B 132 -37.10 22.23 12.00
CA ASP B 132 -36.60 23.62 12.01
C ASP B 132 -37.80 24.51 11.63
N PRO B 133 -38.02 25.63 12.37
CA PRO B 133 -38.97 26.64 11.92
C PRO B 133 -38.83 26.98 10.43
N SER B 134 -37.63 27.41 10.00
CA SER B 134 -37.33 27.91 8.64
C SER B 134 -37.57 26.82 7.59
N VAL B 135 -37.27 25.55 7.91
CA VAL B 135 -37.48 24.36 7.02
C VAL B 135 -38.98 24.18 6.79
N LEU B 136 -39.76 24.10 7.88
CA LEU B 136 -41.22 23.88 7.84
C LEU B 136 -41.88 24.99 7.00
N GLU B 137 -41.47 26.24 7.19
CA GLU B 137 -41.97 27.41 6.41
C GLU B 137 -41.86 27.07 4.92
N ALA B 138 -40.67 26.65 4.47
CA ALA B 138 -40.33 26.43 3.05
C ALA B 138 -41.02 25.18 2.49
N LEU B 139 -41.26 24.14 3.31
CA LEU B 139 -42.00 22.91 2.90
C LEU B 139 -43.50 23.21 2.75
N ARG B 140 -44.07 24.01 3.65
CA ARG B 140 -45.49 24.47 3.59
C ARG B 140 -45.68 25.27 2.29
N GLN B 141 -44.76 26.19 1.99
CA GLN B 141 -44.76 27.02 0.75
C GLN B 141 -44.91 26.15 -0.51
N LYS B 142 -44.29 24.96 -0.52
CA LYS B 142 -44.13 24.16 -1.76
C LYS B 142 -45.01 22.90 -1.75
N ALA B 143 -45.48 22.43 -0.59
CA ALA B 143 -46.18 21.12 -0.45
C ALA B 143 -47.64 21.29 0.03
N ASN B 144 -48.41 22.18 -0.60
CA ASN B 144 -49.90 22.27 -0.44
C ASN B 144 -50.51 21.83 -1.78
N PHE B 145 -51.01 20.60 -1.77
CA PHE B 145 -51.44 19.82 -2.97
C PHE B 145 -52.97 19.84 -3.08
N LYS B 146 -53.65 20.69 -2.30
CA LYS B 146 -55.12 20.73 -2.13
C LYS B 146 -55.78 20.99 -3.49
N HIS B 147 -55.16 21.80 -4.36
CA HIS B 147 -55.75 22.26 -5.65
C HIS B 147 -54.83 21.89 -6.82
N TYR B 148 -53.71 21.22 -6.54
CA TYR B 148 -52.60 20.99 -7.52
C TYR B 148 -53.01 19.90 -8.52
N LYS B 149 -52.88 20.19 -9.82
CA LYS B 149 -52.95 19.16 -10.89
C LYS B 149 -51.52 18.73 -11.19
N PRO B 150 -51.13 17.46 -10.89
CA PRO B 150 -49.75 17.01 -11.09
C PRO B 150 -49.33 17.06 -12.56
N LYS B 151 -48.02 17.07 -12.82
CA LYS B 151 -47.43 17.14 -14.18
C LYS B 151 -46.43 15.98 -14.37
N GLN B 152 -45.99 15.81 -15.62
CA GLN B 152 -44.94 14.85 -16.05
C GLN B 152 -43.74 14.99 -15.10
N PHE B 153 -43.17 13.86 -14.66
CA PHE B 153 -41.99 13.80 -13.76
C PHE B 153 -41.03 12.71 -14.24
N SER B 154 -39.74 13.05 -14.33
CA SER B 154 -38.64 12.16 -14.82
C SER B 154 -37.45 12.23 -13.85
N MET B 155 -37.19 11.15 -13.11
CA MET B 155 -36.10 11.06 -12.10
C MET B 155 -34.78 11.63 -12.65
N LEU B 156 -34.49 11.40 -13.94
CA LEU B 156 -33.27 11.91 -14.61
C LEU B 156 -33.34 13.43 -14.74
N GLU B 157 -34.45 13.94 -15.28
CA GLU B 157 -34.67 15.40 -15.46
C GLU B 157 -34.63 16.06 -14.07
N PHE B 158 -35.27 15.45 -13.07
CA PHE B 158 -35.27 15.86 -11.64
C PHE B 158 -33.82 16.02 -11.16
N LEU B 159 -33.04 14.95 -11.26
CA LEU B 159 -31.65 14.84 -10.73
C LEU B 159 -30.74 15.82 -11.45
N HIS B 160 -30.87 15.91 -12.77
CA HIS B 160 -30.11 16.87 -13.62
C HIS B 160 -30.32 18.29 -13.06
N ARG B 161 -31.54 18.62 -12.64
CA ARG B 161 -31.94 20.00 -12.23
C ARG B 161 -31.63 20.28 -10.75
N VAL B 162 -31.90 19.35 -9.84
CA VAL B 162 -31.82 19.60 -8.36
C VAL B 162 -30.43 19.26 -7.83
N GLY B 163 -29.79 18.22 -8.38
CA GLY B 163 -28.42 17.81 -8.00
C GLY B 163 -27.47 18.99 -8.02
N HIS B 164 -26.51 19.02 -7.09
CA HIS B 164 -25.52 20.12 -6.95
C HIS B 164 -24.90 20.39 -8.33
N ASP B 165 -24.65 21.66 -8.65
CA ASP B 165 -24.11 22.08 -9.97
C ASP B 165 -22.62 22.35 -9.81
N LEU B 166 -21.79 21.79 -10.69
CA LEU B 166 -20.31 21.94 -10.59
C LEU B 166 -19.96 23.41 -10.81
N LYS B 167 -20.68 24.10 -11.71
CA LYS B 167 -20.50 25.55 -11.99
C LYS B 167 -20.50 26.31 -10.66
N ASP B 168 -21.50 26.02 -9.82
CA ASP B 168 -21.66 26.58 -8.45
C ASP B 168 -20.53 26.05 -7.55
N MET B 169 -20.37 24.73 -7.49
CA MET B 169 -19.56 24.01 -6.47
C MET B 169 -18.06 24.32 -6.65
N MET B 170 -17.61 24.52 -7.90
CA MET B 170 -16.17 24.59 -8.27
C MET B 170 -15.72 26.05 -8.30
N LEU B 171 -14.91 26.45 -7.32
CA LEU B 171 -14.44 27.86 -7.14
C LEU B 171 -13.18 28.08 -7.98
N TYR B 172 -12.28 27.09 -8.09
CA TYR B 172 -11.22 27.08 -9.14
C TYR B 172 -10.76 25.66 -9.42
N CYS B 173 -10.16 25.52 -10.60
CA CYS B 173 -9.60 24.27 -11.15
C CYS B 173 -8.27 24.58 -11.86
N LYS B 174 -7.18 23.98 -11.39
CA LYS B 174 -5.90 23.98 -12.12
C LYS B 174 -5.59 22.54 -12.51
N PHE B 175 -4.96 22.36 -13.68
CA PHE B 175 -4.32 21.09 -14.09
C PHE B 175 -2.97 21.39 -14.71
N LYS B 176 -1.88 20.82 -14.16
CA LYS B 176 -0.49 21.04 -14.63
C LYS B 176 -0.19 22.56 -14.58
N GLY B 177 -0.74 23.28 -13.62
CA GLY B 177 -0.49 24.73 -13.44
C GLY B 177 -1.46 25.59 -14.22
N GLN B 178 -1.89 25.15 -15.42
CA GLN B 178 -2.80 25.96 -16.28
C GLN B 178 -4.25 25.84 -15.80
N GLU B 179 -5.07 26.83 -16.16
CA GLU B 179 -6.49 26.97 -15.75
C GLU B 179 -7.34 25.81 -16.28
N CYS B 180 -8.46 25.51 -15.64
CA CYS B 180 -9.48 24.50 -16.03
C CYS B 180 -10.87 25.05 -15.78
N GLY B 181 -11.92 24.30 -16.09
CA GLY B 181 -13.31 24.73 -15.91
C GLY B 181 -14.25 23.55 -15.91
N HIS B 182 -15.52 23.82 -15.59
CA HIS B 182 -16.62 22.82 -15.57
C HIS B 182 -16.75 22.15 -16.95
N GLN B 183 -16.14 22.72 -17.99
CA GLN B 183 -16.27 22.18 -19.37
C GLN B 183 -15.15 21.17 -19.64
N ASP B 184 -14.32 20.86 -18.64
CA ASP B 184 -13.31 19.76 -18.69
C ASP B 184 -13.83 18.56 -17.90
N PHE B 185 -15.03 18.69 -17.31
CA PHE B 185 -15.75 17.61 -16.58
C PHE B 185 -16.98 17.17 -17.39
N THR B 186 -17.54 16.03 -17.02
CA THR B 186 -18.64 15.34 -17.73
C THR B 186 -19.66 14.83 -16.73
N THR B 187 -20.94 15.21 -16.89
CA THR B 187 -22.04 14.71 -16.04
C THR B 187 -22.04 13.19 -16.13
N VAL B 188 -22.17 12.52 -14.98
CA VAL B 188 -22.14 11.03 -14.87
C VAL B 188 -23.00 10.64 -13.66
N PHE B 189 -24.14 9.98 -13.93
CA PHE B 189 -25.11 9.60 -12.87
C PHE B 189 -24.60 8.32 -12.20
N THR B 190 -24.80 8.24 -10.89
CA THR B 190 -24.25 7.18 -10.00
C THR B 190 -25.15 7.08 -8.76
N LYS B 191 -25.06 5.99 -7.99
CA LYS B 191 -25.89 5.78 -6.78
C LYS B 191 -25.89 7.03 -5.89
N TYR B 192 -24.98 7.99 -6.10
CA TYR B 192 -24.87 9.22 -5.27
C TYR B 192 -25.63 10.38 -5.92
N GLY B 193 -26.07 10.26 -7.16
CA GLY B 193 -26.80 11.32 -7.89
C GLY B 193 -26.03 11.84 -9.09
N LYS B 194 -26.18 13.12 -9.40
CA LYS B 194 -25.52 13.78 -10.56
C LYS B 194 -24.07 14.09 -10.17
N CYS B 195 -23.11 13.31 -10.65
CA CYS B 195 -21.66 13.47 -10.33
C CYS B 195 -20.89 13.95 -11.56
N TYR B 196 -19.61 14.27 -11.36
CA TYR B 196 -18.75 14.89 -12.40
C TYR B 196 -17.44 14.12 -12.51
N MET B 197 -17.03 13.87 -13.75
CA MET B 197 -15.82 13.06 -14.06
C MET B 197 -14.86 13.89 -14.92
N PHE B 198 -13.68 14.12 -14.36
CA PHE B 198 -12.54 14.80 -15.00
C PHE B 198 -11.78 13.81 -15.88
N ASN B 199 -11.22 14.28 -17.01
CA ASN B 199 -10.36 13.49 -17.92
C ASN B 199 -11.03 12.14 -18.26
N SER B 200 -12.35 12.18 -18.54
CA SER B 200 -13.18 10.98 -18.86
C SER B 200 -12.76 10.38 -20.21
N GLY B 201 -12.33 11.23 -21.14
CA GLY B 201 -11.92 10.82 -22.49
C GLY B 201 -13.05 10.92 -23.51
N GLU B 202 -14.27 11.20 -23.05
CA GLU B 202 -15.50 11.16 -23.90
C GLU B 202 -15.37 12.09 -25.12
N ASP B 203 -14.59 13.16 -25.01
CA ASP B 203 -14.56 14.23 -26.05
C ASP B 203 -13.70 13.78 -27.24
N GLY B 204 -13.21 12.54 -27.26
CA GLY B 204 -12.43 11.98 -28.37
C GLY B 204 -11.11 12.72 -28.61
N LYS B 205 -10.82 13.77 -27.83
CA LYS B 205 -9.48 14.40 -27.77
C LYS B 205 -8.56 13.48 -26.95
N PRO B 206 -7.21 13.67 -27.05
CA PRO B 206 -6.25 12.81 -26.37
C PRO B 206 -6.24 13.06 -24.86
N LEU B 207 -6.30 11.99 -24.06
CA LEU B 207 -6.32 12.01 -22.57
C LEU B 207 -5.20 12.88 -22.01
N LEU B 208 -5.52 13.67 -20.98
CA LEU B 208 -4.56 14.59 -20.31
C LEU B 208 -3.46 13.75 -19.69
N THR B 209 -2.23 14.28 -19.66
CA THR B 209 -1.05 13.57 -19.11
C THR B 209 -0.30 14.47 -18.14
N THR B 210 0.31 13.87 -17.12
CA THR B 210 1.23 14.53 -16.16
C THR B 210 2.66 14.29 -16.65
N VAL B 211 3.55 15.26 -16.43
CA VAL B 211 5.00 15.20 -16.86
C VAL B 211 5.90 15.71 -15.73
N LYS B 212 5.34 15.96 -14.54
CA LYS B 212 6.13 16.26 -13.32
C LYS B 212 5.36 15.74 -12.11
N GLY B 213 6.07 15.21 -11.12
CA GLY B 213 5.45 14.73 -9.87
C GLY B 213 4.88 15.87 -9.07
N GLY B 214 4.43 15.60 -7.86
CA GLY B 214 4.17 16.59 -6.81
C GLY B 214 2.82 17.27 -6.95
N THR B 215 2.38 17.88 -5.84
CA THR B 215 1.09 18.59 -5.64
C THR B 215 0.79 19.54 -6.79
N GLY B 216 1.81 20.26 -7.26
CA GLY B 216 1.65 21.43 -8.14
C GLY B 216 1.07 21.06 -9.49
N ASN B 217 1.44 19.90 -10.02
CA ASN B 217 1.28 19.57 -11.47
C ASN B 217 0.29 18.41 -11.65
N GLY B 218 -0.67 18.31 -10.74
CA GLY B 218 -1.82 17.41 -10.86
C GLY B 218 -3.09 18.21 -11.10
N LEU B 219 -4.23 17.55 -10.92
CA LEU B 219 -5.55 18.21 -10.69
C LEU B 219 -5.54 18.88 -9.33
N GLU B 220 -5.99 20.12 -9.26
CA GLU B 220 -6.22 20.86 -7.99
C GLU B 220 -7.55 21.59 -8.16
N ILE B 221 -8.53 21.26 -7.32
CA ILE B 221 -9.86 21.94 -7.36
C ILE B 221 -10.23 22.38 -5.95
N MET B 222 -10.80 23.59 -5.85
CA MET B 222 -11.42 24.13 -4.62
C MET B 222 -12.94 24.02 -4.77
N LEU B 223 -13.61 23.41 -3.79
CA LEU B 223 -15.07 23.18 -3.84
C LEU B 223 -15.73 23.85 -2.64
N ASP B 224 -16.88 24.46 -2.91
CA ASP B 224 -17.91 24.86 -1.92
C ASP B 224 -18.96 23.75 -2.02
N ILE B 225 -19.15 22.97 -0.95
CA ILE B 225 -20.06 21.79 -0.98
C ILE B 225 -21.51 22.22 -0.75
N GLN B 226 -21.76 23.51 -0.52
CA GLN B 226 -23.11 24.11 -0.36
C GLN B 226 -23.88 23.36 0.74
N GLN B 227 -23.34 23.33 1.97
CA GLN B 227 -23.79 22.44 3.08
C GLN B 227 -25.21 22.82 3.55
N ASP B 228 -25.68 24.00 3.15
CA ASP B 228 -27.00 24.55 3.57
C ASP B 228 -28.02 24.34 2.44
N GLU B 229 -27.69 23.51 1.46
CA GLU B 229 -28.68 22.98 0.48
C GLU B 229 -28.93 21.50 0.80
N TYR B 230 -28.16 20.93 1.74
CA TYR B 230 -28.33 19.50 2.14
C TYR B 230 -29.78 19.34 2.59
N LEU B 231 -30.44 18.25 2.18
CA LEU B 231 -31.79 17.89 2.71
C LEU B 231 -31.72 17.94 4.23
N PRO B 232 -32.69 18.60 4.91
CA PRO B 232 -32.72 18.65 6.37
C PRO B 232 -33.23 17.31 6.91
N ILE B 233 -32.87 16.97 8.14
CA ILE B 233 -33.42 15.78 8.84
C ILE B 233 -33.84 16.22 10.24
N TRP B 234 -35.02 15.76 10.68
CA TRP B 234 -35.68 16.20 11.94
C TRP B 234 -36.59 15.07 12.44
N GLY B 235 -36.94 15.12 13.73
CA GLY B 235 -37.96 14.26 14.36
C GLY B 235 -37.53 12.80 14.38
N GLU B 236 -38.49 11.88 14.35
CA GLU B 236 -38.24 10.43 14.53
C GLU B 236 -37.91 9.81 13.16
N THR B 237 -36.78 10.20 12.54
CA THR B 237 -36.18 9.50 11.38
C THR B 237 -35.20 8.44 11.89
N GLU B 238 -35.10 7.30 11.19
CA GLU B 238 -34.02 6.29 11.40
C GLU B 238 -32.96 6.59 10.33
N GLU B 239 -31.85 7.21 10.72
CA GLU B 239 -30.94 7.88 9.75
C GLU B 239 -29.49 7.80 10.23
N THR B 240 -28.53 7.85 9.28
CA THR B 240 -27.08 8.04 9.59
C THR B 240 -26.49 9.18 8.75
N THR B 241 -27.33 10.02 8.11
CA THR B 241 -26.87 10.99 7.07
C THR B 241 -26.45 12.28 7.76
N PHE B 242 -25.52 12.19 8.71
CA PHE B 242 -25.07 13.29 9.59
C PHE B 242 -23.85 13.99 8.97
N GLU B 243 -23.36 13.48 7.84
CA GLU B 243 -21.98 13.76 7.37
C GLU B 243 -22.04 14.73 6.18
N ALA B 244 -20.97 15.51 5.98
CA ALA B 244 -20.80 16.45 4.86
C ALA B 244 -19.39 16.35 4.27
N GLY B 245 -19.30 16.50 2.95
CA GLY B 245 -18.07 16.37 2.14
C GLY B 245 -18.39 15.83 0.76
N VAL B 246 -17.37 15.31 0.08
CA VAL B 246 -17.52 14.63 -1.24
C VAL B 246 -16.94 13.22 -1.12
N LYS B 247 -17.46 12.31 -1.94
CA LYS B 247 -16.74 11.05 -2.25
C LYS B 247 -16.14 11.21 -3.65
N VAL B 248 -15.02 10.51 -3.87
CA VAL B 248 -14.12 10.63 -5.04
C VAL B 248 -13.58 9.25 -5.37
N GLN B 249 -13.68 8.82 -6.62
CA GLN B 249 -12.97 7.62 -7.14
C GLN B 249 -11.93 8.10 -8.17
N ILE B 250 -10.68 7.73 -7.96
CA ILE B 250 -9.64 7.79 -9.02
C ILE B 250 -9.67 6.43 -9.70
N HIS B 251 -9.81 6.43 -11.04
CA HIS B 251 -10.15 5.22 -11.82
C HIS B 251 -9.75 5.37 -13.29
N SER B 252 -9.40 4.22 -13.89
CA SER B 252 -9.01 4.05 -15.32
C SER B 252 -10.13 4.57 -16.21
N GLN B 253 -9.83 5.27 -17.31
CA GLN B 253 -10.85 5.78 -18.27
C GLN B 253 -11.62 4.62 -18.91
N SER B 254 -11.10 3.38 -18.83
CA SER B 254 -11.72 2.17 -19.41
C SER B 254 -12.84 1.65 -18.51
N GLU B 255 -12.85 2.05 -17.24
CA GLU B 255 -13.81 1.52 -16.24
C GLU B 255 -14.80 2.63 -15.86
N PRO B 256 -16.09 2.29 -15.62
CA PRO B 256 -17.02 3.24 -15.04
C PRO B 256 -16.76 3.41 -13.54
N PRO B 257 -17.17 4.56 -12.97
CA PRO B 257 -17.04 4.78 -11.54
C PRO B 257 -18.06 3.88 -10.82
N PHE B 258 -17.65 3.36 -9.66
CA PHE B 258 -18.46 2.56 -8.71
C PHE B 258 -18.23 3.18 -7.32
N ILE B 259 -18.43 4.49 -7.25
CA ILE B 259 -18.09 5.41 -6.11
C ILE B 259 -18.81 4.97 -4.83
N GLN B 260 -20.00 4.38 -4.97
CA GLN B 260 -20.74 3.71 -3.87
C GLN B 260 -19.77 2.87 -3.03
N GLU B 261 -18.81 2.17 -3.66
CA GLU B 261 -17.96 1.15 -3.00
C GLU B 261 -16.48 1.55 -2.98
N LEU B 262 -15.96 2.07 -4.09
CA LEU B 262 -14.51 2.26 -4.30
C LEU B 262 -14.07 3.69 -3.93
N GLY B 263 -15.03 4.59 -3.73
CA GLY B 263 -14.75 6.00 -3.40
C GLY B 263 -14.05 6.16 -2.08
N PHE B 264 -13.28 7.25 -1.97
CA PHE B 264 -12.70 7.74 -0.69
C PHE B 264 -13.37 9.08 -0.36
N GLY B 265 -13.56 9.35 0.93
CA GLY B 265 -14.05 10.64 1.43
C GLY B 265 -13.00 11.75 1.36
N VAL B 266 -13.45 12.95 0.99
CA VAL B 266 -12.73 14.22 1.28
C VAL B 266 -13.60 15.07 2.18
N ALA B 267 -12.98 15.65 3.22
CA ALA B 267 -13.64 16.49 4.24
C ALA B 267 -13.45 17.97 3.93
N PRO B 268 -14.43 18.82 4.28
CA PRO B 268 -14.29 20.26 4.18
C PRO B 268 -13.33 20.78 5.25
N GLY B 269 -12.68 21.91 4.96
CA GLY B 269 -11.77 22.60 5.90
C GLY B 269 -10.37 22.02 5.85
N PHE B 270 -10.06 21.24 4.80
CA PHE B 270 -8.72 20.70 4.48
C PHE B 270 -8.47 20.67 2.98
N GLN B 271 -7.24 21.05 2.61
CA GLN B 271 -6.58 20.62 1.35
C GLN B 271 -6.14 19.18 1.59
N THR B 272 -6.81 18.24 0.90
CA THR B 272 -6.52 16.79 0.92
C THR B 272 -5.59 16.47 -0.26
N PHE B 273 -4.43 15.87 0.00
CA PHE B 273 -3.45 15.48 -1.04
C PHE B 273 -3.57 13.99 -1.32
N VAL B 274 -3.85 13.63 -2.57
CA VAL B 274 -3.96 12.21 -3.02
C VAL B 274 -2.75 11.92 -3.92
N ALA B 275 -1.66 11.44 -3.33
CA ALA B 275 -0.44 11.02 -4.08
C ALA B 275 -0.69 9.62 -4.64
N THR B 276 -0.61 9.46 -5.97
CA THR B 276 -1.01 8.22 -6.68
C THR B 276 0.17 7.60 -7.42
N GLN B 277 0.13 6.29 -7.66
CA GLN B 277 1.05 5.55 -8.56
C GLN B 277 0.23 4.69 -9.52
N GLU B 278 0.57 4.72 -10.80
CA GLU B 278 0.02 3.83 -11.86
C GLU B 278 0.50 2.40 -11.59
N GLN B 279 -0.41 1.45 -11.48
CA GLN B 279 -0.13 -0.01 -11.40
C GLN B 279 -0.64 -0.66 -12.69
N ARG B 280 0.15 -1.52 -13.31
CA ARG B 280 -0.21 -2.18 -14.59
C ARG B 280 -0.23 -3.69 -14.38
N LEU B 281 -1.39 -4.19 -13.98
CA LEU B 281 -1.61 -5.63 -13.68
C LEU B 281 -1.81 -6.37 -14.99
N THR B 282 -1.19 -7.55 -15.09
CA THR B 282 -1.40 -8.57 -16.14
C THR B 282 -1.70 -9.91 -15.45
N TYR B 283 -2.89 -10.47 -15.67
CA TYR B 283 -3.32 -11.77 -15.08
C TYR B 283 -3.34 -12.83 -16.18
N LEU B 284 -3.31 -14.10 -15.78
CA LEU B 284 -3.32 -15.24 -16.74
C LEU B 284 -4.71 -15.83 -16.79
N PRO B 285 -5.14 -16.35 -17.97
CA PRO B 285 -6.40 -17.09 -18.10
C PRO B 285 -6.30 -18.45 -17.45
N PRO B 286 -7.44 -19.18 -17.29
CA PRO B 286 -7.37 -20.62 -17.03
C PRO B 286 -6.59 -21.29 -18.16
N PRO B 287 -5.86 -22.38 -17.86
CA PRO B 287 -5.93 -23.04 -16.55
C PRO B 287 -5.04 -22.51 -15.42
N TRP B 288 -4.22 -21.50 -15.70
CA TRP B 288 -3.22 -20.95 -14.73
C TRP B 288 -3.90 -20.07 -13.69
N GLY B 289 -4.67 -19.09 -14.16
CA GLY B 289 -5.41 -18.11 -13.34
C GLY B 289 -6.88 -18.06 -13.73
N GLU B 290 -7.60 -17.03 -13.25
CA GLU B 290 -9.06 -16.84 -13.45
C GLU B 290 -9.32 -15.55 -14.24
N CYS B 291 -8.46 -15.23 -15.20
CA CYS B 291 -8.57 -14.08 -16.15
C CYS B 291 -9.90 -14.08 -16.89
N ARG B 292 -10.08 -13.01 -17.68
CA ARG B 292 -11.10 -12.69 -18.72
C ARG B 292 -12.53 -12.90 -18.19
N LEU B 298 -20.10 -8.34 -22.99
CA LEU B 298 -20.88 -7.61 -21.94
C LEU B 298 -22.05 -6.82 -22.57
N ASP B 299 -23.28 -7.16 -22.19
CA ASP B 299 -24.52 -6.73 -22.88
C ASP B 299 -24.54 -5.21 -23.02
N PHE B 300 -24.15 -4.48 -21.97
CA PHE B 300 -24.47 -3.03 -21.81
C PHE B 300 -23.23 -2.15 -21.95
N PHE B 301 -22.02 -2.72 -21.92
CA PHE B 301 -20.75 -1.97 -21.98
C PHE B 301 -19.84 -2.57 -23.05
N PRO B 302 -19.25 -1.74 -23.96
CA PRO B 302 -18.36 -2.26 -25.00
C PRO B 302 -17.08 -2.83 -24.38
N VAL B 303 -16.47 -2.12 -23.41
CA VAL B 303 -15.21 -2.50 -22.71
C VAL B 303 -15.56 -3.26 -21.43
N TYR B 304 -14.88 -4.37 -21.12
CA TYR B 304 -15.15 -5.19 -19.91
C TYR B 304 -14.31 -4.64 -18.74
N SER B 305 -14.92 -4.62 -17.56
CA SER B 305 -14.37 -4.18 -16.26
C SER B 305 -15.02 -5.06 -15.20
N ILE B 306 -14.43 -5.25 -14.02
CA ILE B 306 -15.21 -5.82 -12.88
C ILE B 306 -16.34 -4.83 -12.56
N THR B 307 -16.05 -3.55 -12.36
CA THR B 307 -17.09 -2.51 -12.13
C THR B 307 -18.17 -2.65 -13.21
N ALA B 308 -17.77 -2.62 -14.47
CA ALA B 308 -18.65 -2.67 -15.67
C ALA B 308 -19.63 -3.84 -15.55
N CYS B 309 -19.14 -5.06 -15.33
CA CYS B 309 -20.07 -6.22 -15.29
C CYS B 309 -20.94 -6.11 -14.05
N ARG B 310 -20.42 -5.62 -12.92
CA ARG B 310 -21.20 -5.56 -11.66
C ARG B 310 -22.37 -4.58 -11.82
N ILE B 311 -22.19 -3.53 -12.61
CA ILE B 311 -23.31 -2.62 -13.00
C ILE B 311 -24.25 -3.38 -13.95
N ASP B 312 -23.74 -3.86 -15.08
CA ASP B 312 -24.50 -4.64 -16.10
C ASP B 312 -25.34 -5.70 -15.40
N CYS B 313 -24.78 -6.38 -14.38
CA CYS B 313 -25.44 -7.43 -13.56
C CYS B 313 -26.63 -6.84 -12.78
N GLU B 314 -26.39 -5.81 -11.97
CA GLU B 314 -27.42 -5.01 -11.25
C GLU B 314 -28.55 -4.65 -12.21
N THR B 315 -28.22 -4.01 -13.33
CA THR B 315 -29.16 -3.51 -14.37
C THR B 315 -30.06 -4.64 -14.86
N ARG B 316 -29.44 -5.76 -15.28
CA ARG B 316 -30.15 -6.94 -15.83
C ARG B 316 -31.19 -7.42 -14.80
N TYR B 317 -30.78 -7.58 -13.54
CA TYR B 317 -31.64 -8.12 -12.46
C TYR B 317 -32.79 -7.17 -12.14
N ILE B 318 -32.61 -5.85 -12.24
CA ILE B 318 -33.68 -4.84 -11.94
C ILE B 318 -34.63 -4.77 -13.14
N VAL B 319 -34.12 -4.67 -14.38
CA VAL B 319 -34.99 -4.57 -15.59
C VAL B 319 -35.86 -5.83 -15.68
N GLU B 320 -35.30 -6.99 -15.28
CA GLU B 320 -36.05 -8.26 -15.15
C GLU B 320 -37.10 -8.07 -14.05
N ASN B 321 -36.70 -8.14 -12.78
CA ASN B 321 -37.62 -8.22 -11.61
C ASN B 321 -38.36 -6.90 -11.34
N CYS B 322 -38.14 -5.80 -12.09
CA CYS B 322 -38.74 -4.46 -11.79
C CYS B 322 -39.16 -3.66 -13.03
N ASN B 323 -38.84 -4.10 -14.26
CA ASN B 323 -39.39 -3.52 -15.52
C ASN B 323 -39.03 -2.04 -15.71
N CYS B 324 -38.28 -1.47 -14.78
CA CYS B 324 -37.63 -0.14 -14.91
C CYS B 324 -36.11 -0.35 -14.86
N ARG B 325 -35.34 0.71 -15.08
CA ARG B 325 -33.92 0.83 -14.64
C ARG B 325 -33.79 2.09 -13.80
N MET B 326 -32.79 2.15 -12.92
CA MET B 326 -32.45 3.38 -12.15
C MET B 326 -31.69 4.35 -13.06
N VAL B 327 -31.30 5.49 -12.54
CA VAL B 327 -30.78 6.61 -13.37
C VAL B 327 -29.33 6.29 -13.78
N HIS B 328 -28.57 5.67 -12.87
CA HIS B 328 -27.12 5.40 -13.03
C HIS B 328 -26.89 4.20 -13.95
N MET B 329 -27.89 3.33 -14.08
CA MET B 329 -27.84 2.11 -14.92
C MET B 329 -27.89 2.50 -16.40
N PRO B 330 -27.31 1.70 -17.31
CA PRO B 330 -27.54 1.84 -18.74
C PRO B 330 -28.67 0.89 -19.17
N GLY B 331 -28.92 0.77 -20.46
CA GLY B 331 -30.10 0.05 -20.98
C GLY B 331 -30.90 1.00 -21.85
N ASP B 332 -31.96 0.48 -22.49
CA ASP B 332 -32.98 1.29 -23.19
C ASP B 332 -34.29 1.17 -22.40
N ALA B 333 -34.22 0.56 -21.20
CA ALA B 333 -35.36 0.35 -20.28
C ALA B 333 -35.97 1.70 -19.92
N PRO B 334 -37.15 1.72 -19.26
CA PRO B 334 -37.73 2.96 -18.79
C PRO B 334 -37.21 3.26 -17.38
N PHE B 335 -37.01 4.55 -17.08
CA PHE B 335 -36.48 5.03 -15.78
C PHE B 335 -37.47 4.69 -14.66
N CYS B 336 -36.93 4.17 -13.55
CA CYS B 336 -37.70 3.79 -12.34
C CYS B 336 -38.28 5.05 -11.67
N THR B 337 -39.62 5.16 -11.64
CA THR B 337 -40.38 6.23 -10.92
C THR B 337 -40.26 6.01 -9.42
N PRO B 338 -40.40 7.08 -8.60
CA PRO B 338 -40.22 6.98 -7.15
C PRO B 338 -41.15 5.92 -6.51
N GLU B 339 -42.36 5.77 -7.06
CA GLU B 339 -43.28 4.64 -6.80
C GLU B 339 -42.44 3.34 -6.86
N GLN B 340 -41.84 3.12 -8.03
CA GLN B 340 -41.11 1.86 -8.37
C GLN B 340 -39.86 1.76 -7.50
N HIS B 341 -38.99 2.78 -7.54
CA HIS B 341 -37.74 2.93 -6.75
C HIS B 341 -37.93 2.42 -5.32
N LYS B 342 -38.97 2.90 -4.63
CA LYS B 342 -39.31 2.56 -3.21
C LYS B 342 -39.65 1.07 -3.11
N GLU B 343 -40.75 0.69 -3.75
CA GLU B 343 -41.49 -0.57 -3.47
C GLU B 343 -40.92 -1.74 -4.29
N CYS B 344 -40.07 -1.48 -5.29
CA CYS B 344 -39.54 -2.50 -6.23
C CYS B 344 -38.01 -2.58 -6.15
N ALA B 345 -37.31 -1.61 -6.76
CA ALA B 345 -35.90 -1.72 -7.16
C ALA B 345 -34.97 -1.66 -5.95
N GLU B 346 -35.30 -0.89 -4.92
CA GLU B 346 -34.41 -0.71 -3.72
C GLU B 346 -34.35 -2.01 -2.94
N PRO B 347 -35.48 -2.66 -2.58
CA PRO B 347 -35.44 -3.95 -1.91
C PRO B 347 -34.88 -5.06 -2.82
N ALA B 348 -35.04 -4.91 -4.15
CA ALA B 348 -34.50 -5.82 -5.18
C ALA B 348 -32.97 -5.92 -5.07
N LEU B 349 -32.30 -4.79 -4.91
CA LEU B 349 -30.82 -4.69 -4.63
C LEU B 349 -30.55 -5.22 -3.22
N GLY B 350 -31.40 -4.85 -2.24
CA GLY B 350 -31.36 -5.38 -0.87
C GLY B 350 -31.33 -6.89 -0.85
N LEU B 351 -32.04 -7.49 -1.82
CA LEU B 351 -32.15 -8.96 -2.00
C LEU B 351 -30.93 -9.52 -2.75
N LEU B 352 -30.30 -8.77 -3.68
CA LEU B 352 -29.01 -9.22 -4.31
C LEU B 352 -27.95 -9.48 -3.22
N ALA B 353 -27.74 -8.53 -2.30
CA ALA B 353 -27.08 -8.75 -0.99
C ALA B 353 -27.74 -9.92 -0.24
N GLU B 354 -26.93 -10.91 0.17
CA GLU B 354 -27.30 -12.23 0.79
C GLU B 354 -28.22 -13.02 -0.14
N SER B 357 -22.72 -15.24 -1.14
CA SER B 357 -24.17 -15.03 -1.41
C SER B 357 -24.36 -14.19 -2.67
N ASN B 358 -23.78 -14.62 -3.80
CA ASN B 358 -23.76 -13.85 -5.09
C ASN B 358 -24.39 -14.67 -6.22
N TYR B 359 -25.36 -14.04 -6.89
CA TYR B 359 -26.08 -14.46 -8.14
C TYR B 359 -25.31 -13.94 -9.37
N CYS B 360 -24.03 -13.58 -9.17
CA CYS B 360 -23.22 -12.68 -10.04
C CYS B 360 -21.75 -13.07 -9.94
N LEU B 361 -21.16 -13.61 -11.02
CA LEU B 361 -19.71 -13.96 -11.07
C LEU B 361 -18.98 -13.00 -12.01
N CYS B 362 -18.10 -12.17 -11.44
CA CYS B 362 -17.39 -11.11 -12.18
C CYS B 362 -15.89 -11.26 -11.96
N ARG B 363 -15.21 -11.86 -12.94
CA ARG B 363 -13.78 -12.28 -12.90
C ARG B 363 -12.92 -11.07 -13.32
N THR B 364 -11.60 -11.15 -13.15
CA THR B 364 -10.66 -10.02 -13.44
C THR B 364 -10.42 -9.91 -14.93
N PRO B 365 -10.33 -8.69 -15.50
CA PRO B 365 -9.80 -8.53 -16.85
C PRO B 365 -8.32 -8.96 -16.88
N CYS B 366 -7.75 -9.15 -18.07
CA CYS B 366 -6.38 -9.69 -18.28
C CYS B 366 -5.35 -8.58 -18.10
N ASN B 367 -5.34 -7.60 -19.00
CA ASN B 367 -4.69 -6.28 -18.80
C ASN B 367 -5.64 -5.43 -17.94
N LEU B 368 -5.11 -4.63 -17.02
CA LEU B 368 -5.87 -3.53 -16.35
C LEU B 368 -4.89 -2.59 -15.63
N THR B 369 -5.36 -1.39 -15.29
CA THR B 369 -4.56 -0.31 -14.62
C THR B 369 -5.24 0.05 -13.29
N ARG B 370 -4.51 -0.05 -12.18
CA ARG B 370 -4.96 0.38 -10.82
C ARG B 370 -4.24 1.68 -10.46
N TYR B 371 -4.76 2.40 -9.47
CA TYR B 371 -4.14 3.65 -8.96
C TYR B 371 -4.05 3.54 -7.44
N ASN B 372 -2.84 3.57 -6.89
CA ASN B 372 -2.59 3.46 -5.42
C ASN B 372 -2.46 4.87 -4.83
N LYS B 373 -3.28 5.18 -3.83
CA LYS B 373 -3.44 6.52 -3.23
C LYS B 373 -2.84 6.52 -1.82
N GLU B 374 -1.98 7.50 -1.52
CA GLU B 374 -1.65 7.97 -0.15
C GLU B 374 -2.35 9.31 0.09
N LEU B 375 -3.09 9.44 1.20
CA LEU B 375 -3.81 10.68 1.57
C LEU B 375 -3.10 11.37 2.75
N SER B 376 -2.82 12.65 2.60
CA SER B 376 -2.35 13.57 3.67
C SER B 376 -3.16 14.85 3.57
N MET B 377 -3.09 15.71 4.60
CA MET B 377 -3.95 16.91 4.68
C MET B 377 -3.20 18.07 5.32
N VAL B 378 -3.60 19.29 4.94
CA VAL B 378 -3.26 20.55 5.66
C VAL B 378 -4.54 21.38 5.81
N LYS B 379 -4.54 22.36 6.72
CA LYS B 379 -5.75 23.13 7.05
C LYS B 379 -6.00 24.18 5.98
N ILE B 380 -7.28 24.39 5.69
CA ILE B 380 -7.80 25.55 4.91
C ILE B 380 -9.03 26.07 5.63
N PRO B 381 -9.17 27.40 5.80
CA PRO B 381 -8.16 28.35 5.32
C PRO B 381 -7.14 28.71 6.40
N SER B 382 -5.98 29.23 5.99
CA SER B 382 -4.99 29.86 6.90
C SER B 382 -5.63 31.13 7.45
N LYS B 383 -5.09 31.69 8.54
CA LYS B 383 -5.64 32.92 9.15
C LYS B 383 -5.59 34.01 8.06
N THR B 384 -4.43 34.17 7.43
CA THR B 384 -4.08 35.33 6.59
C THR B 384 -4.77 35.27 5.22
N SER B 385 -5.50 34.20 4.92
CA SER B 385 -6.31 34.05 3.68
C SER B 385 -7.81 33.93 3.99
N ALA B 386 -8.18 33.65 5.23
CA ALA B 386 -9.57 33.45 5.67
C ALA B 386 -10.42 34.63 5.19
N LYS B 387 -9.94 35.85 5.46
CA LYS B 387 -10.68 37.09 5.16
C LYS B 387 -10.79 37.23 3.64
N TYR B 388 -9.69 37.11 2.90
CA TYR B 388 -9.70 37.12 1.42
C TYR B 388 -10.84 36.26 0.89
N LEU B 389 -10.93 35.01 1.35
CA LEU B 389 -11.92 34.03 0.84
C LEU B 389 -13.34 34.51 1.19
N GLU B 390 -13.55 34.97 2.43
CA GLU B 390 -14.87 35.49 2.89
C GLU B 390 -15.32 36.57 1.92
N LYS B 391 -14.45 37.54 1.63
CA LYS B 391 -14.70 38.67 0.69
C LYS B 391 -14.98 38.12 -0.70
N LYS B 392 -13.96 37.50 -1.34
CA LYS B 392 -14.04 37.06 -2.76
C LYS B 392 -15.37 36.37 -3.04
N PHE B 393 -15.85 35.52 -2.13
CA PHE B 393 -16.99 34.59 -2.35
C PHE B 393 -18.26 35.10 -1.64
N ASN B 394 -18.20 36.23 -0.95
CA ASN B 394 -19.37 36.80 -0.22
C ASN B 394 -19.92 35.69 0.68
N LYS B 395 -19.15 35.22 1.65
CA LYS B 395 -19.54 34.14 2.61
C LYS B 395 -19.00 34.43 4.01
N SER B 396 -19.66 33.91 5.04
CA SER B 396 -19.27 34.12 6.46
C SER B 396 -18.00 33.32 6.78
N GLU B 397 -17.26 33.75 7.81
CA GLU B 397 -16.09 33.00 8.35
C GLU B 397 -16.50 31.55 8.58
N LYS B 398 -17.68 31.34 9.16
CA LYS B 398 -18.20 29.97 9.50
C LYS B 398 -18.35 29.18 8.20
N TYR B 399 -19.15 29.68 7.26
CA TYR B 399 -19.49 29.03 5.96
C TYR B 399 -18.22 28.47 5.31
N ILE B 400 -17.26 29.35 5.04
CA ILE B 400 -15.93 29.02 4.44
C ILE B 400 -15.36 27.79 5.16
N SER B 401 -15.34 27.84 6.49
CA SER B 401 -14.67 26.83 7.36
C SER B 401 -15.45 25.51 7.42
N GLU B 402 -16.73 25.48 6.99
CA GLU B 402 -17.58 24.24 7.04
C GLU B 402 -18.03 23.85 5.62
N ASN B 403 -17.52 24.48 4.57
CA ASN B 403 -18.03 24.30 3.18
C ASN B 403 -16.90 24.17 2.15
N ILE B 404 -15.76 24.84 2.36
CA ILE B 404 -14.63 24.88 1.38
C ILE B 404 -13.67 23.73 1.67
N LEU B 405 -13.22 23.07 0.60
CA LEU B 405 -12.07 22.11 0.61
C LEU B 405 -11.27 22.34 -0.66
N VAL B 406 -9.99 21.95 -0.63
CA VAL B 406 -9.14 21.84 -1.84
C VAL B 406 -8.72 20.36 -1.98
N LEU B 407 -8.72 19.86 -3.20
CA LEU B 407 -8.41 18.44 -3.54
C LEU B 407 -7.29 18.40 -4.57
N ASP B 408 -6.13 17.84 -4.20
CA ASP B 408 -5.00 17.61 -5.13
C ASP B 408 -4.84 16.12 -5.38
N ILE B 409 -5.15 15.72 -6.61
CA ILE B 409 -4.80 14.40 -7.16
C ILE B 409 -3.61 14.63 -8.06
N PHE B 410 -2.61 13.77 -7.95
CA PHE B 410 -1.30 13.92 -8.66
C PHE B 410 -0.49 12.64 -8.47
N PHE B 411 0.47 12.42 -9.36
CA PHE B 411 1.42 11.28 -9.28
C PHE B 411 2.60 11.67 -8.39
N GLU B 412 3.02 10.81 -7.47
CA GLU B 412 4.15 11.09 -6.52
C GLU B 412 5.43 11.34 -7.34
N ALA B 413 5.68 10.50 -8.34
CA ALA B 413 6.81 10.64 -9.28
C ALA B 413 6.49 9.86 -10.54
N LEU B 414 7.20 10.19 -11.61
CA LEU B 414 6.94 9.67 -12.97
C LEU B 414 7.49 8.24 -13.03
N ASN B 415 6.63 7.29 -12.69
CA ASN B 415 6.86 5.84 -12.92
C ASN B 415 5.53 5.11 -12.74
N TYR B 416 5.40 3.97 -13.42
CA TYR B 416 4.36 2.95 -13.15
C TYR B 416 5.03 1.71 -12.56
N GLU B 417 4.29 1.00 -11.74
CA GLU B 417 4.62 -0.36 -11.26
C GLU B 417 3.94 -1.34 -12.20
N THR B 418 4.65 -2.36 -12.67
CA THR B 418 4.08 -3.52 -13.40
C THR B 418 4.05 -4.71 -12.45
N ILE B 419 2.88 -5.35 -12.33
CA ILE B 419 2.73 -6.69 -11.69
C ILE B 419 2.17 -7.64 -12.75
N GLU B 420 2.97 -8.60 -13.20
CA GLU B 420 2.55 -9.63 -14.19
C GLU B 420 2.56 -11.01 -13.52
N GLN B 421 1.52 -11.81 -13.79
CA GLN B 421 1.48 -13.28 -13.57
C GLN B 421 2.15 -13.93 -14.79
N LYS B 422 3.24 -14.66 -14.55
CA LYS B 422 4.07 -15.33 -15.58
C LYS B 422 3.90 -16.84 -15.40
N LYS B 423 3.67 -17.57 -16.49
CA LYS B 423 3.55 -19.06 -16.46
C LYS B 423 4.81 -19.63 -15.81
N ALA B 424 4.66 -20.61 -14.93
CA ALA B 424 5.73 -21.11 -14.05
C ALA B 424 6.58 -22.15 -14.78
N TYR B 425 5.95 -22.97 -15.63
CA TYR B 425 6.52 -24.19 -16.24
C TYR B 425 5.80 -24.42 -17.57
N GLU B 426 6.42 -24.00 -18.67
CA GLU B 426 5.86 -24.17 -20.04
C GLU B 426 6.31 -25.53 -20.58
N VAL B 427 5.71 -26.00 -21.67
CA VAL B 427 5.88 -27.40 -22.16
C VAL B 427 7.35 -27.67 -22.53
N ALA B 428 8.02 -26.70 -23.16
CA ALA B 428 9.43 -26.81 -23.60
C ALA B 428 10.32 -27.17 -22.40
N ALA B 429 10.04 -26.59 -21.23
CA ALA B 429 10.82 -26.80 -20.00
C ALA B 429 10.51 -28.17 -19.40
N LEU B 430 9.26 -28.64 -19.53
CA LEU B 430 8.85 -30.00 -19.09
C LEU B 430 9.68 -31.04 -19.85
N LEU B 431 9.81 -30.86 -21.17
CA LEU B 431 10.55 -31.79 -22.07
C LEU B 431 12.02 -31.84 -21.61
N GLY B 432 12.67 -30.68 -21.58
CA GLY B 432 14.05 -30.56 -21.07
C GLY B 432 14.25 -31.26 -19.74
N ASP B 433 13.21 -31.42 -18.91
CA ASP B 433 13.37 -31.96 -17.53
C ASP B 433 13.13 -33.47 -17.63
N ILE B 434 12.03 -33.91 -18.23
CA ILE B 434 11.78 -35.36 -18.47
C ILE B 434 12.90 -35.91 -19.37
N GLY B 435 13.37 -35.10 -20.31
CA GLY B 435 14.44 -35.49 -21.23
C GLY B 435 15.72 -35.79 -20.46
N GLY B 436 16.14 -34.86 -19.61
CA GLY B 436 17.38 -34.98 -18.81
C GLY B 436 17.24 -36.06 -17.74
N GLN B 437 16.04 -36.28 -17.24
CA GLN B 437 15.79 -37.31 -16.20
C GLN B 437 16.01 -38.68 -16.85
N MET B 438 15.46 -38.88 -18.06
CA MET B 438 15.66 -40.12 -18.86
C MET B 438 17.16 -40.30 -19.12
N GLY B 439 17.81 -39.30 -19.71
CA GLY B 439 19.28 -39.26 -19.89
C GLY B 439 20.02 -39.75 -18.66
N LEU B 440 19.61 -39.32 -17.47
CA LEU B 440 20.37 -39.55 -16.21
C LEU B 440 20.29 -41.02 -15.79
N PHE B 441 19.10 -41.63 -15.84
CA PHE B 441 18.78 -42.92 -15.17
C PHE B 441 18.90 -44.10 -16.13
N ILE B 442 18.66 -43.88 -17.43
CA ILE B 442 18.50 -44.96 -18.43
C ILE B 442 19.35 -44.65 -19.66
N GLY B 443 19.52 -43.37 -20.01
CA GLY B 443 20.09 -42.92 -21.29
C GLY B 443 19.09 -43.03 -22.43
N ALA B 444 17.80 -43.18 -22.10
CA ALA B 444 16.69 -43.36 -23.07
C ALA B 444 16.39 -42.04 -23.78
N SER B 445 15.98 -42.16 -25.05
CA SER B 445 15.29 -41.12 -25.84
C SER B 445 13.85 -41.60 -26.10
N ILE B 446 13.05 -40.77 -26.78
CA ILE B 446 11.79 -41.19 -27.44
C ILE B 446 12.13 -42.40 -28.31
N LEU B 447 13.13 -42.24 -29.18
CA LEU B 447 13.54 -43.24 -30.20
C LEU B 447 13.94 -44.54 -29.51
N THR B 448 14.77 -44.48 -28.46
CA THR B 448 15.13 -45.63 -27.58
C THR B 448 13.87 -46.45 -27.26
N ILE B 449 12.79 -45.81 -26.86
CA ILE B 449 11.54 -46.54 -26.47
C ILE B 449 10.89 -47.09 -27.75
N LEU B 450 10.71 -46.26 -28.77
CA LEU B 450 10.23 -46.69 -30.11
C LEU B 450 11.01 -47.95 -30.53
N GLU B 451 12.34 -47.86 -30.49
CA GLU B 451 13.31 -48.95 -30.83
C GLU B 451 12.89 -50.25 -30.14
N LEU B 452 12.61 -50.18 -28.83
CA LEU B 452 12.15 -51.30 -27.98
C LEU B 452 10.75 -51.77 -28.42
N PHE B 453 9.82 -50.87 -28.74
CA PHE B 453 8.42 -51.24 -29.10
C PHE B 453 8.45 -51.93 -30.47
N ASP B 454 9.16 -51.37 -31.44
CA ASP B 454 9.47 -52.02 -32.74
C ASP B 454 9.90 -53.48 -32.49
N TYR B 455 10.82 -53.69 -31.56
CA TYR B 455 11.46 -55.01 -31.28
C TYR B 455 10.48 -55.99 -30.60
N ILE B 456 9.46 -55.48 -29.90
CA ILE B 456 8.43 -56.30 -29.17
C ILE B 456 7.29 -56.64 -30.13
N TYR B 457 6.92 -55.71 -31.01
CA TYR B 457 5.97 -55.89 -32.12
C TYR B 457 6.52 -56.94 -33.08
N GLU B 458 7.85 -57.01 -33.22
CA GLU B 458 8.54 -58.02 -34.08
C GLU B 458 8.52 -59.38 -33.39
N LEU B 459 8.57 -59.42 -32.04
CA LEU B 459 8.41 -60.68 -31.28
C LEU B 459 6.93 -61.14 -31.33
N ILE B 460 6.03 -60.38 -31.96
CA ILE B 460 4.60 -60.75 -32.14
C ILE B 460 4.07 -60.18 -33.45
N ILE C 19 43.36 -60.47 -15.42
CA ILE C 19 44.25 -60.99 -16.51
C ILE C 19 43.43 -61.09 -17.82
N GLN C 20 42.13 -61.43 -17.73
CA GLN C 20 41.18 -61.62 -18.88
C GLN C 20 40.14 -60.50 -18.91
N ILE C 21 40.56 -59.23 -18.94
CA ILE C 21 39.62 -58.08 -18.98
C ILE C 21 40.00 -57.18 -20.16
N PHE C 22 38.99 -56.51 -20.71
CA PHE C 22 39.07 -55.63 -21.92
C PHE C 22 40.10 -54.50 -21.70
N ALA C 23 40.95 -54.25 -22.71
CA ALA C 23 41.83 -53.07 -22.76
C ALA C 23 40.95 -51.83 -22.91
N ASN C 24 41.47 -50.64 -22.60
CA ASN C 24 40.76 -49.35 -22.77
C ASN C 24 40.30 -49.25 -24.22
N THR C 25 41.25 -49.51 -25.12
CA THR C 25 41.05 -49.71 -26.57
C THR C 25 39.77 -50.53 -26.78
N SER C 26 39.59 -51.60 -26.01
CA SER C 26 38.49 -52.59 -26.14
C SER C 26 37.15 -52.00 -25.70
N THR C 27 37.12 -51.11 -24.70
CA THR C 27 35.86 -50.40 -24.29
C THR C 27 35.60 -49.24 -25.29
N LEU C 28 35.16 -49.61 -26.47
CA LEU C 28 34.38 -48.75 -27.38
C LEU C 28 32.92 -49.22 -27.32
N HIS C 29 32.63 -50.19 -26.44
CA HIS C 29 31.28 -50.56 -25.95
C HIS C 29 30.83 -49.45 -24.98
N GLY C 30 31.78 -48.68 -24.42
CA GLY C 30 31.55 -47.61 -23.42
C GLY C 30 30.56 -46.58 -23.90
N ILE C 31 29.82 -45.93 -22.99
CA ILE C 31 28.66 -45.04 -23.35
C ILE C 31 29.14 -43.58 -23.48
N ARG C 32 30.16 -43.13 -22.73
CA ARG C 32 30.80 -41.81 -22.97
C ARG C 32 31.23 -41.74 -24.44
N HIS C 33 31.52 -40.56 -24.99
CA HIS C 33 31.71 -40.38 -26.47
C HIS C 33 33.22 -40.32 -26.91
N ILE C 34 33.91 -41.48 -27.12
CA ILE C 34 35.41 -41.64 -27.18
C ILE C 34 35.96 -42.40 -28.43
N PHE C 35 36.54 -41.63 -29.34
CA PHE C 35 37.48 -42.07 -30.40
C PHE C 35 38.90 -41.70 -29.97
N VAL C 36 39.23 -41.93 -28.71
CA VAL C 36 40.56 -41.60 -28.12
C VAL C 36 41.34 -42.90 -28.01
N TYR C 37 40.81 -44.02 -28.53
CA TYR C 37 41.43 -45.37 -28.40
C TYR C 37 41.48 -46.20 -29.70
N GLY C 38 41.69 -45.59 -30.89
CA GLY C 38 42.44 -46.22 -32.00
C GLY C 38 43.86 -46.53 -31.53
N PRO C 39 44.55 -47.57 -32.06
CA PRO C 39 45.88 -47.93 -31.57
C PRO C 39 47.07 -46.98 -31.85
N LEU C 40 47.22 -46.41 -33.05
CA LEU C 40 48.37 -45.49 -33.36
C LEU C 40 47.96 -44.00 -33.28
N THR C 41 48.86 -43.09 -32.88
CA THR C 41 48.58 -41.65 -32.61
C THR C 41 48.27 -40.87 -33.88
N ILE C 42 47.41 -39.84 -33.80
CA ILE C 42 46.76 -39.14 -34.94
C ILE C 42 46.59 -37.65 -34.59
N ARG C 43 46.49 -36.83 -35.63
CA ARG C 43 46.02 -35.42 -35.60
C ARG C 43 44.75 -35.26 -34.76
N ARG C 44 43.84 -36.26 -34.72
CA ARG C 44 42.62 -36.36 -33.87
C ARG C 44 42.99 -36.77 -32.43
N VAL C 45 43.74 -35.90 -31.78
CA VAL C 45 43.96 -35.80 -30.31
C VAL C 45 42.97 -34.73 -29.82
N LEU C 46 42.34 -34.03 -30.75
CA LEU C 46 41.33 -32.98 -30.49
C LEU C 46 40.24 -33.61 -29.65
N TRP C 47 39.81 -34.82 -29.97
CA TRP C 47 38.81 -35.57 -29.17
C TRP C 47 39.21 -35.57 -27.69
N ALA C 48 40.48 -35.86 -27.37
CA ALA C 48 41.01 -35.77 -26.00
C ALA C 48 40.70 -34.37 -25.45
N VAL C 49 41.00 -33.31 -26.21
CA VAL C 49 40.69 -31.89 -25.87
C VAL C 49 39.16 -31.74 -25.75
N ALA C 50 38.46 -31.92 -26.87
CA ALA C 50 37.00 -31.80 -27.01
C ALA C 50 36.29 -32.53 -25.87
N PHE C 51 36.76 -33.70 -25.44
CA PHE C 51 36.14 -34.48 -24.34
C PHE C 51 36.50 -33.85 -23.00
N VAL C 52 37.79 -33.67 -22.72
CA VAL C 52 38.29 -33.02 -21.48
C VAL C 52 37.62 -31.64 -21.38
N GLY C 53 37.57 -30.89 -22.48
CA GLY C 53 36.79 -29.64 -22.63
C GLY C 53 35.34 -29.81 -22.18
N SER C 54 34.56 -30.62 -22.91
CA SER C 54 33.17 -30.97 -22.54
C SER C 54 33.08 -31.37 -21.07
N LEU C 55 33.92 -32.29 -20.60
CA LEU C 55 33.91 -32.76 -19.20
C LEU C 55 34.10 -31.54 -18.26
N GLY C 56 35.03 -30.64 -18.58
CA GLY C 56 35.29 -29.42 -17.79
C GLY C 56 34.00 -28.65 -17.53
N LEU C 57 33.37 -28.15 -18.59
CA LEU C 57 32.07 -27.43 -18.55
C LEU C 57 31.05 -28.23 -17.74
N LEU C 58 30.88 -29.52 -18.03
CA LEU C 58 29.89 -30.35 -17.30
C LEU C 58 30.10 -30.16 -15.79
N LEU C 59 31.35 -30.17 -15.36
CA LEU C 59 31.70 -30.07 -13.91
C LEU C 59 31.45 -28.64 -13.44
N VAL C 60 31.93 -27.64 -14.17
CA VAL C 60 31.60 -26.20 -13.91
C VAL C 60 30.09 -26.02 -13.73
N GLU C 61 29.31 -26.35 -14.76
CA GLU C 61 27.86 -26.06 -14.85
C GLU C 61 27.08 -26.93 -13.87
N SER C 62 27.42 -28.20 -13.70
CA SER C 62 26.68 -29.09 -12.76
C SER C 62 26.90 -28.61 -11.31
N SER C 63 28.08 -28.06 -10.99
CA SER C 63 28.38 -27.47 -9.66
C SER C 63 27.40 -26.34 -9.39
N GLU C 64 27.42 -25.34 -10.26
CA GLU C 64 26.51 -24.16 -10.23
C GLU C 64 25.12 -24.67 -9.81
N ARG C 65 24.56 -25.62 -10.56
CA ARG C 65 23.18 -26.13 -10.35
C ARG C 65 23.03 -26.73 -8.94
N VAL C 66 24.01 -27.47 -8.46
CA VAL C 66 23.96 -28.10 -7.10
C VAL C 66 24.14 -27.01 -6.04
N SER C 67 25.22 -26.22 -6.18
CA SER C 67 25.44 -24.97 -5.41
C SER C 67 24.10 -24.23 -5.22
N TYR C 68 23.42 -23.93 -6.33
CA TYR C 68 22.13 -23.19 -6.36
C TYR C 68 21.06 -23.98 -5.61
N TYR C 69 21.00 -25.29 -5.83
CA TYR C 69 19.95 -26.15 -5.24
C TYR C 69 19.99 -25.98 -3.72
N PHE C 70 21.21 -26.01 -3.19
CA PHE C 70 21.52 -26.02 -1.74
C PHE C 70 21.46 -24.59 -1.19
N SER C 71 21.47 -23.58 -2.07
CA SER C 71 21.14 -22.18 -1.74
C SER C 71 19.68 -22.07 -1.29
N TYR C 72 18.87 -23.13 -1.52
CA TYR C 72 17.46 -23.28 -1.02
C TYR C 72 16.70 -21.96 -1.15
N GLN C 73 16.74 -21.38 -2.34
CA GLN C 73 16.00 -20.15 -2.71
C GLN C 73 14.50 -20.40 -2.71
N HIS C 74 13.75 -19.30 -2.76
CA HIS C 74 12.32 -19.27 -3.11
C HIS C 74 12.06 -18.09 -4.05
N VAL C 75 10.83 -17.99 -4.52
CA VAL C 75 10.29 -16.86 -5.31
C VAL C 75 8.87 -16.62 -4.81
N THR C 76 8.22 -15.57 -5.27
CA THR C 76 6.93 -15.14 -4.71
C THR C 76 5.85 -15.22 -5.78
N LYS C 77 4.69 -15.76 -5.38
CA LYS C 77 3.46 -15.94 -6.19
C LYS C 77 2.37 -15.06 -5.57
N VAL C 78 2.03 -13.97 -6.26
CA VAL C 78 0.97 -13.00 -5.85
C VAL C 78 -0.24 -13.19 -6.77
N ASP C 79 -1.33 -13.72 -6.21
CA ASP C 79 -2.66 -13.71 -6.88
C ASP C 79 -3.58 -12.77 -6.11
N GLU C 80 -4.73 -12.48 -6.69
CA GLU C 80 -5.89 -11.81 -6.06
C GLU C 80 -7.12 -12.63 -6.47
N VAL C 81 -7.95 -13.02 -5.51
CA VAL C 81 -9.03 -14.04 -5.70
C VAL C 81 -10.39 -13.42 -5.41
N VAL C 82 -11.27 -13.38 -6.42
CA VAL C 82 -12.71 -13.03 -6.24
C VAL C 82 -13.31 -14.05 -5.27
N ALA C 83 -14.23 -13.60 -4.40
CA ALA C 83 -14.87 -14.43 -3.35
C ALA C 83 -16.36 -14.09 -3.29
N GLN C 84 -17.21 -15.07 -2.93
CA GLN C 84 -18.67 -14.88 -2.73
C GLN C 84 -18.86 -14.25 -1.34
N SER C 85 -17.95 -14.52 -0.43
CA SER C 85 -17.99 -14.03 0.96
C SER C 85 -16.57 -13.96 1.53
N LEU C 86 -16.30 -12.94 2.33
CA LEU C 86 -15.09 -12.85 3.19
C LEU C 86 -15.57 -13.00 4.64
N VAL C 87 -14.74 -13.58 5.50
CA VAL C 87 -14.92 -13.51 6.98
C VAL C 87 -14.52 -12.10 7.41
N PHE C 88 -15.43 -11.41 8.10
CA PHE C 88 -15.15 -10.06 8.68
C PHE C 88 -14.17 -10.19 9.83
N PRO C 89 -13.18 -9.28 9.91
CA PRO C 89 -12.13 -9.42 10.92
C PRO C 89 -12.65 -9.09 12.32
N ALA C 90 -11.75 -9.20 13.31
CA ALA C 90 -11.95 -8.65 14.67
C ALA C 90 -11.55 -7.18 14.65
N VAL C 91 -12.40 -6.31 15.22
CA VAL C 91 -12.07 -4.87 15.45
C VAL C 91 -12.03 -4.65 16.95
N THR C 92 -10.83 -4.41 17.49
CA THR C 92 -10.64 -3.95 18.88
C THR C 92 -10.61 -2.43 18.85
N LEU C 93 -11.33 -1.77 19.76
CA LEU C 93 -11.28 -0.28 19.86
C LEU C 93 -11.27 0.16 21.32
N CYS C 94 -10.51 1.23 21.58
CA CYS C 94 -10.08 1.76 22.90
C CYS C 94 -10.28 3.27 22.91
N ASN C 95 -10.92 3.83 23.95
CA ASN C 95 -10.81 5.28 24.18
C ASN C 95 -9.36 5.56 24.57
N LEU C 96 -8.80 6.69 24.13
CA LEU C 96 -7.45 7.18 24.55
C LEU C 96 -7.40 7.39 26.06
N ASN C 97 -8.56 7.64 26.70
CA ASN C 97 -8.69 7.79 28.16
C ASN C 97 -9.05 6.44 28.79
N GLY C 98 -8.30 6.03 29.82
CA GLY C 98 -8.43 4.71 30.49
C GLY C 98 -9.35 4.74 31.69
N PHE C 99 -9.53 5.91 32.31
CA PHE C 99 -10.25 6.10 33.60
C PHE C 99 -11.12 7.37 33.56
N ARG C 100 -12.43 7.21 33.75
CA ARG C 100 -13.38 8.34 33.85
C ARG C 100 -13.20 9.02 35.20
N PHE C 101 -13.05 10.34 35.21
CA PHE C 101 -12.84 11.16 36.44
C PHE C 101 -14.04 11.02 37.38
N SER C 102 -15.26 11.31 36.89
CA SER C 102 -16.53 11.19 37.64
C SER C 102 -16.50 9.97 38.55
N ARG C 103 -15.99 8.85 38.04
CA ARG C 103 -16.21 7.51 38.64
C ARG C 103 -15.02 7.08 39.48
N LEU C 104 -13.97 7.90 39.57
CA LEU C 104 -12.88 7.69 40.56
C LEU C 104 -13.51 7.78 41.96
N THR C 105 -13.29 6.75 42.79
CA THR C 105 -13.76 6.71 44.20
C THR C 105 -12.59 7.14 45.10
N THR C 106 -12.91 7.37 46.37
CA THR C 106 -11.93 7.83 47.39
C THR C 106 -10.93 6.68 47.59
N ASN C 107 -11.41 5.43 47.73
CA ASN C 107 -10.55 4.22 47.84
C ASN C 107 -9.60 4.15 46.64
N ASP C 108 -10.13 4.33 45.43
CA ASP C 108 -9.35 4.34 44.16
C ASP C 108 -8.25 5.41 44.25
N LEU C 109 -8.65 6.66 44.50
CA LEU C 109 -7.70 7.79 44.58
C LEU C 109 -6.63 7.48 45.64
N TYR C 110 -6.95 6.66 46.65
CA TYR C 110 -5.98 6.26 47.69
C TYR C 110 -4.82 5.51 47.02
N HIS C 111 -5.07 4.33 46.45
CA HIS C 111 -4.04 3.40 45.90
C HIS C 111 -3.53 3.90 44.53
N ALA C 112 -4.45 4.21 43.62
CA ALA C 112 -4.17 4.54 42.19
C ALA C 112 -3.81 6.02 42.05
N GLY C 113 -4.11 6.85 43.06
CA GLY C 113 -3.90 8.31 43.04
C GLY C 113 -2.59 8.71 42.38
N GLU C 114 -1.45 8.21 42.89
CA GLU C 114 -0.09 8.57 42.38
C GLU C 114 0.03 8.08 40.93
N LEU C 115 -0.51 6.89 40.64
CA LEU C 115 -0.45 6.25 39.30
C LEU C 115 -1.11 7.15 38.26
N LEU C 116 -2.32 7.65 38.55
CA LEU C 116 -3.13 8.47 37.61
C LEU C 116 -2.56 9.89 37.55
N ALA C 117 -1.51 10.18 38.31
CA ALA C 117 -0.80 11.48 38.37
C ALA C 117 -1.75 12.58 38.87
N LEU C 118 -2.71 12.20 39.73
CA LEU C 118 -3.66 13.12 40.40
C LEU C 118 -3.08 13.54 41.76
N LEU C 119 -2.09 12.81 42.28
CA LEU C 119 -1.53 13.00 43.64
C LEU C 119 -0.02 12.78 43.64
N ASP C 120 0.71 13.58 44.43
CA ASP C 120 2.17 13.46 44.68
C ASP C 120 2.45 12.20 45.54
N VAL C 121 3.71 11.93 45.87
CA VAL C 121 4.18 10.71 46.60
C VAL C 121 3.38 10.50 47.89
N ASN C 122 3.04 11.60 48.58
CA ASN C 122 2.14 11.63 49.76
C ASN C 122 0.76 11.81 49.12
N LEU C 123 -0.34 11.57 49.80
CA LEU C 123 -1.60 11.43 49.03
C LEU C 123 -2.31 12.78 48.96
N GLN C 124 -1.63 13.85 48.51
CA GLN C 124 -2.28 15.18 48.35
C GLN C 124 -1.99 15.80 46.98
N ILE C 125 -2.93 16.65 46.57
CA ILE C 125 -3.01 17.31 45.23
C ILE C 125 -1.73 18.11 45.03
N PRO C 126 -0.95 17.85 43.95
CA PRO C 126 0.32 18.56 43.72
C PRO C 126 0.28 20.10 43.75
N ASP C 127 -0.32 20.76 42.76
CA ASP C 127 -0.24 22.24 42.61
C ASP C 127 -1.65 22.82 42.59
N PRO C 128 -2.37 22.87 43.73
CA PRO C 128 -3.79 23.24 43.72
C PRO C 128 -4.08 24.61 43.11
N HIS C 129 -3.12 25.54 43.17
CA HIS C 129 -3.26 26.96 42.72
C HIS C 129 -3.36 27.05 41.19
N LEU C 130 -2.85 26.05 40.46
CA LEU C 130 -2.81 26.04 38.96
C LEU C 130 -3.97 25.19 38.40
N ALA C 131 -4.47 24.24 39.19
CA ALA C 131 -5.59 23.33 38.83
C ALA C 131 -6.79 24.16 38.37
N ASP C 132 -7.65 23.58 37.53
CA ASP C 132 -9.02 24.13 37.32
C ASP C 132 -9.63 24.26 38.70
N PRO C 133 -10.31 25.40 39.00
CA PRO C 133 -11.15 25.50 40.19
C PRO C 133 -12.04 24.26 40.40
N SER C 134 -12.87 23.91 39.40
CA SER C 134 -13.87 22.82 39.44
C SER C 134 -13.20 21.45 39.70
N VAL C 135 -12.01 21.23 39.12
CA VAL C 135 -11.23 19.97 39.28
C VAL C 135 -10.77 19.85 40.74
N LEU C 136 -10.13 20.91 41.26
CA LEU C 136 -9.58 20.96 42.63
C LEU C 136 -10.72 20.70 43.63
N GLU C 137 -11.88 21.34 43.43
CA GLU C 137 -13.09 21.15 44.28
C GLU C 137 -13.36 19.65 44.43
N ALA C 138 -13.43 18.93 43.30
CA ALA C 138 -13.84 17.51 43.20
C ALA C 138 -12.76 16.59 43.78
N LEU C 139 -11.47 16.93 43.66
CA LEU C 139 -10.34 16.13 44.22
C LEU C 139 -10.28 16.30 45.74
N ARG C 140 -10.52 17.52 46.24
CA ARG C 140 -10.59 17.81 47.70
C ARG C 140 -11.73 17.00 48.32
N GLN C 141 -12.90 16.98 47.67
CA GLN C 141 -14.10 16.20 48.10
C GLN C 141 -13.72 14.73 48.32
N LYS C 142 -12.83 14.15 47.51
CA LYS C 142 -12.61 12.68 47.45
C LYS C 142 -11.25 12.28 48.02
N ALA C 143 -10.32 13.21 48.24
CA ALA C 143 -8.95 12.90 48.73
C ALA C 143 -8.69 13.44 50.15
N ASN C 144 -9.33 12.84 51.18
CA ASN C 144 -9.06 13.16 52.61
C ASN C 144 -8.45 11.96 53.35
N PHE C 145 -7.13 11.78 53.27
CA PHE C 145 -6.47 10.47 53.52
C PHE C 145 -5.74 10.45 54.86
N LYS C 146 -5.70 11.54 55.63
CA LYS C 146 -4.82 11.58 56.85
C LYS C 146 -5.30 10.54 57.86
N HIS C 147 -6.62 10.31 57.94
CA HIS C 147 -7.26 9.40 58.92
C HIS C 147 -8.15 8.37 58.21
N TYR C 148 -8.01 8.21 56.90
CA TYR C 148 -8.62 7.10 56.12
C TYR C 148 -7.91 5.78 56.43
N LYS C 149 -8.68 4.74 56.80
CA LYS C 149 -8.15 3.36 56.87
C LYS C 149 -8.51 2.68 55.53
N PRO C 150 -7.48 2.30 54.73
CA PRO C 150 -7.68 1.76 53.39
C PRO C 150 -8.55 0.50 53.36
N LYS C 151 -9.10 0.16 52.19
CA LYS C 151 -9.93 -1.04 51.93
C LYS C 151 -9.35 -1.80 50.72
N GLN C 152 -9.82 -3.03 50.50
CA GLN C 152 -9.36 -3.92 49.39
C GLN C 152 -9.47 -3.14 48.07
N PHE C 153 -8.48 -3.32 47.17
CA PHE C 153 -8.38 -2.66 45.84
C PHE C 153 -7.88 -3.66 44.80
N SER C 154 -8.52 -3.72 43.63
CA SER C 154 -8.16 -4.67 42.53
C SER C 154 -8.10 -3.92 41.19
N MET C 155 -6.90 -3.73 40.64
CA MET C 155 -6.65 -2.96 39.38
C MET C 155 -7.64 -3.39 38.28
N LEU C 156 -7.99 -4.68 38.20
CA LEU C 156 -8.93 -5.20 37.18
C LEU C 156 -10.35 -4.72 37.50
N GLU C 157 -10.78 -4.90 38.75
CA GLU C 157 -12.12 -4.46 39.21
C GLU C 157 -12.22 -2.94 39.03
N PHE C 158 -11.17 -2.20 39.39
CA PHE C 158 -11.00 -0.74 39.19
C PHE C 158 -11.26 -0.38 37.73
N LEU C 159 -10.49 -0.98 36.82
CA LEU C 159 -10.50 -0.71 35.36
C LEU C 159 -11.88 -1.05 34.78
N HIS C 160 -12.42 -2.21 35.15
CA HIS C 160 -13.77 -2.69 34.74
C HIS C 160 -14.80 -1.59 35.05
N ARG C 161 -14.67 -0.93 36.21
CA ARG C 161 -15.68 0.03 36.74
C ARG C 161 -15.45 1.45 36.21
N VAL C 162 -14.22 1.95 36.18
CA VAL C 162 -13.93 3.40 35.88
C VAL C 162 -13.70 3.60 34.38
N GLY C 163 -13.09 2.62 33.69
CA GLY C 163 -12.88 2.65 32.25
C GLY C 163 -14.18 2.97 31.52
N HIS C 164 -14.08 3.71 30.42
CA HIS C 164 -15.25 4.17 29.62
C HIS C 164 -16.14 2.96 29.33
N ASP C 165 -17.46 3.17 29.30
CA ASP C 165 -18.45 2.09 29.09
C ASP C 165 -18.92 2.17 27.65
N LEU C 166 -18.91 1.06 26.90
CA LEU C 166 -19.32 1.07 25.47
C LEU C 166 -20.81 1.41 25.39
N LYS C 167 -21.61 0.91 26.34
CA LYS C 167 -23.06 1.20 26.45
C LYS C 167 -23.27 2.71 26.35
N ASP C 168 -22.50 3.48 27.14
CA ASP C 168 -22.48 4.96 27.14
C ASP C 168 -21.92 5.47 25.80
N MET C 169 -20.73 5.00 25.43
CA MET C 169 -19.87 5.54 24.34
C MET C 169 -20.56 5.35 22.97
N MET C 170 -21.29 4.26 22.79
CA MET C 170 -21.78 3.80 21.47
C MET C 170 -23.22 4.27 21.26
N LEU C 171 -23.41 5.25 20.37
CA LEU C 171 -24.72 5.91 20.09
C LEU C 171 -25.50 5.11 19.05
N TYR C 172 -24.85 4.51 18.05
CA TYR C 172 -25.45 3.45 17.21
C TYR C 172 -24.38 2.55 16.60
N CYS C 173 -24.82 1.37 16.19
CA CYS C 173 -24.01 0.30 15.57
C CYS C 173 -24.84 -0.36 14.47
N LYS C 174 -24.36 -0.30 13.23
CA LYS C 174 -24.89 -1.11 12.12
C LYS C 174 -23.79 -2.11 11.72
N PHE C 175 -24.22 -3.29 11.29
CA PHE C 175 -23.38 -4.28 10.56
C PHE C 175 -24.18 -4.85 9.39
N LYS C 176 -23.68 -4.70 8.17
CA LYS C 176 -24.40 -5.07 6.92
C LYS C 176 -25.76 -4.37 6.87
N GLY C 177 -25.87 -3.16 7.43
CA GLY C 177 -27.13 -2.39 7.40
C GLY C 177 -28.07 -2.72 8.56
N GLN C 178 -28.03 -3.94 9.08
CA GLN C 178 -28.85 -4.41 10.24
C GLN C 178 -28.30 -3.81 11.53
N GLU C 179 -29.15 -3.67 12.55
CA GLU C 179 -28.81 -3.09 13.87
C GLU C 179 -27.80 -3.98 14.61
N CYS C 180 -27.04 -3.40 15.53
CA CYS C 180 -26.06 -4.08 16.42
C CYS C 180 -26.18 -3.50 17.83
N GLY C 181 -25.47 -4.09 18.79
CA GLY C 181 -25.52 -3.67 20.21
C GLY C 181 -24.25 -4.06 20.94
N HIS C 182 -24.11 -3.60 22.18
CA HIS C 182 -22.94 -3.90 23.06
C HIS C 182 -22.86 -5.42 23.32
N GLN C 183 -23.89 -6.17 22.94
CA GLN C 183 -23.94 -7.65 23.07
C GLN C 183 -23.25 -8.33 21.86
N ASP C 184 -22.74 -7.55 20.90
CA ASP C 184 -21.92 -8.08 19.77
C ASP C 184 -20.43 -7.80 20.04
N PHE C 185 -20.11 -7.11 21.14
CA PHE C 185 -18.74 -6.75 21.55
C PHE C 185 -18.33 -7.52 22.81
N THR C 186 -17.03 -7.51 23.11
CA THR C 186 -16.40 -8.30 24.20
C THR C 186 -15.34 -7.46 24.90
N THR C 187 -15.42 -7.33 26.22
CA THR C 187 -14.40 -6.65 27.05
C THR C 187 -13.05 -7.33 26.77
N VAL C 188 -12.00 -6.53 26.61
CA VAL C 188 -10.62 -6.98 26.28
C VAL C 188 -9.63 -5.96 26.87
N PHE C 189 -8.85 -6.35 27.88
CA PHE C 189 -7.91 -5.43 28.56
C PHE C 189 -6.63 -5.35 27.74
N THR C 190 -6.05 -4.16 27.67
CA THR C 190 -4.88 -3.81 26.82
C THR C 190 -4.16 -2.63 27.47
N LYS C 191 -2.93 -2.34 27.08
CA LYS C 191 -2.10 -1.26 27.69
C LYS C 191 -2.89 0.05 27.70
N TYR C 192 -4.03 0.13 26.99
CA TYR C 192 -4.88 1.36 26.91
C TYR C 192 -5.99 1.33 27.97
N GLY C 193 -6.24 0.19 28.62
CA GLY C 193 -7.32 0.02 29.61
C GLY C 193 -8.39 -0.94 29.13
N LYS C 194 -9.65 -0.68 29.51
CA LYS C 194 -10.80 -1.57 29.20
C LYS C 194 -11.26 -1.29 27.77
N CYS C 195 -10.92 -2.16 26.82
CA CYS C 195 -11.27 -2.00 25.38
C CYS C 195 -12.33 -3.01 24.96
N TYR C 196 -12.84 -2.85 23.75
CA TYR C 196 -13.98 -3.62 23.22
C TYR C 196 -13.64 -4.18 21.84
N MET C 197 -13.95 -5.47 21.64
CA MET C 197 -13.62 -6.21 20.40
C MET C 197 -14.91 -6.73 19.77
N PHE C 198 -15.18 -6.24 18.57
CA PHE C 198 -16.28 -6.68 17.69
C PHE C 198 -15.88 -7.97 16.97
N ASN C 199 -16.85 -8.84 16.70
CA ASN C 199 -16.70 -10.10 15.92
C ASN C 199 -15.49 -10.89 16.44
N SER C 200 -15.35 -10.99 17.76
CA SER C 200 -14.19 -11.64 18.45
C SER C 200 -14.20 -13.16 18.18
N GLY C 201 -15.40 -13.75 18.07
CA GLY C 201 -15.61 -15.19 17.82
C GLY C 201 -15.71 -15.99 19.12
N GLU C 202 -15.34 -15.40 20.25
CA GLU C 202 -15.44 -16.00 21.61
C GLU C 202 -16.89 -16.48 21.81
N ASP C 203 -17.08 -17.47 22.66
CA ASP C 203 -18.41 -18.13 22.85
C ASP C 203 -18.73 -18.93 21.57
N GLY C 204 -17.72 -19.25 20.74
CA GLY C 204 -17.80 -20.19 19.61
C GLY C 204 -18.89 -19.84 18.60
N LYS C 205 -19.47 -18.64 18.71
CA LYS C 205 -20.52 -18.10 17.81
C LYS C 205 -19.93 -17.96 16.42
N PRO C 206 -20.69 -18.28 15.34
CA PRO C 206 -20.14 -18.32 13.99
C PRO C 206 -19.83 -16.92 13.45
N LEU C 207 -18.61 -16.70 12.94
CA LEU C 207 -18.03 -15.36 12.71
C LEU C 207 -18.90 -14.63 11.69
N LEU C 208 -19.12 -13.33 11.88
CA LEU C 208 -19.83 -12.46 10.91
C LEU C 208 -19.05 -12.46 9.61
N THR C 209 -19.76 -12.38 8.49
CA THR C 209 -19.18 -12.33 7.13
C THR C 209 -19.81 -11.18 6.36
N THR C 210 -19.04 -10.56 5.46
CA THR C 210 -19.51 -9.51 4.51
C THR C 210 -19.78 -10.21 3.18
N VAL C 211 -20.76 -9.70 2.42
CA VAL C 211 -21.17 -10.26 1.10
C VAL C 211 -21.37 -9.13 0.09
N LYS C 212 -21.01 -7.90 0.43
CA LYS C 212 -21.02 -6.75 -0.50
C LYS C 212 -19.95 -5.74 -0.06
N GLY C 213 -19.28 -5.13 -1.03
CA GLY C 213 -18.25 -4.11 -0.77
C GLY C 213 -18.87 -2.86 -0.18
N GLY C 214 -18.07 -1.80 -0.06
CA GLY C 214 -18.54 -0.43 0.18
C GLY C 214 -18.79 -0.12 1.64
N THR C 215 -18.81 1.18 1.94
CA THR C 215 -18.99 1.77 3.29
C THR C 215 -20.26 1.22 3.96
N GLY C 216 -21.32 1.00 3.18
CA GLY C 216 -22.68 0.71 3.67
C GLY C 216 -22.76 -0.59 4.45
N ASN C 217 -22.01 -1.61 4.00
CA ASN C 217 -22.26 -3.03 4.38
C ASN C 217 -21.10 -3.57 5.18
N GLY C 218 -20.43 -2.70 5.95
CA GLY C 218 -19.42 -3.08 6.95
C GLY C 218 -19.95 -2.83 8.34
N LEU C 219 -19.04 -2.81 9.32
CA LEU C 219 -19.24 -2.20 10.65
C LEU C 219 -19.34 -0.69 10.49
N GLU C 220 -20.33 -0.08 11.14
CA GLU C 220 -20.50 1.40 11.21
C GLU C 220 -20.94 1.73 12.64
N ILE C 221 -20.15 2.49 13.37
CA ILE C 221 -20.48 2.85 14.78
C ILE C 221 -20.30 4.35 14.95
N MET C 222 -21.23 5.00 15.66
CA MET C 222 -21.13 6.40 16.13
C MET C 222 -20.74 6.38 17.62
N LEU C 223 -19.68 7.09 17.99
CA LEU C 223 -19.16 7.10 19.37
C LEU C 223 -19.17 8.54 19.91
N ASP C 224 -19.56 8.68 21.17
CA ASP C 224 -19.31 9.84 22.05
C ASP C 224 -18.12 9.42 22.92
N ILE C 225 -16.96 10.07 22.78
CA ILE C 225 -15.72 9.65 23.49
C ILE C 225 -15.71 10.20 24.92
N GLN C 226 -16.73 10.99 25.31
CA GLN C 226 -16.89 11.52 26.69
C GLN C 226 -15.63 12.29 27.10
N GLN C 227 -15.26 13.33 26.35
CA GLN C 227 -13.94 14.03 26.44
C GLN C 227 -13.81 14.76 27.79
N ASP C 228 -14.92 14.94 28.50
CA ASP C 228 -14.97 15.69 29.78
C ASP C 228 -14.97 14.69 30.94
N GLU C 229 -14.67 13.42 30.68
CA GLU C 229 -14.34 12.43 31.74
C GLU C 229 -12.84 12.14 31.71
N TYR C 230 -12.13 12.67 30.71
CA TYR C 230 -10.66 12.48 30.58
C TYR C 230 -10.01 12.97 31.88
N LEU C 231 -9.05 12.21 32.43
CA LEU C 231 -8.24 12.68 33.59
C LEU C 231 -7.73 14.07 33.25
N PRO C 232 -7.84 15.06 34.17
CA PRO C 232 -7.32 16.39 33.93
C PRO C 232 -5.80 16.38 34.10
N ILE C 233 -5.09 17.30 33.45
CA ILE C 233 -3.65 17.54 33.67
C ILE C 233 -3.47 19.06 33.80
N TRP C 234 -2.64 19.48 34.74
CA TRP C 234 -2.49 20.89 35.17
C TRP C 234 -1.09 21.10 35.76
N GLY C 235 -0.64 22.36 35.81
CA GLY C 235 0.56 22.80 36.53
C GLY C 235 1.83 22.23 35.93
N GLU C 236 2.85 22.01 36.76
CA GLU C 236 4.22 21.61 36.31
C GLU C 236 4.27 20.09 36.18
N THR C 237 3.49 19.50 35.25
CA THR C 237 3.43 18.03 34.98
C THR C 237 4.45 17.68 33.90
N GLU C 238 5.00 16.46 33.96
CA GLU C 238 5.92 15.91 32.93
C GLU C 238 5.07 15.14 31.89
N GLU C 239 3.76 15.01 32.11
CA GLU C 239 2.88 14.18 31.24
C GLU C 239 2.36 15.03 30.06
N THR C 240 2.09 14.38 28.92
CA THR C 240 1.77 15.03 27.62
C THR C 240 0.67 14.24 26.90
N THR C 241 -0.29 13.74 27.67
CA THR C 241 -1.56 13.16 27.15
C THR C 241 -2.53 14.30 26.77
N PHE C 242 -2.18 15.07 25.74
CA PHE C 242 -2.96 16.25 25.29
C PHE C 242 -4.05 15.87 24.27
N GLU C 243 -4.14 14.59 23.90
CA GLU C 243 -4.83 14.17 22.66
C GLU C 243 -6.15 13.48 23.01
N ALA C 244 -7.15 13.51 22.12
CA ALA C 244 -8.49 12.91 22.33
C ALA C 244 -8.97 12.19 21.05
N GLY C 245 -9.63 11.05 21.24
CA GLY C 245 -10.11 10.15 20.16
C GLY C 245 -10.05 8.70 20.61
N VAL C 246 -10.05 7.76 19.65
CA VAL C 246 -9.91 6.30 19.91
C VAL C 246 -8.70 5.76 19.14
N LYS C 247 -8.12 4.68 19.64
CA LYS C 247 -7.23 3.77 18.88
C LYS C 247 -8.06 2.54 18.50
N VAL C 248 -7.68 1.89 17.40
CA VAL C 248 -8.40 0.77 16.73
C VAL C 248 -7.35 -0.13 16.09
N GLN C 249 -7.41 -1.44 16.34
CA GLN C 249 -6.70 -2.46 15.54
C GLN C 249 -7.74 -3.30 14.79
N ILE C 250 -7.61 -3.41 13.47
CA ILE C 250 -8.31 -4.46 12.69
C ILE C 250 -7.34 -5.64 12.61
N HIS C 251 -7.80 -6.85 12.98
CA HIS C 251 -6.93 -8.01 13.28
C HIS C 251 -7.72 -9.33 13.19
N SER C 252 -7.01 -10.40 12.79
CA SER C 252 -7.60 -11.75 12.59
C SER C 252 -7.99 -12.30 13.96
N GLN C 253 -9.10 -13.04 14.04
CA GLN C 253 -9.70 -13.49 15.33
C GLN C 253 -8.74 -14.44 16.07
N SER C 254 -7.74 -15.01 15.38
CA SER C 254 -6.75 -15.97 15.93
C SER C 254 -5.61 -15.24 16.64
N GLU C 255 -5.55 -13.93 16.51
CA GLU C 255 -4.46 -13.05 17.00
C GLU C 255 -5.03 -12.18 18.11
N PRO C 256 -4.32 -11.96 19.24
CA PRO C 256 -4.72 -10.93 20.19
C PRO C 256 -4.37 -9.54 19.69
N PRO C 257 -5.13 -8.51 20.13
CA PRO C 257 -4.80 -7.13 19.80
C PRO C 257 -3.52 -6.74 20.53
N PHE C 258 -2.68 -5.94 19.86
CA PHE C 258 -1.44 -5.31 20.40
C PHE C 258 -1.50 -3.82 20.03
N ILE C 259 -2.61 -3.18 20.45
CA ILE C 259 -3.03 -1.80 20.06
C ILE C 259 -1.95 -0.78 20.48
N GLN C 260 -1.22 -1.05 21.55
CA GLN C 260 0.00 -0.29 21.95
C GLN C 260 0.85 0.03 20.71
N GLU C 261 1.00 -0.90 19.75
CA GLU C 261 1.94 -0.76 18.60
C GLU C 261 1.20 -0.68 17.26
N LEU C 262 0.21 -1.54 17.05
CA LEU C 262 -0.40 -1.77 15.71
C LEU C 262 -1.66 -0.93 15.50
N GLY C 263 -2.18 -0.31 16.56
CA GLY C 263 -3.42 0.48 16.48
C GLY C 263 -3.25 1.72 15.61
N PHE C 264 -4.34 2.17 15.00
CA PHE C 264 -4.43 3.46 14.27
C PHE C 264 -5.41 4.37 15.00
N GLY C 265 -5.12 5.67 15.00
CA GLY C 265 -5.99 6.71 15.57
C GLY C 265 -7.21 7.00 14.70
N VAL C 266 -8.37 7.20 15.35
CA VAL C 266 -9.54 7.90 14.76
C VAL C 266 -9.82 9.16 15.58
N ALA C 267 -10.16 10.25 14.89
CA ALA C 267 -10.43 11.58 15.50
C ALA C 267 -11.93 11.83 15.59
N PRO C 268 -12.36 12.61 16.61
CA PRO C 268 -13.74 13.07 16.69
C PRO C 268 -14.01 14.14 15.63
N GLY C 269 -15.27 14.27 15.25
CA GLY C 269 -15.77 15.30 14.31
C GLY C 269 -15.58 14.88 12.86
N PHE C 270 -15.30 13.58 12.63
CA PHE C 270 -15.23 12.95 11.29
C PHE C 270 -15.80 11.53 11.32
N GLN C 271 -16.55 11.22 10.27
CA GLN C 271 -16.76 9.84 9.78
C GLN C 271 -15.46 9.42 9.08
N THR C 272 -14.72 8.51 9.72
CA THR C 272 -13.48 7.89 9.23
C THR C 272 -13.83 6.59 8.53
N PHE C 273 -13.49 6.44 7.25
CA PHE C 273 -13.71 5.21 6.45
C PHE C 273 -12.40 4.39 6.40
N VAL C 274 -12.47 3.15 6.85
CA VAL C 274 -11.33 2.18 6.78
C VAL C 274 -11.65 1.10 5.73
N ALA C 275 -11.26 1.35 4.47
CA ALA C 275 -11.40 0.42 3.34
C ALA C 275 -10.33 -0.64 3.44
N THR C 276 -10.72 -1.91 3.52
CA THR C 276 -9.84 -3.02 3.97
C THR C 276 -9.77 -4.10 2.87
N GLN C 277 -8.64 -4.81 2.80
CA GLN C 277 -8.48 -6.02 1.96
C GLN C 277 -7.86 -7.13 2.80
N GLU C 278 -8.40 -8.34 2.70
CA GLU C 278 -7.82 -9.58 3.29
C GLU C 278 -6.54 -9.91 2.54
N GLN C 279 -5.42 -10.07 3.27
CA GLN C 279 -4.13 -10.59 2.74
C GLN C 279 -3.90 -11.97 3.35
N ARG C 280 -3.53 -12.96 2.53
CA ARG C 280 -3.30 -14.35 2.98
C ARG C 280 -1.85 -14.70 2.70
N LEU C 281 -0.98 -14.43 3.66
CA LEU C 281 0.46 -14.72 3.57
C LEU C 281 0.70 -16.19 3.87
N THR C 282 1.55 -16.82 3.06
CA THR C 282 2.09 -18.19 3.24
C THR C 282 3.62 -18.10 3.16
N TYR C 283 4.33 -18.43 4.24
CA TYR C 283 5.82 -18.37 4.30
C TYR C 283 6.36 -19.80 4.32
N LEU C 284 7.63 -19.95 3.94
CA LEU C 284 8.29 -21.28 3.90
C LEU C 284 9.10 -21.46 5.16
N PRO C 285 9.20 -22.70 5.68
CA PRO C 285 10.08 -23.01 6.81
C PRO C 285 11.54 -23.00 6.38
N PRO C 286 12.51 -23.02 7.32
CA PRO C 286 13.89 -23.36 6.98
C PRO C 286 13.89 -24.75 6.35
N PRO C 287 14.82 -25.02 5.41
CA PRO C 287 15.94 -24.12 5.11
C PRO C 287 15.69 -22.94 4.15
N TRP C 288 14.49 -22.84 3.57
CA TRP C 288 14.17 -21.82 2.53
C TRP C 288 13.94 -20.45 3.16
N GLY C 289 13.02 -20.39 4.12
CA GLY C 289 12.60 -19.18 4.83
C GLY C 289 12.61 -19.40 6.34
N GLU C 290 12.22 -18.38 7.11
CA GLU C 290 12.22 -18.39 8.59
C GLU C 290 10.78 -18.34 9.14
N CYS C 291 10.01 -19.42 8.97
CA CYS C 291 8.67 -19.57 9.65
C CYS C 291 8.61 -20.85 10.47
N ARG C 292 7.82 -20.85 11.54
CA ARG C 292 7.53 -22.05 12.39
C ARG C 292 6.29 -21.73 13.24
N ASP C 299 2.13 -21.01 24.74
CA ASP C 299 1.68 -21.87 25.87
C ASP C 299 0.53 -21.18 26.63
N PHE C 300 0.65 -19.88 26.93
CA PHE C 300 -0.45 -19.04 27.44
C PHE C 300 -1.59 -18.87 26.42
N PHE C 301 -1.36 -19.25 25.16
CA PHE C 301 -2.27 -19.07 24.00
C PHE C 301 -2.39 -20.38 23.22
N PRO C 302 -3.59 -20.80 22.77
CA PRO C 302 -3.73 -22.01 21.97
C PRO C 302 -3.02 -21.86 20.61
N VAL C 303 -3.23 -20.74 19.90
CA VAL C 303 -2.68 -20.46 18.54
C VAL C 303 -1.45 -19.55 18.69
N TYR C 304 -0.40 -19.77 17.89
CA TYR C 304 0.81 -18.88 17.84
C TYR C 304 0.55 -17.70 16.91
N SER C 305 1.05 -16.54 17.32
CA SER C 305 0.99 -15.23 16.65
C SER C 305 2.30 -14.52 16.96
N ILE C 306 2.76 -13.55 16.16
CA ILE C 306 3.87 -12.69 16.62
C ILE C 306 3.35 -11.90 17.84
N THR C 307 2.19 -11.25 17.75
CA THR C 307 1.61 -10.50 18.92
C THR C 307 1.55 -11.48 20.10
N ALA C 308 0.95 -12.67 19.91
CA ALA C 308 0.76 -13.71 20.96
C ALA C 308 2.08 -13.98 21.70
N CYS C 309 3.16 -14.29 20.98
CA CYS C 309 4.47 -14.58 21.59
C CYS C 309 4.97 -13.34 22.34
N ARG C 310 4.83 -12.16 21.73
CA ARG C 310 5.42 -10.91 22.28
C ARG C 310 4.72 -10.56 23.60
N ILE C 311 3.43 -10.90 23.75
CA ILE C 311 2.70 -10.83 25.04
C ILE C 311 3.29 -11.88 25.99
N ASP C 312 3.21 -13.16 25.61
CA ASP C 312 3.74 -14.31 26.38
C ASP C 312 5.13 -13.95 26.93
N CYS C 313 5.97 -13.37 26.08
CA CYS C 313 7.36 -12.96 26.39
C CYS C 313 7.39 -11.89 27.48
N GLU C 314 6.69 -10.77 27.26
CA GLU C 314 6.55 -9.65 28.24
C GLU C 314 6.07 -10.22 29.59
N THR C 315 4.98 -11.01 29.59
CA THR C 315 4.37 -11.62 30.80
C THR C 315 5.40 -12.43 31.58
N ARG C 316 6.11 -13.34 30.90
CA ARG C 316 7.10 -14.24 31.55
C ARG C 316 8.19 -13.41 32.23
N TYR C 317 8.72 -12.37 31.57
CA TYR C 317 9.80 -11.52 32.12
C TYR C 317 9.33 -10.69 33.33
N ILE C 318 8.05 -10.26 33.36
CA ILE C 318 7.49 -9.45 34.49
C ILE C 318 7.15 -10.41 35.66
N VAL C 319 6.49 -11.53 35.41
CA VAL C 319 6.12 -12.51 36.48
C VAL C 319 7.41 -13.01 37.14
N GLU C 320 8.50 -13.17 36.38
CA GLU C 320 9.85 -13.48 36.92
C GLU C 320 10.30 -12.28 37.76
N ASN C 321 10.75 -11.20 37.13
CA ASN C 321 11.46 -10.08 37.81
C ASN C 321 10.53 -9.23 38.69
N CYS C 322 9.21 -9.48 38.74
CA CYS C 322 8.24 -8.62 39.50
C CYS C 322 7.13 -9.41 40.22
N ASN C 323 6.99 -10.72 40.03
CA ASN C 323 6.12 -11.61 40.86
C ASN C 323 4.64 -11.24 40.72
N CYS C 324 4.31 -10.21 39.94
CA CYS C 324 2.93 -9.84 39.54
C CYS C 324 2.82 -9.99 38.02
N ARG C 325 1.61 -9.85 37.47
CA ARG C 325 1.34 -9.56 36.05
C ARG C 325 0.48 -8.31 35.98
N MET C 326 0.54 -7.56 34.88
CA MET C 326 -0.34 -6.38 34.65
C MET C 326 -1.70 -6.90 34.14
N VAL C 327 -2.63 -6.00 33.84
CA VAL C 327 -4.06 -6.37 33.67
C VAL C 327 -4.26 -7.03 32.29
N HIS C 328 -3.55 -6.54 31.27
CA HIS C 328 -3.71 -6.95 29.85
C HIS C 328 -3.02 -8.30 29.59
N MET C 329 -2.06 -8.67 30.44
CA MET C 329 -1.29 -9.94 30.35
C MET C 329 -2.19 -11.11 30.72
N PRO C 330 -1.95 -12.32 30.18
CA PRO C 330 -2.59 -13.54 30.69
C PRO C 330 -1.63 -14.21 31.68
N GLY C 331 -1.97 -15.44 32.12
CA GLY C 331 -1.30 -16.13 33.23
C GLY C 331 -2.28 -16.39 34.35
N ASP C 332 -1.83 -17.04 35.42
CA ASP C 332 -2.59 -17.21 36.69
C ASP C 332 -1.86 -16.42 37.78
N ALA C 333 -0.86 -15.62 37.40
CA ALA C 333 -0.05 -14.76 38.29
C ALA C 333 -0.95 -13.78 39.03
N PRO C 334 -0.45 -13.06 40.05
CA PRO C 334 -1.26 -12.07 40.77
C PRO C 334 -1.16 -10.70 40.08
N PHE C 335 -2.26 -9.96 40.03
CA PHE C 335 -2.33 -8.62 39.36
C PHE C 335 -1.41 -7.62 40.05
N CYS C 336 -0.63 -6.88 39.27
CA CYS C 336 0.38 -5.89 39.75
C CYS C 336 -0.32 -4.68 40.40
N THR C 337 -0.12 -4.51 41.71
CA THR C 337 -0.67 -3.39 42.53
C THR C 337 0.11 -2.11 42.20
N PRO C 338 -0.50 -0.92 42.39
CA PRO C 338 0.14 0.35 42.06
C PRO C 338 1.49 0.54 42.77
N GLU C 339 1.60 0.02 44.00
CA GLU C 339 2.88 -0.15 44.72
C GLU C 339 3.88 -0.78 43.74
N GLN C 340 3.53 -1.96 43.22
CA GLN C 340 4.42 -2.81 42.37
C GLN C 340 4.64 -2.10 41.03
N HIS C 341 3.56 -1.76 40.33
CA HIS C 341 3.53 -1.00 39.04
C HIS C 341 4.58 0.12 39.02
N LYS C 342 4.61 0.97 40.06
CA LYS C 342 5.54 2.13 40.21
C LYS C 342 6.97 1.62 40.31
N GLU C 343 7.26 0.89 41.40
CA GLU C 343 8.61 0.60 41.93
C GLU C 343 9.26 -0.58 41.20
N CYS C 344 8.48 -1.40 40.50
CA CYS C 344 8.91 -2.71 39.92
C CYS C 344 8.71 -2.72 38.41
N ALA C 345 7.46 -2.88 37.95
CA ALA C 345 7.10 -3.34 36.60
C ALA C 345 7.35 -2.26 35.55
N GLU C 346 7.19 -0.97 35.87
CA GLU C 346 7.36 0.14 34.90
C GLU C 346 8.82 0.26 34.50
N PRO C 347 9.79 0.35 35.46
CA PRO C 347 11.20 0.37 35.11
C PRO C 347 11.67 -0.98 34.51
N ALA C 348 11.00 -2.08 34.86
CA ALA C 348 11.26 -3.45 34.34
C ALA C 348 11.09 -3.47 32.82
N LEU C 349 10.02 -2.84 32.31
CA LEU C 349 9.77 -2.65 30.85
C LEU C 349 10.77 -1.62 30.30
N GLY C 350 11.04 -0.55 31.06
CA GLY C 350 12.10 0.44 30.74
C GLY C 350 13.43 -0.25 30.48
N LEU C 351 13.70 -1.33 31.23
CA LEU C 351 14.93 -2.16 31.11
C LEU C 351 14.78 -3.18 29.97
N LEU C 352 13.58 -3.73 29.74
CA LEU C 352 13.34 -4.91 28.87
C LEU C 352 13.81 -4.61 27.44
N ALA C 353 13.24 -3.58 26.82
CA ALA C 353 13.44 -3.31 25.38
C ALA C 353 14.88 -2.79 25.21
N GLU C 354 15.32 -1.97 26.17
CA GLU C 354 16.56 -1.15 26.13
C GLU C 354 17.80 -2.05 26.26
N LEU C 361 13.56 -12.79 19.89
CA LEU C 361 13.47 -13.41 18.54
C LEU C 361 12.11 -14.10 18.40
N CYS C 362 11.10 -13.44 17.85
CA CYS C 362 9.79 -14.08 17.58
C CYS C 362 9.44 -14.00 16.10
N ARG C 363 9.57 -15.16 15.42
CA ARG C 363 9.56 -15.29 13.95
C ARG C 363 8.13 -15.48 13.46
N THR C 364 7.93 -15.48 12.14
CA THR C 364 6.61 -15.40 11.47
C THR C 364 5.90 -16.74 11.54
N PRO C 365 4.57 -16.76 11.77
CA PRO C 365 3.78 -17.96 11.52
C PRO C 365 3.81 -18.29 10.02
N CYS C 366 3.40 -19.51 9.65
CA CYS C 366 3.51 -20.04 8.25
C CYS C 366 2.31 -19.58 7.43
N ASN C 367 1.10 -20.02 7.78
CA ASN C 367 -0.18 -19.37 7.38
C ASN C 367 -0.38 -18.13 8.27
N LEU C 368 -0.91 -17.04 7.73
CA LEU C 368 -1.46 -15.91 8.53
C LEU C 368 -2.28 -14.98 7.62
N THR C 369 -3.15 -14.17 8.23
CA THR C 369 -4.07 -13.24 7.54
C THR C 369 -3.79 -11.81 8.04
N ARG C 370 -3.47 -10.89 7.12
CA ARG C 370 -3.29 -9.44 7.42
C ARG C 370 -4.47 -8.67 6.83
N TYR C 371 -4.66 -7.43 7.27
CA TYR C 371 -5.76 -6.56 6.79
C TYR C 371 -5.15 -5.22 6.39
N ASN C 372 -5.27 -4.85 5.12
CA ASN C 372 -4.69 -3.59 4.57
C ASN C 372 -5.77 -2.50 4.58
N LYS C 373 -5.47 -1.38 5.22
CA LYS C 373 -6.41 -0.26 5.49
C LYS C 373 -6.03 0.92 4.61
N GLU C 374 -7.02 1.48 3.88
CA GLU C 374 -7.00 2.85 3.33
C GLU C 374 -7.95 3.72 4.15
N LEU C 375 -7.50 4.86 4.67
CA LEU C 375 -8.33 5.79 5.49
C LEU C 375 -8.70 7.04 4.70
N SER C 376 -9.98 7.40 4.67
CA SER C 376 -10.53 8.68 4.17
C SER C 376 -11.53 9.20 5.19
N MET C 377 -11.96 10.46 5.05
CA MET C 377 -12.81 11.13 6.07
C MET C 377 -13.80 12.09 5.42
N VAL C 378 -14.96 12.26 6.07
CA VAL C 378 -15.92 13.37 5.79
C VAL C 378 -16.34 13.99 7.13
N LYS C 379 -16.90 15.21 7.10
CA LYS C 379 -17.14 15.98 8.35
C LYS C 379 -18.47 15.51 8.96
N ILE C 380 -18.48 15.43 10.29
CA ILE C 380 -19.71 15.23 11.11
C ILE C 380 -19.64 16.18 12.30
N PRO C 381 -20.74 16.89 12.62
CA PRO C 381 -21.99 16.78 11.87
C PRO C 381 -22.09 17.82 10.75
N SER C 382 -22.96 17.52 9.76
CA SER C 382 -23.40 18.46 8.71
C SER C 382 -24.18 19.57 9.38
N LYS C 383 -24.39 20.70 8.70
CA LYS C 383 -25.20 21.82 9.22
C LYS C 383 -26.59 21.27 9.55
N THR C 384 -27.20 20.59 8.58
CA THR C 384 -28.65 20.27 8.56
C THR C 384 -28.97 19.12 9.53
N SER C 385 -27.96 18.51 10.16
CA SER C 385 -28.14 17.43 11.17
C SER C 385 -27.59 17.86 12.53
N ALA C 386 -26.79 18.93 12.61
CA ALA C 386 -26.14 19.40 13.86
C ALA C 386 -27.19 19.52 14.96
N LYS C 387 -28.30 20.21 14.63
CA LYS C 387 -29.39 20.53 15.58
C LYS C 387 -30.03 19.22 16.01
N TYR C 388 -30.46 18.40 15.05
CA TYR C 388 -31.03 17.05 15.30
C TYR C 388 -30.20 16.30 16.36
N LEU C 389 -28.88 16.24 16.17
CA LEU C 389 -27.98 15.45 17.04
C LEU C 389 -27.95 16.08 18.43
N GLU C 390 -27.86 17.41 18.52
CA GLU C 390 -27.85 18.16 19.81
C GLU C 390 -29.10 17.75 20.59
N LYS C 391 -30.27 17.80 19.94
CA LYS C 391 -31.59 17.38 20.50
C LYS C 391 -31.51 15.91 20.92
N LYS C 392 -31.41 15.00 19.96
CA LYS C 392 -31.54 13.53 20.19
C LYS C 392 -30.71 13.13 21.43
N PHE C 393 -29.51 13.69 21.62
CA PHE C 393 -28.52 13.22 22.63
C PHE C 393 -28.45 14.17 23.82
N ASN C 394 -29.23 15.26 23.81
CA ASN C 394 -29.21 16.28 24.91
C ASN C 394 -27.74 16.68 25.12
N LYS C 395 -27.12 17.30 24.10
CA LYS C 395 -25.70 17.77 24.16
C LYS C 395 -25.56 19.12 23.44
N SER C 396 -24.55 19.90 23.85
CA SER C 396 -24.18 21.23 23.29
C SER C 396 -23.74 21.09 21.84
N GLU C 397 -23.90 22.12 21.01
CA GLU C 397 -23.29 22.20 19.65
C GLU C 397 -21.80 21.86 19.76
N LYS C 398 -21.11 22.44 20.75
CA LYS C 398 -19.67 22.26 21.00
C LYS C 398 -19.40 20.78 21.26
N TYR C 399 -20.04 20.20 22.29
CA TYR C 399 -19.84 18.81 22.76
C TYR C 399 -19.85 17.84 21.57
N ILE C 400 -20.97 17.84 20.82
CA ILE C 400 -21.18 17.01 19.61
C ILE C 400 -19.92 17.12 18.74
N SER C 401 -19.47 18.34 18.46
CA SER C 401 -18.40 18.64 17.47
C SER C 401 -17.01 18.26 18.02
N GLU C 402 -16.86 18.00 19.32
CA GLU C 402 -15.54 17.66 19.95
C GLU C 402 -15.58 16.28 20.61
N ASN C 403 -16.66 15.51 20.42
CA ASN C 403 -16.89 14.23 21.15
C ASN C 403 -17.41 13.12 20.23
N ILE C 404 -18.21 13.45 19.21
CA ILE C 404 -18.86 12.46 18.30
C ILE C 404 -17.95 12.16 17.11
N LEU C 405 -17.84 10.88 16.75
CA LEU C 405 -17.23 10.38 15.49
C LEU C 405 -18.07 9.23 14.97
N VAL C 406 -17.99 8.96 13.66
CA VAL C 406 -18.51 7.72 13.03
C VAL C 406 -17.32 6.96 12.43
N LEU C 407 -17.30 5.63 12.60
CA LEU C 407 -16.19 4.74 12.18
C LEU C 407 -16.76 3.63 11.28
N ASP C 408 -16.36 3.59 10.01
CA ASP C 408 -16.71 2.50 9.06
C ASP C 408 -15.48 1.64 8.77
N ILE C 409 -15.51 0.41 9.24
CA ILE C 409 -14.62 -0.68 8.74
C ILE C 409 -15.45 -1.49 7.74
N PHE C 410 -14.86 -1.83 6.62
CA PHE C 410 -15.55 -2.52 5.50
C PHE C 410 -14.53 -2.95 4.45
N PHE C 411 -14.90 -3.96 3.67
CA PHE C 411 -14.06 -4.49 2.56
C PHE C 411 -14.35 -3.67 1.30
N GLU C 412 -13.29 -3.27 0.57
CA GLU C 412 -13.37 -2.41 -0.63
C GLU C 412 -14.19 -3.14 -1.70
N ALA C 413 -13.91 -4.43 -1.90
CA ALA C 413 -14.65 -5.34 -2.78
C ALA C 413 -14.37 -6.77 -2.33
N LEU C 414 -15.19 -7.71 -2.78
CA LEU C 414 -15.13 -9.12 -2.34
C LEU C 414 -13.96 -9.81 -3.03
N ASN C 415 -12.80 -9.75 -2.39
CA ASN C 415 -11.61 -10.53 -2.79
C ASN C 415 -10.58 -10.49 -1.67
N TYR C 416 -9.73 -11.51 -1.62
CA TYR C 416 -8.49 -11.53 -0.81
C TYR C 416 -7.30 -11.53 -1.77
N GLU C 417 -6.17 -10.97 -1.33
CA GLU C 417 -4.85 -11.08 -1.97
C GLU C 417 -4.14 -12.26 -1.32
N THR C 418 -3.54 -13.16 -2.11
CA THR C 418 -2.64 -14.22 -1.64
C THR C 418 -1.20 -13.81 -1.99
N ILE C 419 -0.32 -13.84 -1.00
CA ILE C 419 1.15 -13.75 -1.17
C ILE C 419 1.75 -15.04 -0.62
N GLU C 420 2.25 -15.90 -1.50
CA GLU C 420 2.86 -17.21 -1.15
C GLU C 420 4.34 -17.18 -1.52
N GLN C 421 5.18 -17.70 -0.63
CA GLN C 421 6.58 -18.10 -0.93
C GLN C 421 6.53 -19.51 -1.53
N LYS C 422 7.05 -19.64 -2.75
CA LYS C 422 7.14 -20.92 -3.52
C LYS C 422 8.60 -21.35 -3.58
N LYS C 423 8.89 -22.61 -3.24
CA LYS C 423 10.26 -23.20 -3.35
C LYS C 423 10.75 -23.01 -4.78
N ALA C 424 12.00 -22.60 -4.96
CA ALA C 424 12.53 -22.10 -6.25
C ALA C 424 12.96 -23.25 -7.16
N TYR C 425 13.59 -24.28 -6.59
CA TYR C 425 14.32 -25.35 -7.30
C TYR C 425 14.20 -26.62 -6.47
N GLU C 426 13.28 -27.51 -6.86
CA GLU C 426 13.02 -28.78 -6.16
C GLU C 426 13.96 -29.83 -6.74
N VAL C 427 14.13 -30.96 -6.07
CA VAL C 427 15.19 -31.96 -6.38
C VAL C 427 14.96 -32.55 -7.79
N ALA C 428 13.70 -32.80 -8.16
CA ALA C 428 13.31 -33.36 -9.47
C ALA C 428 13.89 -32.49 -10.60
N ALA C 429 13.86 -31.17 -10.44
CA ALA C 429 14.32 -30.19 -11.46
C ALA C 429 15.84 -30.15 -11.47
N LEU C 430 16.51 -30.37 -10.34
CA LEU C 430 17.99 -30.46 -10.25
C LEU C 430 18.46 -31.63 -11.11
N LEU C 431 17.78 -32.76 -10.99
CA LEU C 431 18.12 -34.02 -11.72
C LEU C 431 18.00 -33.74 -13.23
N GLY C 432 16.83 -33.30 -13.66
CA GLY C 432 16.59 -32.90 -15.05
C GLY C 432 17.65 -31.95 -15.60
N ASP C 433 18.33 -31.19 -14.75
CA ASP C 433 19.31 -30.16 -15.22
C ASP C 433 20.68 -30.83 -15.25
N ILE C 434 21.12 -31.48 -14.18
CA ILE C 434 22.42 -32.23 -14.20
C ILE C 434 22.31 -33.37 -15.22
N GLY C 435 21.11 -33.94 -15.37
CA GLY C 435 20.86 -35.01 -16.35
C GLY C 435 21.10 -34.53 -17.75
N GLY C 436 20.47 -33.41 -18.13
CA GLY C 436 20.57 -32.84 -19.48
C GLY C 436 21.95 -32.26 -19.74
N GLN C 437 22.63 -31.78 -18.69
CA GLN C 437 24.00 -31.24 -18.81
C GLN C 437 24.93 -32.39 -19.18
N MET C 438 24.81 -33.54 -18.50
CA MET C 438 25.56 -34.78 -18.80
C MET C 438 25.29 -35.19 -20.24
N GLY C 439 24.02 -35.37 -20.60
CA GLY C 439 23.58 -35.63 -21.99
C GLY C 439 24.31 -34.74 -23.00
N LEU C 440 24.43 -33.45 -22.70
CA LEU C 440 24.92 -32.42 -23.66
C LEU C 440 26.42 -32.59 -23.91
N PHE C 441 27.21 -32.80 -22.87
CA PHE C 441 28.70 -32.67 -22.90
C PHE C 441 29.38 -34.04 -23.08
N ILE C 442 28.76 -35.11 -22.62
CA ILE C 442 29.42 -36.45 -22.50
C ILE C 442 28.49 -37.53 -23.10
N GLY C 443 27.17 -37.37 -22.97
CA GLY C 443 26.17 -38.42 -23.26
C GLY C 443 26.06 -39.43 -22.12
N ALA C 444 26.62 -39.11 -20.95
CA ALA C 444 26.70 -40.00 -19.77
C ALA C 444 25.33 -40.11 -19.10
N SER C 445 25.08 -41.27 -18.50
CA SER C 445 24.03 -41.53 -17.49
C SER C 445 24.70 -41.85 -16.15
N ILE C 446 23.91 -42.08 -15.11
CA ILE C 446 24.34 -42.74 -13.84
C ILE C 446 25.04 -44.04 -14.25
N LEU C 447 24.33 -44.86 -15.05
CA LEU C 447 24.76 -46.22 -15.45
C LEU C 447 26.09 -46.12 -16.21
N THR C 448 26.21 -45.21 -17.17
CA THR C 448 27.48 -44.88 -17.89
C THR C 448 28.65 -44.79 -16.90
N ILE C 449 28.47 -44.07 -15.78
CA ILE C 449 29.55 -43.91 -14.76
C ILE C 449 29.75 -45.24 -14.03
N LEU C 450 28.68 -45.86 -13.55
CA LEU C 450 28.72 -47.22 -12.96
C LEU C 450 29.51 -48.15 -13.88
N GLU C 451 29.14 -48.18 -15.17
CA GLU C 451 29.77 -48.98 -16.25
C GLU C 451 31.29 -48.80 -16.22
N LEU C 452 31.75 -47.55 -16.15
CA LEU C 452 33.18 -47.16 -16.02
C LEU C 452 33.76 -47.66 -14.70
N PHE C 453 33.06 -47.54 -13.58
CA PHE C 453 33.59 -47.93 -12.23
C PHE C 453 33.71 -49.45 -12.18
N ASP C 454 32.67 -50.17 -12.62
CA ASP C 454 32.71 -51.64 -12.86
C ASP C 454 34.02 -52.00 -13.57
N TYR C 455 34.35 -51.29 -14.65
CA TYR C 455 35.48 -51.61 -15.55
C TYR C 455 36.84 -51.31 -14.90
N ILE C 456 36.89 -50.39 -13.92
CA ILE C 456 38.14 -49.99 -13.20
C ILE C 456 38.35 -50.93 -12.00
N TYR C 457 37.26 -51.33 -11.34
CA TYR C 457 37.23 -52.36 -10.28
C TYR C 457 37.68 -53.70 -10.84
N GLU C 458 37.38 -53.95 -12.13
CA GLU C 458 37.79 -55.18 -12.84
C GLU C 458 39.29 -55.10 -13.17
N LEU C 459 39.83 -53.92 -13.44
CA LEU C 459 41.29 -53.73 -13.62
C LEU C 459 42.01 -53.83 -12.26
N ILE C 460 41.29 -54.07 -11.16
CA ILE C 460 41.88 -54.29 -9.81
C ILE C 460 40.98 -55.25 -9.02
#